data_2L08
#
_entry.id   2L08
#
_entity_poly.entity_id   1
_entity_poly.type   'polypeptide(L)'
_entity_poly.pdbx_seq_one_letter_code
;MGHHHHHHSHMVVIRRLPPGLTKEQLEEQLRPLPAHDYFEFFAADLSLYPHLYSRAYINFRNPDDILLFRDRFDGYIFLD
SKGLEYPAVVEFAPFQK
;
_entity_poly.pdbx_strand_id   A
#
# COMPACT_ATOMS: atom_id res chain seq x y z
N MET A 1 35.33 -11.02 3.92
CA MET A 1 34.15 -10.53 3.18
C MET A 1 32.89 -11.35 3.51
N GLY A 2 31.78 -10.66 3.73
CA GLY A 2 30.52 -11.34 4.03
C GLY A 2 29.35 -10.36 4.15
N HIS A 3 28.37 -10.69 4.99
CA HIS A 3 27.24 -9.80 5.24
C HIS A 3 26.83 -9.80 6.71
N HIS A 4 26.23 -8.70 7.16
CA HIS A 4 25.84 -8.51 8.56
C HIS A 4 24.60 -9.33 8.94
N HIS A 5 23.95 -9.93 7.95
CA HIS A 5 22.73 -10.74 8.18
C HIS A 5 21.58 -9.89 8.73
N HIS A 6 20.78 -9.33 7.82
CA HIS A 6 19.63 -8.50 8.20
C HIS A 6 18.33 -9.33 8.19
N HIS A 7 17.39 -8.96 9.07
CA HIS A 7 16.10 -9.67 9.15
C HIS A 7 15.36 -9.66 7.78
N HIS A 8 14.54 -10.69 7.56
CA HIS A 8 13.92 -10.93 6.25
C HIS A 8 12.80 -9.93 5.92
N SER A 9 12.87 -9.36 4.72
CA SER A 9 11.85 -8.42 4.24
C SER A 9 10.69 -9.15 3.56
N HIS A 10 9.53 -9.19 4.23
CA HIS A 10 8.33 -9.82 3.66
C HIS A 10 7.46 -8.82 2.88
N MET A 11 6.88 -9.28 1.77
CA MET A 11 6.10 -8.43 0.87
C MET A 11 4.68 -8.15 1.41
N VAL A 12 4.15 -6.96 1.08
CA VAL A 12 2.84 -6.52 1.57
C VAL A 12 2.01 -5.85 0.45
N VAL A 13 0.69 -6.01 0.50
CA VAL A 13 -0.21 -5.40 -0.50
C VAL A 13 -1.38 -4.65 0.14
N ILE A 14 -2.05 -3.81 -0.65
CA ILE A 14 -3.18 -3.00 -0.17
C ILE A 14 -4.51 -3.46 -0.82
N ARG A 15 -5.61 -3.40 -0.08
CA ARG A 15 -6.93 -3.81 -0.60
C ARG A 15 -7.99 -2.70 -0.46
N ARG A 16 -9.09 -2.86 -1.21
CA ARG A 16 -10.24 -1.93 -1.21
C ARG A 16 -9.86 -0.53 -1.76
N LEU A 17 -9.17 -0.51 -2.90
CA LEU A 17 -8.82 0.74 -3.59
C LEU A 17 -9.70 0.97 -4.83
N PRO A 18 -10.66 1.91 -4.75
CA PRO A 18 -11.47 2.31 -5.91
C PRO A 18 -10.77 3.39 -6.76
N PRO A 19 -11.02 3.42 -8.09
CA PRO A 19 -10.39 4.40 -8.99
C PRO A 19 -10.79 5.86 -8.66
N GLY A 20 -9.81 6.66 -8.25
CA GLY A 20 -10.07 8.06 -7.94
C GLY A 20 -8.81 8.92 -7.95
N LEU A 21 -7.95 8.72 -6.96
CA LEU A 21 -6.70 9.49 -6.86
C LEU A 21 -5.55 8.82 -7.64
N THR A 22 -4.53 9.62 -7.95
CA THR A 22 -3.35 9.16 -8.70
C THR A 22 -2.21 8.81 -7.73
N LYS A 23 -1.30 7.93 -8.18
CA LYS A 23 -0.17 7.47 -7.36
C LYS A 23 0.50 8.61 -6.55
N GLU A 24 0.59 9.80 -7.15
CA GLU A 24 1.19 10.97 -6.47
C GLU A 24 0.49 11.27 -5.13
N GLN A 25 -0.83 11.17 -5.10
CA GLN A 25 -1.62 11.39 -3.88
C GLN A 25 -1.93 10.07 -3.16
N LEU A 26 -1.64 8.96 -3.83
CA LEU A 26 -1.98 7.62 -3.35
C LEU A 26 -0.84 6.99 -2.53
N GLU A 27 0.39 7.05 -3.04
CA GLU A 27 1.53 6.40 -2.37
C GLU A 27 1.97 7.17 -1.11
N GLU A 28 1.54 8.43 -0.98
CA GLU A 28 1.92 9.26 0.17
C GLU A 28 1.59 8.58 1.51
N GLN A 29 0.49 7.84 1.55
CA GLN A 29 0.11 7.09 2.76
C GLN A 29 0.50 5.60 2.66
N LEU A 30 0.94 5.16 1.49
CA LEU A 30 1.31 3.75 1.28
C LEU A 30 2.81 3.49 1.52
N ARG A 31 3.65 4.53 1.41
CA ARG A 31 5.08 4.36 1.61
C ARG A 31 5.73 5.47 2.49
N PRO A 32 5.08 5.95 3.57
CA PRO A 32 5.68 6.91 4.51
C PRO A 32 6.49 6.22 5.63
N LEU A 33 6.89 4.97 5.37
CA LEU A 33 7.58 4.12 6.35
C LEU A 33 9.05 4.54 6.57
N PRO A 34 9.65 4.13 7.70
CA PRO A 34 11.08 4.37 7.99
C PRO A 34 12.02 3.53 7.10
N ALA A 35 12.10 2.22 7.36
CA ALA A 35 13.00 1.34 6.61
C ALA A 35 12.21 0.42 5.65
N HIS A 36 12.06 0.87 4.41
CA HIS A 36 11.20 0.17 3.45
C HIS A 36 11.66 0.35 1.99
N ASP A 37 10.83 -0.15 1.09
CA ASP A 37 10.99 0.01 -0.36
C ASP A 37 9.60 0.35 -0.95
N TYR A 38 9.46 0.37 -2.27
CA TYR A 38 8.13 0.60 -2.87
C TYR A 38 8.03 0.06 -4.30
N PHE A 39 6.82 -0.36 -4.67
CA PHE A 39 6.54 -0.94 -5.99
C PHE A 39 5.72 0.00 -6.89
N GLU A 40 5.20 -0.57 -7.97
CA GLU A 40 4.33 0.14 -8.91
C GLU A 40 3.00 0.58 -8.25
N PHE A 41 2.75 1.88 -8.25
CA PHE A 41 1.48 2.44 -7.74
C PHE A 41 0.60 2.92 -8.91
N PHE A 42 -0.69 2.58 -8.87
CA PHE A 42 -1.61 2.89 -9.96
C PHE A 42 -2.00 4.37 -10.02
N ALA A 43 -2.58 4.78 -11.15
CA ALA A 43 -3.04 6.15 -11.35
C ALA A 43 -4.53 6.20 -11.71
N ALA A 44 -5.20 7.30 -11.34
CA ALA A 44 -6.63 7.45 -11.61
C ALA A 44 -7.07 8.92 -11.53
N ASP A 45 -8.05 9.27 -12.35
CA ASP A 45 -8.63 10.61 -12.36
C ASP A 45 -10.01 10.62 -11.67
N LEU A 46 -10.10 11.32 -10.53
CA LEU A 46 -11.37 11.44 -9.81
C LEU A 46 -12.45 12.11 -10.68
N SER A 47 -12.01 12.98 -11.60
CA SER A 47 -12.92 13.60 -12.58
C SER A 47 -13.33 12.55 -13.64
N LEU A 48 -14.34 11.74 -13.30
CA LEU A 48 -14.77 10.61 -14.13
C LEU A 48 -13.68 9.54 -14.23
N TYR A 49 -13.69 8.61 -13.27
CA TYR A 49 -12.67 7.55 -13.15
C TYR A 49 -12.56 6.66 -14.40
N PRO A 50 -11.38 6.04 -14.64
CA PRO A 50 -11.14 5.18 -15.82
C PRO A 50 -11.79 3.78 -15.74
N HIS A 51 -12.82 3.64 -14.89
CA HIS A 51 -13.62 2.40 -14.79
C HIS A 51 -12.86 1.26 -14.07
N LEU A 52 -11.76 0.80 -14.68
CA LEU A 52 -11.05 -0.40 -14.21
C LEU A 52 -10.47 -0.28 -12.79
N TYR A 53 -10.25 -1.44 -12.16
CA TYR A 53 -9.65 -1.52 -10.83
C TYR A 53 -8.14 -1.82 -10.91
N SER A 54 -7.37 -1.26 -9.99
CA SER A 54 -5.93 -1.50 -9.92
C SER A 54 -5.47 -1.59 -8.46
N ARG A 55 -4.43 -2.39 -8.21
CA ARG A 55 -3.97 -2.63 -6.84
C ARG A 55 -2.51 -2.16 -6.64
N ALA A 56 -2.23 -1.51 -5.51
CA ALA A 56 -0.89 -1.02 -5.19
C ALA A 56 -0.10 -2.05 -4.36
N TYR A 57 1.22 -2.12 -4.59
CA TYR A 57 2.08 -3.08 -3.90
C TYR A 57 3.16 -2.39 -3.06
N ILE A 58 3.38 -2.90 -1.85
CA ILE A 58 4.35 -2.32 -0.91
C ILE A 58 5.48 -3.30 -0.59
N ASN A 59 6.71 -2.78 -0.46
CA ASN A 59 7.88 -3.60 -0.13
C ASN A 59 8.61 -3.05 1.11
N PHE A 60 9.21 -3.94 1.89
CA PHE A 60 9.83 -3.57 3.17
C PHE A 60 11.34 -3.89 3.20
N ARG A 61 11.98 -3.48 4.30
CA ARG A 61 13.37 -3.85 4.59
C ARG A 61 13.47 -4.63 5.91
N ASN A 62 12.48 -4.45 6.79
CA ASN A 62 12.50 -5.05 8.13
C ASN A 62 11.11 -5.59 8.53
N PRO A 63 11.02 -6.86 9.01
CA PRO A 63 9.76 -7.45 9.47
C PRO A 63 9.12 -6.69 10.65
N ASP A 64 9.93 -5.96 11.40
CA ASP A 64 9.43 -5.13 12.50
C ASP A 64 8.72 -3.87 11.98
N ASP A 65 9.24 -3.32 10.88
CA ASP A 65 8.63 -2.18 10.21
C ASP A 65 7.21 -2.56 9.73
N ILE A 66 7.04 -3.85 9.39
CA ILE A 66 5.75 -4.39 8.96
C ILE A 66 4.67 -4.23 10.03
N LEU A 67 4.80 -4.94 11.15
CA LEU A 67 3.77 -4.92 12.22
C LEU A 67 3.54 -3.49 12.74
N LEU A 68 4.51 -2.61 12.52
CA LEU A 68 4.38 -1.19 12.86
C LEU A 68 3.25 -0.53 12.05
N PHE A 69 3.43 -0.45 10.73
CA PHE A 69 2.46 0.21 9.84
C PHE A 69 1.26 -0.69 9.51
N ARG A 70 1.46 -2.01 9.52
CA ARG A 70 0.40 -2.97 9.17
C ARG A 70 -0.80 -2.87 10.14
N ASP A 71 -0.51 -2.58 11.41
CA ASP A 71 -1.56 -2.49 12.43
C ASP A 71 -2.32 -1.15 12.36
N ARG A 72 -1.58 -0.04 12.17
CA ARG A 72 -2.17 1.30 12.16
C ARG A 72 -2.93 1.63 10.86
N PHE A 73 -2.49 1.04 9.75
CA PHE A 73 -3.14 1.27 8.44
C PHE A 73 -4.16 0.18 8.08
N ASP A 74 -4.37 -0.76 8.98
CA ASP A 74 -5.34 -1.85 8.77
C ASP A 74 -6.78 -1.31 8.67
N GLY A 75 -7.21 -1.01 7.44
CA GLY A 75 -8.58 -0.58 7.19
C GLY A 75 -8.89 0.83 7.69
N TYR A 76 -8.18 1.83 7.16
CA TYR A 76 -8.41 3.22 7.55
C TYR A 76 -9.05 4.02 6.40
N ILE A 77 -9.86 5.02 6.74
CA ILE A 77 -10.58 5.81 5.72
C ILE A 77 -9.83 7.10 5.34
N PHE A 78 -9.32 7.15 4.12
CA PHE A 78 -8.73 8.37 3.56
C PHE A 78 -9.75 9.11 2.69
N LEU A 79 -9.90 10.42 2.89
CA LEU A 79 -10.94 11.19 2.21
C LEU A 79 -10.40 12.13 1.12
N ASP A 80 -10.98 12.03 -0.08
CA ASP A 80 -10.69 12.93 -1.19
C ASP A 80 -11.50 14.24 -1.10
N SER A 81 -11.22 15.18 -2.01
CA SER A 81 -11.97 16.45 -2.13
C SER A 81 -13.49 16.21 -2.17
N LYS A 82 -13.92 15.22 -2.95
CA LYS A 82 -15.34 14.86 -3.07
C LYS A 82 -15.88 14.17 -1.81
N GLY A 83 -14.98 13.77 -0.92
CA GLY A 83 -15.36 12.97 0.24
C GLY A 83 -15.33 11.48 -0.06
N LEU A 84 -14.51 11.09 -1.04
CA LEU A 84 -14.38 9.68 -1.43
C LEU A 84 -13.66 8.86 -0.35
N GLU A 85 -14.41 8.03 0.35
CA GLU A 85 -13.85 7.14 1.37
C GLU A 85 -12.96 6.04 0.75
N TYR A 86 -11.66 6.14 0.98
CA TYR A 86 -10.72 5.08 0.60
C TYR A 86 -10.39 4.19 1.81
N PRO A 87 -11.07 3.03 1.94
CA PRO A 87 -10.90 2.12 3.08
C PRO A 87 -9.68 1.19 2.93
N ALA A 88 -8.49 1.79 2.88
CA ALA A 88 -7.26 1.06 2.59
C ALA A 88 -6.95 -0.03 3.63
N VAL A 89 -6.90 -1.28 3.17
CA VAL A 89 -6.53 -2.41 4.04
C VAL A 89 -5.14 -2.96 3.68
N VAL A 90 -4.22 -2.92 4.64
CA VAL A 90 -2.88 -3.46 4.45
C VAL A 90 -2.78 -4.92 4.94
N GLU A 91 -2.27 -5.81 4.09
CA GLU A 91 -2.11 -7.23 4.48
C GLU A 91 -0.83 -7.83 3.89
N PHE A 92 -0.50 -9.05 4.31
CA PHE A 92 0.70 -9.75 3.82
C PHE A 92 0.45 -10.34 2.42
N ALA A 93 1.36 -10.05 1.50
CA ALA A 93 1.25 -10.51 0.12
C ALA A 93 1.55 -12.01 -0.03
N PRO A 94 0.86 -12.72 -0.93
CA PRO A 94 1.15 -14.14 -1.21
C PRO A 94 2.63 -14.36 -1.58
N PHE A 95 3.41 -14.79 -0.60
CA PHE A 95 4.86 -14.87 -0.72
C PHE A 95 5.30 -15.85 -1.81
N GLN A 96 6.26 -15.42 -2.63
CA GLN A 96 6.80 -16.23 -3.71
C GLN A 96 8.32 -16.03 -3.84
N LYS A 97 9.08 -17.07 -3.51
CA LYS A 97 10.54 -17.05 -3.63
C LYS A 97 10.97 -17.02 -5.11
N MET A 1 34.32 -12.49 12.70
CA MET A 1 33.79 -13.54 11.78
C MET A 1 32.34 -13.23 11.38
N GLY A 2 32.06 -13.22 10.08
CA GLY A 2 30.71 -12.93 9.60
C GLY A 2 29.72 -14.05 9.88
N HIS A 3 28.57 -13.69 10.44
CA HIS A 3 27.51 -14.67 10.76
C HIS A 3 26.32 -14.52 9.80
N HIS A 4 26.12 -15.53 8.94
CA HIS A 4 25.04 -15.52 7.95
C HIS A 4 23.71 -16.01 8.56
N HIS A 5 23.40 -15.52 9.76
CA HIS A 5 22.22 -15.96 10.51
C HIS A 5 21.10 -14.90 10.42
N HIS A 6 20.85 -14.38 9.23
CA HIS A 6 19.85 -13.31 9.04
C HIS A 6 18.85 -13.63 7.92
N HIS A 7 17.57 -13.35 8.19
CA HIS A 7 16.50 -13.61 7.21
C HIS A 7 16.19 -12.37 6.36
N HIS A 8 15.14 -12.46 5.55
CA HIS A 8 14.68 -11.34 4.74
C HIS A 8 13.28 -10.87 5.19
N SER A 9 12.75 -9.86 4.49
CA SER A 9 11.42 -9.32 4.81
C SER A 9 10.31 -10.15 4.14
N HIS A 10 9.09 -10.00 4.64
CA HIS A 10 7.93 -10.68 4.06
C HIS A 10 7.04 -9.67 3.32
N MET A 11 6.57 -10.04 2.12
CA MET A 11 5.78 -9.14 1.27
C MET A 11 4.40 -8.84 1.87
N VAL A 12 4.17 -7.57 2.21
CA VAL A 12 2.88 -7.10 2.72
C VAL A 12 2.31 -6.01 1.79
N VAL A 13 1.12 -6.24 1.26
CA VAL A 13 0.53 -5.36 0.25
C VAL A 13 -0.69 -4.59 0.78
N ILE A 14 -1.34 -3.84 -0.11
CA ILE A 14 -2.52 -3.04 0.23
C ILE A 14 -3.80 -3.61 -0.42
N ARG A 15 -4.94 -3.42 0.24
CA ARG A 15 -6.23 -3.95 -0.24
C ARG A 15 -7.27 -2.83 -0.38
N ARG A 16 -8.26 -3.05 -1.25
CA ARG A 16 -9.35 -2.09 -1.51
C ARG A 16 -8.82 -0.76 -2.08
N LEU A 17 -8.50 -0.76 -3.37
CA LEU A 17 -8.03 0.46 -4.06
C LEU A 17 -9.02 0.91 -5.14
N PRO A 18 -9.92 1.85 -4.81
CA PRO A 18 -10.84 2.43 -5.81
C PRO A 18 -10.11 3.34 -6.82
N PRO A 19 -10.38 3.17 -8.14
CA PRO A 19 -9.74 3.99 -9.18
C PRO A 19 -10.10 5.48 -9.07
N GLY A 20 -9.37 6.22 -8.24
CA GLY A 20 -9.67 7.64 -8.02
C GLY A 20 -8.44 8.53 -8.01
N LEU A 21 -7.87 8.74 -6.82
CA LEU A 21 -6.74 9.66 -6.64
C LEU A 21 -5.46 9.22 -7.39
N THR A 22 -4.54 10.16 -7.57
CA THR A 22 -3.27 9.91 -8.27
C THR A 22 -2.20 9.43 -7.28
N LYS A 23 -1.16 8.76 -7.78
CA LYS A 23 -0.08 8.26 -6.92
C LYS A 23 0.49 9.35 -5.98
N GLU A 24 0.35 10.62 -6.36
CA GLU A 24 0.86 11.73 -5.54
C GLU A 24 0.29 11.69 -4.11
N GLN A 25 -1.04 11.62 -3.99
CA GLN A 25 -1.69 11.50 -2.66
C GLN A 25 -1.82 10.02 -2.24
N LEU A 26 -1.85 9.14 -3.23
CA LEU A 26 -2.04 7.72 -3.01
C LEU A 26 -0.82 7.03 -2.37
N GLU A 27 0.36 7.24 -2.94
CA GLU A 27 1.57 6.54 -2.46
C GLU A 27 2.02 7.03 -1.08
N GLU A 28 1.87 8.33 -0.81
CA GLU A 28 2.33 8.91 0.46
C GLU A 28 1.73 8.18 1.68
N GLN A 29 0.51 7.66 1.52
CA GLN A 29 -0.18 6.94 2.61
C GLN A 29 0.15 5.44 2.55
N LEU A 30 0.60 4.95 1.40
CA LEU A 30 0.90 3.52 1.22
C LEU A 30 2.40 3.22 1.44
N ARG A 31 3.26 4.24 1.42
CA ARG A 31 4.70 4.02 1.67
C ARG A 31 5.32 5.05 2.64
N PRO A 32 4.62 5.48 3.72
CA PRO A 32 5.13 6.50 4.67
C PRO A 32 6.09 5.91 5.72
N LEU A 33 6.75 4.82 5.36
CA LEU A 33 7.67 4.11 6.27
C LEU A 33 9.01 4.86 6.39
N PRO A 34 9.77 4.64 7.50
CA PRO A 34 11.04 5.35 7.75
C PRO A 34 12.07 5.22 6.61
N ALA A 35 12.21 3.99 6.09
CA ALA A 35 13.12 3.72 4.97
C ALA A 35 12.81 2.34 4.36
N HIS A 36 12.51 2.30 3.06
CA HIS A 36 12.10 1.05 2.41
C HIS A 36 11.87 1.22 0.90
N ASP A 37 11.80 0.09 0.20
CA ASP A 37 11.41 0.06 -1.21
C ASP A 37 9.88 0.00 -1.33
N TYR A 38 9.34 0.49 -2.44
CA TYR A 38 7.89 0.42 -2.68
C TYR A 38 7.57 0.07 -4.14
N PHE A 39 6.39 -0.48 -4.36
CA PHE A 39 5.98 -0.96 -5.69
C PHE A 39 5.23 0.10 -6.51
N GLU A 40 4.76 -0.33 -7.67
CA GLU A 40 3.99 0.53 -8.59
C GLU A 40 2.66 1.01 -7.98
N PHE A 41 2.32 2.26 -8.26
CA PHE A 41 1.05 2.85 -7.82
C PHE A 41 0.25 3.38 -9.03
N PHE A 42 -1.07 3.38 -8.94
CA PHE A 42 -1.92 3.75 -10.07
C PHE A 42 -2.19 5.27 -10.16
N ALA A 43 -2.78 5.68 -11.27
CA ALA A 43 -3.18 7.07 -11.50
C ALA A 43 -4.34 7.14 -12.50
N ALA A 44 -5.54 7.45 -12.02
CA ALA A 44 -6.74 7.46 -12.87
C ALA A 44 -7.62 8.70 -12.62
N ASP A 45 -8.79 8.74 -13.26
CA ASP A 45 -9.74 9.84 -13.07
C ASP A 45 -10.95 9.39 -12.25
N LEU A 46 -11.02 9.83 -11.00
CA LEU A 46 -12.16 9.53 -10.11
C LEU A 46 -13.50 9.96 -10.74
N SER A 47 -14.30 8.99 -11.16
CA SER A 47 -15.60 9.24 -11.80
C SER A 47 -16.54 8.05 -11.63
N LEU A 48 -17.74 8.13 -12.22
CA LEU A 48 -18.76 7.08 -12.08
C LEU A 48 -18.60 5.96 -13.12
N TYR A 49 -17.57 6.08 -13.96
CA TYR A 49 -17.35 5.11 -15.07
C TYR A 49 -16.47 3.92 -14.63
N PRO A 50 -17.04 2.71 -14.51
CA PRO A 50 -16.30 1.52 -14.09
C PRO A 50 -15.52 0.84 -15.24
N HIS A 51 -14.50 1.53 -15.75
CA HIS A 51 -13.69 1.00 -16.86
C HIS A 51 -12.55 0.09 -16.37
N LEU A 52 -12.02 0.37 -15.17
CA LEU A 52 -10.87 -0.37 -14.65
C LEU A 52 -10.77 -0.26 -13.12
N TYR A 53 -10.53 -1.38 -12.45
CA TYR A 53 -10.23 -1.39 -11.01
C TYR A 53 -8.72 -1.21 -10.80
N SER A 54 -8.30 0.03 -10.60
CA SER A 54 -6.87 0.37 -10.46
C SER A 54 -6.33 0.01 -9.07
N ARG A 55 -5.44 -0.98 -9.01
CA ARG A 55 -4.85 -1.42 -7.73
C ARG A 55 -3.36 -1.04 -7.62
N ALA A 56 -2.79 -1.26 -6.43
CA ALA A 56 -1.37 -0.95 -6.17
C ALA A 56 -0.75 -1.99 -5.21
N TYR A 57 0.57 -1.91 -5.00
CA TYR A 57 1.28 -2.85 -4.11
C TYR A 57 2.32 -2.15 -3.23
N ILE A 58 2.70 -2.80 -2.12
CA ILE A 58 3.67 -2.24 -1.17
C ILE A 58 4.80 -3.25 -0.87
N ASN A 59 5.98 -2.73 -0.47
CA ASN A 59 7.11 -3.59 -0.10
C ASN A 59 7.72 -3.15 1.25
N PHE A 60 8.11 -4.12 2.08
CA PHE A 60 8.68 -3.86 3.41
C PHE A 60 10.14 -4.31 3.50
N ARG A 61 10.86 -3.80 4.50
CA ARG A 61 12.28 -4.14 4.71
C ARG A 61 12.52 -4.82 6.08
N ASN A 62 11.99 -4.21 7.15
CA ASN A 62 12.24 -4.67 8.52
C ASN A 62 11.03 -5.44 9.09
N PRO A 63 11.24 -6.60 9.75
CA PRO A 63 10.14 -7.35 10.40
C PRO A 63 9.34 -6.50 11.41
N ASP A 64 10.06 -5.72 12.21
CA ASP A 64 9.43 -4.79 13.15
C ASP A 64 8.59 -3.73 12.41
N ASP A 65 9.17 -3.19 11.34
CA ASP A 65 8.49 -2.23 10.45
C ASP A 65 7.16 -2.81 9.92
N ILE A 66 7.18 -4.10 9.57
CA ILE A 66 5.97 -4.81 9.10
C ILE A 66 4.81 -4.71 10.10
N LEU A 67 4.99 -5.27 11.29
CA LEU A 67 3.92 -5.29 12.29
C LEU A 67 3.61 -3.88 12.84
N LEU A 68 4.57 -2.97 12.69
CA LEU A 68 4.38 -1.57 13.11
C LEU A 68 3.35 -0.85 12.23
N PHE A 69 3.69 -0.66 10.96
CA PHE A 69 2.83 0.09 10.04
C PHE A 69 1.56 -0.68 9.63
N ARG A 70 1.66 -2.00 9.49
CA ARG A 70 0.48 -2.81 9.16
C ARG A 70 -0.62 -2.59 10.21
N ASP A 71 -0.22 -2.50 11.48
CA ASP A 71 -1.17 -2.28 12.58
C ASP A 71 -1.93 -0.95 12.44
N ARG A 72 -1.19 0.15 12.26
CA ARG A 72 -1.80 1.48 12.19
C ARG A 72 -2.46 1.77 10.83
N PHE A 73 -2.23 0.90 9.85
CA PHE A 73 -2.82 1.07 8.50
C PHE A 73 -3.77 -0.08 8.12
N ASP A 74 -4.02 -0.99 9.03
CA ASP A 74 -4.92 -2.11 8.77
C ASP A 74 -6.39 -1.66 8.66
N GLY A 75 -6.79 -1.23 7.46
CA GLY A 75 -8.19 -0.91 7.19
C GLY A 75 -8.62 0.46 7.70
N TYR A 76 -7.99 1.52 7.19
CA TYR A 76 -8.37 2.89 7.57
C TYR A 76 -8.99 3.63 6.37
N ILE A 77 -9.89 4.56 6.65
CA ILE A 77 -10.60 5.30 5.60
C ILE A 77 -9.93 6.65 5.29
N PHE A 78 -9.36 6.77 4.10
CA PHE A 78 -8.84 8.05 3.62
C PHE A 78 -9.85 8.73 2.68
N LEU A 79 -10.20 9.97 2.98
CA LEU A 79 -11.16 10.73 2.16
C LEU A 79 -10.46 11.66 1.16
N ASP A 80 -10.83 11.54 -0.11
CA ASP A 80 -10.30 12.43 -1.15
C ASP A 80 -10.79 13.87 -0.92
N SER A 81 -10.09 14.85 -1.47
CA SER A 81 -10.50 16.26 -1.37
C SER A 81 -11.92 16.47 -1.90
N LYS A 82 -12.31 15.63 -2.88
CA LYS A 82 -13.68 15.65 -3.41
C LYS A 82 -14.67 15.08 -2.39
N GLY A 83 -14.25 14.02 -1.70
CA GLY A 83 -15.10 13.35 -0.72
C GLY A 83 -15.34 11.87 -1.03
N LEU A 84 -14.27 11.14 -1.35
CA LEU A 84 -14.37 9.71 -1.65
C LEU A 84 -13.63 8.85 -0.61
N GLU A 85 -14.28 7.79 -0.14
CA GLU A 85 -13.69 6.88 0.84
C GLU A 85 -12.68 5.91 0.20
N TYR A 86 -11.46 5.88 0.73
CA TYR A 86 -10.46 4.89 0.33
C TYR A 86 -10.13 3.97 1.52
N PRO A 87 -10.79 2.80 1.63
CA PRO A 87 -10.56 1.86 2.73
C PRO A 87 -9.24 1.07 2.59
N ALA A 88 -8.13 1.74 2.87
CA ALA A 88 -6.80 1.15 2.73
C ALA A 88 -6.55 0.03 3.75
N VAL A 89 -6.62 -1.21 3.29
CA VAL A 89 -6.36 -2.38 4.14
C VAL A 89 -4.97 -2.99 3.87
N VAL A 90 -4.03 -2.80 4.78
CA VAL A 90 -2.69 -3.38 4.62
C VAL A 90 -2.65 -4.81 5.16
N GLU A 91 -2.29 -5.77 4.31
CA GLU A 91 -2.23 -7.19 4.69
C GLU A 91 -1.15 -7.94 3.88
N PHE A 92 -0.78 -9.14 4.34
CA PHE A 92 0.32 -9.90 3.72
C PHE A 92 -0.09 -10.56 2.40
N ALA A 93 0.90 -10.78 1.53
CA ALA A 93 0.68 -11.33 0.19
C ALA A 93 1.34 -12.70 0.03
N PRO A 94 0.91 -13.49 -0.99
CA PRO A 94 1.54 -14.79 -1.31
C PRO A 94 3.07 -14.69 -1.47
N PHE A 95 3.81 -15.33 -0.56
CA PHE A 95 5.28 -15.31 -0.59
C PHE A 95 5.81 -16.00 -1.86
N GLN A 96 4.99 -16.88 -2.41
CA GLN A 96 5.31 -17.58 -3.66
C GLN A 96 4.02 -18.12 -4.30
N LYS A 97 4.12 -18.58 -5.55
CA LYS A 97 2.97 -19.15 -6.30
C LYS A 97 2.01 -18.06 -6.81
N MET A 1 20.22 -0.68 19.57
CA MET A 1 21.17 -0.04 18.62
C MET A 1 21.13 -0.70 17.23
N GLY A 2 20.66 -1.95 17.16
CA GLY A 2 20.53 -2.63 15.88
C GLY A 2 21.05 -4.08 15.87
N HIS A 3 20.26 -4.98 15.30
CA HIS A 3 20.66 -6.40 15.16
C HIS A 3 20.73 -6.81 13.68
N HIS A 4 21.80 -7.53 13.32
CA HIS A 4 21.95 -8.07 11.97
C HIS A 4 21.33 -9.47 11.86
N HIS A 5 20.41 -9.65 10.91
CA HIS A 5 19.72 -10.93 10.70
C HIS A 5 18.86 -11.33 11.91
N HIS A 6 17.67 -10.73 12.00
CA HIS A 6 16.73 -11.02 13.10
C HIS A 6 15.49 -11.78 12.59
N HIS A 7 14.99 -11.37 11.42
CA HIS A 7 13.84 -12.05 10.79
C HIS A 7 13.93 -11.96 9.25
N HIS A 8 13.23 -12.84 8.55
CA HIS A 8 13.19 -12.81 7.08
C HIS A 8 11.97 -12.01 6.60
N SER A 9 12.21 -10.81 6.08
CA SER A 9 11.12 -9.90 5.69
C SER A 9 10.56 -10.22 4.30
N HIS A 10 9.39 -9.65 4.00
CA HIS A 10 8.72 -9.89 2.72
C HIS A 10 7.71 -8.77 2.41
N MET A 11 7.30 -8.66 1.14
CA MET A 11 6.37 -7.62 0.69
C MET A 11 4.97 -7.74 1.36
N VAL A 12 4.21 -6.64 1.29
CA VAL A 12 2.85 -6.55 1.85
C VAL A 12 1.94 -5.75 0.90
N VAL A 13 0.69 -6.17 0.71
CA VAL A 13 -0.18 -5.54 -0.28
C VAL A 13 -1.32 -4.71 0.35
N ILE A 14 -1.66 -3.61 -0.31
CA ILE A 14 -2.76 -2.73 0.13
C ILE A 14 -4.04 -3.02 -0.69
N ARG A 15 -5.18 -3.08 0.00
CA ARG A 15 -6.45 -3.46 -0.64
C ARG A 15 -7.46 -2.31 -0.67
N ARG A 16 -8.50 -2.45 -1.50
CA ARG A 16 -9.64 -1.52 -1.54
C ARG A 16 -9.27 -0.15 -2.14
N LEU A 17 -8.55 -0.16 -3.26
CA LEU A 17 -8.21 1.08 -3.98
C LEU A 17 -9.05 1.25 -5.28
N PRO A 18 -10.17 1.99 -5.21
CA PRO A 18 -10.95 2.36 -6.42
C PRO A 18 -10.37 3.58 -7.15
N PRO A 19 -10.80 3.85 -8.40
CA PRO A 19 -10.33 5.01 -9.18
C PRO A 19 -10.62 6.35 -8.47
N GLY A 20 -9.57 7.13 -8.21
CA GLY A 20 -9.72 8.41 -7.54
C GLY A 20 -8.54 9.34 -7.76
N LEU A 21 -7.90 9.77 -6.67
CA LEU A 21 -6.70 10.62 -6.77
C LEU A 21 -5.53 9.86 -7.41
N THR A 22 -4.59 10.63 -7.95
CA THR A 22 -3.44 10.05 -8.67
C THR A 22 -2.34 9.62 -7.70
N LYS A 23 -1.55 8.61 -8.11
CA LYS A 23 -0.46 8.05 -7.28
C LYS A 23 0.34 9.13 -6.52
N GLU A 24 0.53 10.28 -7.15
CA GLU A 24 1.29 11.39 -6.56
C GLU A 24 0.84 11.71 -5.13
N GLN A 25 -0.48 11.87 -4.95
CA GLN A 25 -1.06 12.17 -3.63
C GLN A 25 -1.65 10.91 -2.98
N LEU A 26 -1.51 9.79 -3.67
CA LEU A 26 -2.09 8.50 -3.24
C LEU A 26 -1.02 7.59 -2.59
N GLU A 27 0.24 7.75 -2.97
CA GLU A 27 1.32 6.91 -2.44
C GLU A 27 1.80 7.41 -1.07
N GLU A 28 1.74 8.73 -0.86
CA GLU A 28 2.27 9.37 0.35
C GLU A 28 1.70 8.76 1.65
N GLN A 29 0.45 8.29 1.59
CA GLN A 29 -0.19 7.65 2.76
C GLN A 29 -0.03 6.12 2.74
N LEU A 30 0.33 5.57 1.59
CA LEU A 30 0.47 4.10 1.43
C LEU A 30 1.91 3.61 1.67
N ARG A 31 2.90 4.51 1.55
CA ARG A 31 4.31 4.12 1.76
C ARG A 31 5.10 5.08 2.70
N PRO A 32 4.51 5.58 3.81
CA PRO A 32 5.20 6.52 4.72
C PRO A 32 6.17 5.81 5.69
N LEU A 33 6.83 4.76 5.22
CA LEU A 33 7.73 3.96 6.07
C LEU A 33 9.20 4.39 5.91
N PRO A 34 10.07 4.07 6.90
CA PRO A 34 11.53 4.34 6.80
C PRO A 34 12.27 3.33 5.88
N ALA A 35 12.51 2.11 6.37
CA ALA A 35 13.26 1.10 5.61
C ALA A 35 12.32 0.21 4.78
N HIS A 36 12.25 0.48 3.47
CA HIS A 36 11.29 -0.22 2.59
C HIS A 36 11.43 0.22 1.12
N ASP A 37 10.58 -0.36 0.27
CA ASP A 37 10.40 0.11 -1.10
C ASP A 37 8.92 0.47 -1.33
N TYR A 38 8.59 0.95 -2.52
CA TYR A 38 7.19 1.21 -2.90
C TYR A 38 6.95 0.86 -4.37
N PHE A 39 5.84 0.16 -4.63
CA PHE A 39 5.57 -0.43 -5.95
C PHE A 39 4.83 0.55 -6.88
N GLU A 40 4.31 0.04 -8.00
CA GLU A 40 3.61 0.86 -8.98
C GLU A 40 2.18 1.21 -8.52
N PHE A 41 2.00 2.44 -8.04
CA PHE A 41 0.68 2.95 -7.68
C PHE A 41 -0.04 3.48 -8.94
N PHE A 42 -1.25 3.00 -9.20
CA PHE A 42 -1.98 3.37 -10.42
C PHE A 42 -2.19 4.90 -10.52
N ALA A 43 -1.80 5.47 -11.65
CA ALA A 43 -1.97 6.90 -11.91
C ALA A 43 -3.20 7.16 -12.78
N ALA A 44 -4.33 7.49 -12.16
CA ALA A 44 -5.58 7.74 -12.88
C ALA A 44 -6.35 8.91 -12.29
N ASP A 45 -7.50 9.22 -12.89
CA ASP A 45 -8.36 10.32 -12.45
C ASP A 45 -9.58 9.82 -11.65
N LEU A 46 -10.20 10.73 -10.90
CA LEU A 46 -11.42 10.44 -10.13
C LEU A 46 -12.68 10.57 -11.01
N SER A 47 -12.51 10.32 -12.30
CA SER A 47 -13.57 10.51 -13.30
C SER A 47 -14.73 9.52 -13.13
N LEU A 48 -15.91 9.92 -13.61
CA LEU A 48 -17.05 8.99 -13.71
C LEU A 48 -16.83 8.06 -14.90
N TYR A 49 -17.54 6.93 -14.94
CA TYR A 49 -17.26 5.86 -15.91
C TYR A 49 -15.86 5.28 -15.62
N PRO A 50 -15.79 4.28 -14.70
CA PRO A 50 -14.52 3.86 -14.08
C PRO A 50 -13.58 3.05 -15.00
N HIS A 51 -12.32 2.96 -14.55
CA HIS A 51 -11.26 2.23 -15.26
C HIS A 51 -11.36 0.70 -15.01
N LEU A 52 -12.54 0.25 -14.57
CA LEU A 52 -12.80 -1.16 -14.26
C LEU A 52 -11.98 -1.65 -13.05
N TYR A 53 -10.67 -1.82 -13.24
CA TYR A 53 -9.81 -2.34 -12.17
C TYR A 53 -8.69 -1.34 -11.80
N SER A 54 -8.16 -1.48 -10.58
CA SER A 54 -7.07 -0.64 -10.08
C SER A 54 -6.58 -1.13 -8.70
N ARG A 55 -5.26 -1.17 -8.51
CA ARG A 55 -4.68 -1.65 -7.23
C ARG A 55 -3.29 -1.06 -6.96
N ALA A 56 -2.72 -1.37 -5.80
CA ALA A 56 -1.37 -0.93 -5.44
C ALA A 56 -0.66 -1.98 -4.55
N TYR A 57 0.67 -1.91 -4.48
CA TYR A 57 1.46 -2.86 -3.69
C TYR A 57 2.50 -2.14 -2.81
N ILE A 58 2.88 -2.77 -1.71
CA ILE A 58 3.92 -2.23 -0.81
C ILE A 58 5.03 -3.27 -0.58
N ASN A 59 6.26 -2.80 -0.38
CA ASN A 59 7.39 -3.71 -0.13
C ASN A 59 8.18 -3.31 1.13
N PHE A 60 8.41 -4.29 1.99
CA PHE A 60 9.14 -4.07 3.26
C PHE A 60 10.58 -4.58 3.18
N ARG A 61 11.51 -3.83 3.78
CA ARG A 61 12.90 -4.26 3.91
C ARG A 61 13.23 -4.63 5.37
N ASN A 62 12.60 -3.92 6.30
CA ASN A 62 12.76 -4.21 7.74
C ASN A 62 11.56 -4.99 8.29
N PRO A 63 11.77 -6.24 8.77
CA PRO A 63 10.69 -7.07 9.33
C PRO A 63 10.10 -6.52 10.63
N ASP A 64 10.78 -5.57 11.25
CA ASP A 64 10.34 -4.94 12.50
C ASP A 64 9.20 -3.92 12.26
N ASP A 65 9.24 -3.22 11.12
CA ASP A 65 8.22 -2.22 10.81
C ASP A 65 6.90 -2.87 10.33
N ILE A 66 6.95 -4.17 10.01
CA ILE A 66 5.75 -4.90 9.56
C ILE A 66 4.63 -4.86 10.63
N LEU A 67 4.95 -5.33 11.84
CA LEU A 67 3.98 -5.34 12.94
C LEU A 67 3.64 -3.93 13.45
N LEU A 68 4.39 -2.95 12.99
CA LEU A 68 4.17 -1.54 13.36
C LEU A 68 3.12 -0.88 12.45
N PHE A 69 3.45 -0.75 11.17
CA PHE A 69 2.60 -0.02 10.22
C PHE A 69 1.29 -0.76 9.88
N ARG A 70 1.35 -2.07 9.61
CA ARG A 70 0.14 -2.83 9.30
C ARG A 70 -0.88 -2.68 10.45
N ASP A 71 -0.39 -2.80 11.67
CA ASP A 71 -1.22 -2.71 12.87
C ASP A 71 -2.03 -1.40 12.92
N ARG A 72 -1.41 -0.29 12.53
CA ARG A 72 -2.07 1.02 12.58
C ARG A 72 -2.78 1.38 11.26
N PHE A 73 -2.51 0.64 10.18
CA PHE A 73 -3.07 0.97 8.86
C PHE A 73 -4.17 0.00 8.39
N ASP A 74 -4.24 -1.21 8.97
CA ASP A 74 -5.25 -2.19 8.54
C ASP A 74 -6.66 -1.72 8.92
N GLY A 75 -7.35 -1.12 7.97
CA GLY A 75 -8.69 -0.56 8.20
C GLY A 75 -8.65 0.95 8.36
N TYR A 76 -7.76 1.61 7.61
CA TYR A 76 -7.60 3.06 7.67
C TYR A 76 -8.42 3.76 6.58
N ILE A 77 -9.45 4.51 7.00
CA ILE A 77 -10.32 5.23 6.06
C ILE A 77 -9.68 6.54 5.56
N PHE A 78 -9.26 6.55 4.31
CA PHE A 78 -8.72 7.76 3.68
C PHE A 78 -9.78 8.42 2.78
N LEU A 79 -9.79 9.75 2.71
CA LEU A 79 -10.76 10.47 1.89
C LEU A 79 -10.08 11.38 0.84
N ASP A 80 -10.60 11.31 -0.40
CA ASP A 80 -10.16 12.21 -1.47
C ASP A 80 -10.89 13.57 -1.39
N SER A 81 -10.43 14.55 -2.17
CA SER A 81 -11.05 15.88 -2.20
C SER A 81 -12.54 15.82 -2.60
N LYS A 82 -12.93 14.77 -3.34
CA LYS A 82 -14.34 14.56 -3.72
C LYS A 82 -15.12 13.81 -2.64
N GLY A 83 -14.48 13.55 -1.51
CA GLY A 83 -15.12 12.82 -0.41
C GLY A 83 -15.21 11.33 -0.65
N LEU A 84 -14.32 10.79 -1.50
CA LEU A 84 -14.30 9.36 -1.81
C LEU A 84 -13.71 8.53 -0.66
N GLU A 85 -14.48 7.57 -0.16
CA GLU A 85 -14.06 6.72 0.95
C GLU A 85 -13.13 5.57 0.47
N TYR A 86 -11.89 5.60 0.96
CA TYR A 86 -10.92 4.52 0.69
C TYR A 86 -10.62 3.73 1.97
N PRO A 87 -11.21 2.52 2.12
CA PRO A 87 -10.94 1.67 3.29
C PRO A 87 -9.65 0.86 3.14
N ALA A 88 -8.53 1.50 3.50
CA ALA A 88 -7.21 0.89 3.33
C ALA A 88 -7.04 -0.39 4.17
N VAL A 89 -7.29 -1.54 3.54
CA VAL A 89 -7.06 -2.84 4.19
C VAL A 89 -5.65 -3.36 3.89
N VAL A 90 -4.87 -3.60 4.93
CA VAL A 90 -3.47 -4.01 4.76
C VAL A 90 -3.26 -5.50 5.12
N GLU A 91 -3.02 -6.33 4.12
CA GLU A 91 -2.73 -7.75 4.34
C GLU A 91 -1.32 -8.10 3.87
N PHE A 92 -0.64 -8.98 4.60
CA PHE A 92 0.72 -9.39 4.24
C PHE A 92 0.73 -10.26 2.98
N ALA A 93 1.72 -10.07 2.11
CA ALA A 93 1.91 -10.96 0.97
C ALA A 93 2.63 -12.23 1.43
N PRO A 94 1.99 -13.39 1.27
CA PRO A 94 2.46 -14.66 1.87
C PRO A 94 3.86 -15.10 1.40
N PHE A 95 4.60 -15.71 2.33
CA PHE A 95 5.92 -16.28 2.03
C PHE A 95 5.81 -17.43 1.01
N GLN A 96 6.91 -17.73 0.31
CA GLN A 96 6.96 -18.85 -0.65
C GLN A 96 6.28 -20.11 -0.08
N LYS A 97 5.14 -20.48 -0.66
CA LYS A 97 4.36 -21.64 -0.20
C LYS A 97 5.19 -22.94 -0.28
N MET A 1 17.47 -23.06 14.89
CA MET A 1 16.66 -24.20 14.41
C MET A 1 16.00 -23.88 13.05
N GLY A 2 16.25 -24.74 12.07
CA GLY A 2 15.71 -24.53 10.73
C GLY A 2 16.64 -23.68 9.86
N HIS A 3 17.25 -24.30 8.86
CA HIS A 3 18.18 -23.58 7.95
C HIS A 3 17.45 -22.87 6.81
N HIS A 4 16.12 -22.85 6.87
CA HIS A 4 15.31 -22.10 5.90
C HIS A 4 14.46 -21.03 6.62
N HIS A 5 13.77 -20.20 5.84
CA HIS A 5 12.95 -19.14 6.43
C HIS A 5 11.68 -19.71 7.07
N HIS A 6 11.77 -20.07 8.35
CA HIS A 6 10.60 -20.56 9.09
C HIS A 6 9.66 -19.40 9.42
N HIS A 7 10.24 -18.23 9.69
CA HIS A 7 9.46 -16.99 9.84
C HIS A 7 9.03 -16.46 8.47
N HIS A 8 7.94 -15.68 8.44
CA HIS A 8 7.43 -15.14 7.17
C HIS A 8 8.31 -14.00 6.64
N SER A 9 8.43 -13.91 5.32
CA SER A 9 9.28 -12.89 4.67
C SER A 9 8.55 -11.54 4.55
N HIS A 10 9.23 -10.55 3.97
CA HIS A 10 8.64 -9.23 3.75
C HIS A 10 7.97 -9.10 2.38
N MET A 11 6.65 -9.04 2.37
CA MET A 11 5.88 -8.88 1.13
C MET A 11 4.41 -8.54 1.44
N VAL A 12 4.03 -7.27 1.26
CA VAL A 12 2.70 -6.79 1.63
C VAL A 12 2.04 -5.98 0.51
N VAL A 13 0.73 -6.16 0.33
CA VAL A 13 -0.03 -5.44 -0.68
C VAL A 13 -1.18 -4.63 -0.03
N ILE A 14 -1.51 -3.49 -0.63
CA ILE A 14 -2.61 -2.66 -0.13
C ILE A 14 -3.90 -2.96 -0.93
N ARG A 15 -4.96 -3.37 -0.24
CA ARG A 15 -6.18 -3.83 -0.91
C ARG A 15 -7.44 -3.03 -0.52
N ARG A 16 -8.52 -3.27 -1.26
CA ARG A 16 -9.79 -2.51 -1.14
C ARG A 16 -9.67 -1.09 -1.72
N LEU A 17 -8.62 -0.85 -2.51
CA LEU A 17 -8.39 0.47 -3.14
C LEU A 17 -9.22 0.63 -4.43
N PRO A 18 -10.22 1.53 -4.44
CA PRO A 18 -11.00 1.86 -5.64
C PRO A 18 -10.36 2.99 -6.48
N PRO A 19 -10.64 3.05 -7.80
CA PRO A 19 -10.10 4.09 -8.68
C PRO A 19 -10.55 5.51 -8.28
N GLY A 20 -9.61 6.34 -7.82
CA GLY A 20 -9.94 7.70 -7.40
C GLY A 20 -8.78 8.68 -7.55
N LEU A 21 -7.80 8.59 -6.66
CA LEU A 21 -6.66 9.54 -6.66
C LEU A 21 -5.39 8.92 -7.25
N THR A 22 -4.57 9.77 -7.87
CA THR A 22 -3.31 9.34 -8.51
C THR A 22 -2.16 9.28 -7.50
N LYS A 23 -1.13 8.46 -7.81
CA LYS A 23 0.03 8.27 -6.92
C LYS A 23 0.56 9.58 -6.31
N GLU A 24 0.52 10.68 -7.07
CA GLU A 24 1.01 11.98 -6.60
C GLU A 24 0.45 12.32 -5.20
N GLN A 25 -0.81 11.93 -4.96
CA GLN A 25 -1.41 12.00 -3.63
C GLN A 25 -1.43 10.62 -2.96
N LEU A 26 -1.97 9.65 -3.69
CA LEU A 26 -2.19 8.27 -3.21
C LEU A 26 -1.00 7.68 -2.42
N GLU A 27 0.23 7.95 -2.85
CA GLU A 27 1.40 7.30 -2.23
C GLU A 27 1.83 7.99 -0.92
N GLU A 28 1.47 9.26 -0.73
CA GLU A 28 1.93 10.02 0.45
C GLU A 28 1.52 9.34 1.76
N GLN A 29 0.42 8.60 1.73
CA GLN A 29 -0.07 7.86 2.90
C GLN A 29 0.32 6.37 2.83
N LEU A 30 0.54 5.84 1.64
CA LEU A 30 0.83 4.40 1.47
C LEU A 30 2.31 4.07 1.64
N ARG A 31 3.20 5.06 1.53
CA ARG A 31 4.65 4.80 1.65
C ARG A 31 5.39 5.79 2.59
N PRO A 32 4.85 6.10 3.79
CA PRO A 32 5.53 6.99 4.74
C PRO A 32 6.59 6.26 5.59
N LEU A 33 7.08 5.13 5.07
CA LEU A 33 8.05 4.29 5.79
C LEU A 33 9.44 4.94 5.82
N PRO A 34 10.04 5.07 7.02
CA PRO A 34 11.34 5.77 7.20
C PRO A 34 12.50 5.12 6.41
N ALA A 35 12.86 5.73 5.29
CA ALA A 35 13.99 5.28 4.45
C ALA A 35 13.79 3.86 3.91
N HIS A 36 12.53 3.46 3.71
CA HIS A 36 12.22 2.12 3.19
C HIS A 36 11.83 2.16 1.70
N ASP A 37 11.45 1.00 1.15
CA ASP A 37 11.20 0.85 -0.29
C ASP A 37 9.70 0.98 -0.63
N TYR A 38 9.39 1.03 -1.92
CA TYR A 38 7.99 1.10 -2.39
C TYR A 38 7.87 0.62 -3.85
N PHE A 39 6.69 0.15 -4.24
CA PHE A 39 6.46 -0.38 -5.58
C PHE A 39 5.38 0.43 -6.34
N GLU A 40 4.83 -0.15 -7.40
CA GLU A 40 3.86 0.55 -8.27
C GLU A 40 2.60 1.02 -7.51
N PHE A 41 2.25 2.29 -7.72
CA PHE A 41 0.98 2.85 -7.25
C PHE A 41 0.15 3.31 -8.46
N PHE A 42 -1.12 2.90 -8.52
CA PHE A 42 -1.97 3.21 -9.68
C PHE A 42 -2.11 4.73 -9.94
N ALA A 43 -2.14 5.10 -11.21
CA ALA A 43 -2.13 6.52 -11.61
C ALA A 43 -3.44 6.96 -12.31
N ALA A 44 -4.57 6.47 -11.81
CA ALA A 44 -5.88 6.83 -12.37
C ALA A 44 -6.47 8.06 -11.67
N ASP A 45 -7.48 8.69 -12.29
CA ASP A 45 -8.16 9.85 -11.69
C ASP A 45 -9.63 9.52 -11.38
N LEU A 46 -10.25 10.32 -10.51
CA LEU A 46 -11.58 10.03 -9.96
C LEU A 46 -12.73 10.23 -10.97
N SER A 47 -12.42 10.35 -12.25
CA SER A 47 -13.45 10.43 -13.29
C SER A 47 -14.29 9.15 -13.32
N LEU A 48 -15.52 9.23 -13.84
CA LEU A 48 -16.42 8.08 -13.88
C LEU A 48 -15.92 6.99 -14.84
N TYR A 49 -14.97 6.18 -14.38
CA TYR A 49 -14.45 5.05 -15.16
C TYR A 49 -14.75 3.72 -14.45
N PRO A 50 -15.57 2.86 -15.08
CA PRO A 50 -15.99 1.58 -14.48
C PRO A 50 -15.11 0.37 -14.87
N HIS A 51 -15.33 -0.75 -14.20
CA HIS A 51 -14.68 -2.04 -14.51
C HIS A 51 -13.16 -2.00 -14.28
N LEU A 52 -12.70 -1.09 -13.41
CA LEU A 52 -11.26 -0.96 -13.14
C LEU A 52 -10.89 -1.43 -11.72
N TYR A 53 -10.06 -2.47 -11.64
CA TYR A 53 -9.51 -2.92 -10.35
C TYR A 53 -8.12 -2.31 -10.11
N SER A 54 -8.07 -1.26 -9.30
CA SER A 54 -6.82 -0.56 -9.01
C SER A 54 -6.10 -1.15 -7.79
N ARG A 55 -4.81 -1.43 -7.93
CA ARG A 55 -4.02 -2.00 -6.84
C ARG A 55 -2.63 -1.35 -6.72
N ALA A 56 -2.04 -1.44 -5.54
CA ALA A 56 -0.69 -0.92 -5.30
C ALA A 56 0.12 -1.87 -4.40
N TYR A 57 1.44 -1.90 -4.61
CA TYR A 57 2.33 -2.82 -3.87
C TYR A 57 3.33 -2.05 -2.98
N ILE A 58 3.57 -2.57 -1.78
CA ILE A 58 4.51 -1.95 -0.84
C ILE A 58 5.67 -2.91 -0.49
N ASN A 59 6.88 -2.56 -0.93
CA ASN A 59 8.04 -3.43 -0.73
C ASN A 59 8.68 -3.19 0.65
N PHE A 60 8.17 -3.89 1.67
CA PHE A 60 8.73 -3.82 3.02
C PHE A 60 10.13 -4.43 3.09
N ARG A 61 11.05 -3.76 3.79
CA ARG A 61 12.40 -4.28 4.00
C ARG A 61 12.46 -5.17 5.26
N ASN A 62 11.65 -4.83 6.26
CA ASN A 62 11.71 -5.45 7.59
C ASN A 62 10.35 -6.05 8.00
N PRO A 63 10.32 -7.35 8.39
CA PRO A 63 9.09 -8.01 8.86
C PRO A 63 8.54 -7.37 10.15
N ASP A 64 9.43 -6.85 10.97
CA ASP A 64 9.04 -6.13 12.20
C ASP A 64 8.41 -4.77 11.84
N ASP A 65 8.81 -4.20 10.70
CA ASP A 65 8.24 -2.95 10.22
C ASP A 65 6.79 -3.15 9.76
N ILE A 66 6.49 -4.37 9.29
CA ILE A 66 5.14 -4.73 8.86
C ILE A 66 4.12 -4.60 10.02
N LEU A 67 4.39 -5.29 11.14
CA LEU A 67 3.50 -5.23 12.31
C LEU A 67 3.47 -3.82 12.93
N LEU A 68 4.46 -3.00 12.59
CA LEU A 68 4.49 -1.60 13.02
C LEU A 68 3.49 -0.74 12.23
N PHE A 69 3.70 -0.66 10.92
CA PHE A 69 2.86 0.19 10.06
C PHE A 69 1.46 -0.41 9.81
N ARG A 70 1.33 -1.73 9.83
CA ARG A 70 0.02 -2.35 9.60
C ARG A 70 -1.01 -1.90 10.64
N ASP A 71 -0.64 -1.98 11.92
CA ASP A 71 -1.54 -1.63 13.03
C ASP A 71 -2.17 -0.23 12.86
N ARG A 72 -1.33 0.77 12.59
CA ARG A 72 -1.79 2.16 12.44
C ARG A 72 -2.55 2.40 11.12
N PHE A 73 -2.27 1.58 10.10
CA PHE A 73 -2.90 1.71 8.79
C PHE A 73 -3.95 0.62 8.53
N ASP A 74 -4.19 -0.22 9.51
CA ASP A 74 -5.09 -1.37 9.39
C ASP A 74 -6.50 -0.97 8.92
N GLY A 75 -6.71 -1.01 7.61
CA GLY A 75 -8.04 -0.82 7.03
C GLY A 75 -8.66 0.53 7.35
N TYR A 76 -7.86 1.59 7.31
CA TYR A 76 -8.37 2.94 7.60
C TYR A 76 -9.03 3.57 6.36
N ILE A 77 -9.88 4.56 6.58
CA ILE A 77 -10.62 5.20 5.47
C ILE A 77 -9.99 6.54 5.08
N PHE A 78 -9.30 6.57 3.93
CA PHE A 78 -8.74 7.81 3.39
C PHE A 78 -9.78 8.52 2.49
N LEU A 79 -10.00 9.80 2.72
CA LEU A 79 -11.01 10.56 1.96
C LEU A 79 -10.37 11.51 0.94
N ASP A 80 -10.88 11.47 -0.29
CA ASP A 80 -10.45 12.41 -1.34
C ASP A 80 -11.06 13.81 -1.08
N SER A 81 -10.51 14.83 -1.75
CA SER A 81 -11.01 16.20 -1.61
C SER A 81 -12.52 16.31 -1.93
N LYS A 82 -13.00 15.45 -2.83
CA LYS A 82 -14.41 15.44 -3.22
C LYS A 82 -15.29 14.64 -2.24
N GLY A 83 -14.64 13.88 -1.36
CA GLY A 83 -15.39 13.05 -0.41
C GLY A 83 -15.52 11.59 -0.87
N LEU A 84 -14.40 10.98 -1.25
CA LEU A 84 -14.38 9.57 -1.67
C LEU A 84 -13.65 8.69 -0.64
N GLU A 85 -14.31 7.62 -0.18
CA GLU A 85 -13.74 6.73 0.84
C GLU A 85 -12.81 5.69 0.22
N TYR A 86 -11.56 5.66 0.68
CA TYR A 86 -10.58 4.64 0.26
C TYR A 86 -10.17 3.77 1.45
N PRO A 87 -10.79 2.57 1.60
CA PRO A 87 -10.43 1.63 2.67
C PRO A 87 -9.08 0.92 2.39
N ALA A 88 -8.01 1.43 3.00
CA ALA A 88 -6.67 0.87 2.79
C ALA A 88 -6.41 -0.35 3.70
N VAL A 89 -6.72 -1.54 3.19
CA VAL A 89 -6.49 -2.78 3.95
C VAL A 89 -5.06 -3.32 3.73
N VAL A 90 -4.31 -3.46 4.81
CA VAL A 90 -2.92 -3.92 4.73
C VAL A 90 -2.82 -5.44 4.96
N GLU A 91 -2.65 -6.20 3.87
CA GLU A 91 -2.54 -7.67 3.95
C GLU A 91 -1.30 -8.19 3.22
N PHE A 92 -0.86 -9.40 3.57
CA PHE A 92 0.34 -9.99 2.99
C PHE A 92 0.04 -10.71 1.66
N ALA A 93 1.10 -11.07 0.93
CA ALA A 93 0.95 -11.85 -0.31
C ALA A 93 1.38 -13.31 -0.10
N PRO A 94 0.65 -14.28 -0.69
CA PRO A 94 0.94 -15.72 -0.55
C PRO A 94 2.39 -16.09 -0.92
N PHE A 95 3.12 -16.68 0.02
CA PHE A 95 4.51 -17.09 -0.20
C PHE A 95 4.59 -18.29 -1.16
N GLN A 96 5.54 -18.22 -2.11
CA GLN A 96 5.67 -19.25 -3.15
C GLN A 96 6.76 -20.30 -2.81
N LYS A 97 6.35 -21.56 -2.78
CA LYS A 97 7.29 -22.69 -2.65
C LYS A 97 8.29 -22.74 -3.83
N MET A 1 15.06 -14.31 -5.21
CA MET A 1 16.09 -15.33 -5.57
C MET A 1 16.29 -16.35 -4.44
N GLY A 2 17.20 -17.31 -4.65
CA GLY A 2 17.40 -18.39 -3.68
C GLY A 2 16.42 -19.53 -3.89
N HIS A 3 16.88 -20.62 -4.52
CA HIS A 3 16.00 -21.73 -4.91
C HIS A 3 15.39 -22.46 -3.70
N HIS A 4 14.39 -21.82 -3.09
CA HIS A 4 13.64 -22.38 -1.96
C HIS A 4 12.59 -21.37 -1.47
N HIS A 5 11.52 -21.85 -0.85
CA HIS A 5 10.39 -20.98 -0.48
C HIS A 5 10.61 -20.28 0.87
N HIS A 6 11.27 -20.94 1.80
CA HIS A 6 11.52 -20.36 3.13
C HIS A 6 12.52 -19.19 3.06
N HIS A 7 12.01 -17.98 3.25
CA HIS A 7 12.85 -16.76 3.32
C HIS A 7 12.31 -15.78 4.38
N HIS A 8 12.93 -14.61 4.47
CA HIS A 8 12.44 -13.52 5.33
C HIS A 8 12.31 -12.22 4.52
N SER A 9 11.96 -11.11 5.19
CA SER A 9 11.75 -9.81 4.52
C SER A 9 10.61 -9.86 3.50
N HIS A 10 9.61 -10.70 3.78
CA HIS A 10 8.46 -10.88 2.88
C HIS A 10 7.62 -9.59 2.75
N MET A 11 7.31 -9.23 1.51
CA MET A 11 6.51 -8.03 1.23
C MET A 11 5.06 -8.19 1.69
N VAL A 12 4.38 -7.06 1.90
CA VAL A 12 2.97 -7.05 2.30
C VAL A 12 2.18 -6.04 1.44
N VAL A 13 1.02 -6.45 0.93
CA VAL A 13 0.28 -5.65 -0.05
C VAL A 13 -0.90 -4.88 0.57
N ILE A 14 -1.37 -3.87 -0.16
CA ILE A 14 -2.51 -3.05 0.28
C ILE A 14 -3.77 -3.40 -0.53
N ARG A 15 -4.91 -3.50 0.13
CA ARG A 15 -6.17 -3.94 -0.50
C ARG A 15 -7.26 -2.86 -0.43
N ARG A 16 -8.28 -3.00 -1.27
CA ARG A 16 -9.45 -2.10 -1.30
C ARG A 16 -9.16 -0.75 -1.98
N LEU A 17 -8.22 -0.73 -2.91
CA LEU A 17 -7.88 0.48 -3.67
C LEU A 17 -8.73 0.61 -4.94
N PRO A 18 -9.68 1.57 -4.97
CA PRO A 18 -10.51 1.85 -6.14
C PRO A 18 -9.93 2.97 -7.03
N PRO A 19 -10.20 2.95 -8.35
CA PRO A 19 -9.76 4.01 -9.27
C PRO A 19 -10.29 5.39 -8.89
N GLY A 20 -9.39 6.33 -8.61
CA GLY A 20 -9.80 7.68 -8.21
C GLY A 20 -8.67 8.70 -8.23
N LEU A 21 -7.49 8.29 -7.77
CA LEU A 21 -6.35 9.22 -7.68
C LEU A 21 -5.06 8.62 -8.26
N THR A 22 -4.09 9.48 -8.54
CA THR A 22 -2.80 9.07 -9.12
C THR A 22 -1.77 8.81 -8.03
N LYS A 23 -0.77 7.97 -8.33
CA LYS A 23 0.28 7.59 -7.37
C LYS A 23 0.83 8.78 -6.56
N GLU A 24 0.80 9.98 -7.13
CA GLU A 24 1.23 11.20 -6.43
C GLU A 24 0.58 11.33 -5.04
N GLN A 25 -0.75 11.49 -5.04
CA GLN A 25 -1.51 11.66 -3.79
C GLN A 25 -1.96 10.30 -3.24
N LEU A 26 -1.47 9.23 -3.86
CA LEU A 26 -1.83 7.86 -3.47
C LEU A 26 -0.69 7.18 -2.68
N GLU A 27 0.55 7.56 -2.99
CA GLU A 27 1.71 6.97 -2.32
C GLU A 27 1.86 7.50 -0.88
N GLU A 28 1.45 8.75 -0.67
CA GLU A 28 1.66 9.43 0.62
C GLU A 28 0.92 8.73 1.78
N GLN A 29 -0.11 7.94 1.47
CA GLN A 29 -0.84 7.19 2.51
C GLN A 29 -0.62 5.67 2.38
N LEU A 30 0.18 5.25 1.40
CA LEU A 30 0.50 3.82 1.21
C LEU A 30 1.95 3.49 1.59
N ARG A 31 2.86 4.46 1.47
CA ARG A 31 4.28 4.23 1.82
C ARG A 31 4.87 5.31 2.77
N PRO A 32 4.07 5.90 3.70
CA PRO A 32 4.57 7.01 4.57
C PRO A 32 5.50 6.51 5.70
N LEU A 33 6.09 5.34 5.51
CA LEU A 33 7.02 4.77 6.49
C LEU A 33 8.38 5.48 6.41
N PRO A 34 9.09 5.64 7.55
CA PRO A 34 10.37 6.36 7.63
C PRO A 34 11.34 6.07 6.47
N ALA A 35 11.56 4.78 6.16
CA ALA A 35 12.46 4.40 5.06
C ALA A 35 12.32 2.93 4.66
N HIS A 36 12.01 2.70 3.38
CA HIS A 36 11.94 1.34 2.81
C HIS A 36 11.53 1.41 1.33
N ASP A 37 11.85 0.36 0.58
CA ASP A 37 11.47 0.28 -0.84
C ASP A 37 9.95 0.20 -1.00
N TYR A 38 9.46 0.66 -2.15
CA TYR A 38 8.02 0.64 -2.46
C TYR A 38 7.77 0.14 -3.89
N PHE A 39 6.56 -0.38 -4.13
CA PHE A 39 6.24 -1.00 -5.41
C PHE A 39 5.43 -0.04 -6.31
N GLU A 40 5.08 -0.50 -7.51
CA GLU A 40 4.30 0.32 -8.46
C GLU A 40 2.89 0.66 -7.93
N PHE A 41 2.49 1.92 -8.13
CA PHE A 41 1.14 2.37 -7.79
C PHE A 41 0.36 2.68 -9.07
N PHE A 42 -0.97 2.60 -9.02
CA PHE A 42 -1.80 2.84 -10.20
C PHE A 42 -2.03 4.35 -10.43
N ALA A 43 -2.65 4.69 -11.56
CA ALA A 43 -2.98 6.08 -11.90
C ALA A 43 -4.38 6.19 -12.50
N ALA A 44 -5.23 6.99 -11.87
CA ALA A 44 -6.60 7.20 -12.34
C ALA A 44 -7.13 8.57 -11.90
N ASP A 45 -8.10 9.09 -12.65
CA ASP A 45 -8.71 10.40 -12.35
C ASP A 45 -10.14 10.23 -11.79
N LEU A 46 -10.37 10.78 -10.61
CA LEU A 46 -11.69 10.70 -9.97
C LEU A 46 -12.73 11.56 -10.72
N SER A 47 -13.25 11.00 -11.81
CA SER A 47 -14.26 11.69 -12.64
C SER A 47 -15.54 10.85 -12.74
N LEU A 48 -16.48 11.30 -13.56
CA LEU A 48 -17.77 10.61 -13.72
C LEU A 48 -17.58 9.23 -14.37
N TYR A 49 -17.88 8.19 -13.61
CA TYR A 49 -17.74 6.80 -14.06
C TYR A 49 -16.27 6.41 -14.31
N PRO A 50 -15.58 5.93 -13.25
CA PRO A 50 -14.19 5.47 -13.38
C PRO A 50 -14.07 4.20 -14.23
N HIS A 51 -13.89 4.39 -15.54
CA HIS A 51 -13.79 3.28 -16.49
C HIS A 51 -12.42 2.57 -16.40
N LEU A 52 -12.18 1.89 -15.28
CA LEU A 52 -10.90 1.24 -15.01
C LEU A 52 -10.97 0.42 -13.71
N TYR A 53 -10.00 -0.50 -13.53
CA TYR A 53 -9.86 -1.23 -12.26
C TYR A 53 -8.39 -1.67 -12.05
N SER A 54 -7.74 -1.07 -11.05
CA SER A 54 -6.31 -1.30 -10.81
C SER A 54 -5.94 -1.01 -9.35
N ARG A 55 -5.11 -1.87 -8.76
CA ARG A 55 -4.69 -1.70 -7.35
C ARG A 55 -3.18 -1.46 -7.24
N ALA A 56 -2.76 -0.91 -6.09
CA ALA A 56 -1.34 -0.60 -5.84
C ALA A 56 -0.69 -1.69 -4.96
N TYR A 57 0.64 -1.73 -4.94
CA TYR A 57 1.38 -2.75 -4.18
C TYR A 57 2.47 -2.12 -3.30
N ILE A 58 2.89 -2.85 -2.27
CA ILE A 58 3.91 -2.36 -1.32
C ILE A 58 4.99 -3.42 -1.04
N ASN A 59 6.24 -2.98 -0.91
CA ASN A 59 7.35 -3.87 -0.54
C ASN A 59 7.97 -3.46 0.80
N PHE A 60 8.46 -4.43 1.56
CA PHE A 60 9.03 -4.16 2.90
C PHE A 60 10.48 -4.63 3.02
N ARG A 61 11.12 -4.27 4.14
CA ARG A 61 12.49 -4.69 4.43
C ARG A 61 12.60 -5.29 5.85
N ASN A 62 12.19 -4.51 6.85
CA ASN A 62 12.38 -4.89 8.26
C ASN A 62 11.09 -5.47 8.88
N PRO A 63 11.21 -6.61 9.61
CA PRO A 63 10.06 -7.29 10.26
C PRO A 63 9.18 -6.35 11.09
N ASP A 64 9.81 -5.61 12.02
CA ASP A 64 9.09 -4.66 12.88
C ASP A 64 8.36 -3.60 12.04
N ASP A 65 8.98 -3.18 10.94
CA ASP A 65 8.40 -2.14 10.07
C ASP A 65 7.07 -2.64 9.45
N ILE A 66 7.00 -3.95 9.24
CA ILE A 66 5.77 -4.60 8.74
C ILE A 66 4.63 -4.51 9.77
N LEU A 67 4.81 -5.18 10.91
CA LEU A 67 3.76 -5.27 11.94
C LEU A 67 3.40 -3.89 12.53
N LEU A 68 4.40 -3.00 12.64
CA LEU A 68 4.19 -1.66 13.18
C LEU A 68 3.13 -0.88 12.38
N PHE A 69 3.44 -0.59 11.13
CA PHE A 69 2.53 0.18 10.28
C PHE A 69 1.28 -0.62 9.88
N ARG A 70 1.40 -1.94 9.84
CA ARG A 70 0.23 -2.81 9.63
C ARG A 70 -0.84 -2.53 10.68
N ASP A 71 -0.43 -2.43 11.94
CA ASP A 71 -1.34 -2.18 13.06
C ASP A 71 -2.22 -0.92 12.84
N ARG A 72 -1.57 0.20 12.53
CA ARG A 72 -2.26 1.48 12.39
C ARG A 72 -2.99 1.61 11.03
N PHE A 73 -2.46 0.97 9.98
CA PHE A 73 -3.06 1.06 8.64
C PHE A 73 -4.02 -0.11 8.32
N ASP A 74 -4.19 -1.03 9.27
CA ASP A 74 -5.11 -2.16 9.10
C ASP A 74 -6.57 -1.66 9.05
N GLY A 75 -7.03 -1.28 7.86
CA GLY A 75 -8.39 -0.77 7.70
C GLY A 75 -8.47 0.75 7.92
N TYR A 76 -7.53 1.46 7.31
CA TYR A 76 -7.42 2.92 7.45
C TYR A 76 -8.17 3.67 6.34
N ILE A 77 -9.11 4.53 6.73
CA ILE A 77 -9.91 5.32 5.78
C ILE A 77 -9.28 6.70 5.52
N PHE A 78 -9.08 7.03 4.24
CA PHE A 78 -8.51 8.32 3.83
C PHE A 78 -9.54 9.14 3.02
N LEU A 79 -9.74 10.40 3.41
CA LEU A 79 -10.71 11.28 2.74
C LEU A 79 -10.05 12.38 1.90
N ASP A 80 -10.55 12.54 0.67
CA ASP A 80 -10.15 13.66 -0.19
C ASP A 80 -11.18 14.80 -0.07
N SER A 81 -10.91 15.96 -0.68
CA SER A 81 -11.87 17.09 -0.68
C SER A 81 -13.22 16.68 -1.28
N LYS A 82 -13.23 15.64 -2.12
CA LYS A 82 -14.47 15.12 -2.71
C LYS A 82 -15.27 14.25 -1.71
N GLY A 83 -14.73 14.08 -0.50
CA GLY A 83 -15.39 13.28 0.53
C GLY A 83 -15.41 11.78 0.21
N LEU A 84 -14.49 11.32 -0.62
CA LEU A 84 -14.41 9.90 -0.99
C LEU A 84 -13.63 9.10 0.06
N GLU A 85 -14.27 8.06 0.61
CA GLU A 85 -13.64 7.22 1.63
C GLU A 85 -12.76 6.13 0.99
N TYR A 86 -11.46 6.40 0.90
CA TYR A 86 -10.50 5.41 0.39
C TYR A 86 -10.09 4.43 1.50
N PRO A 87 -10.47 3.14 1.38
CA PRO A 87 -10.18 2.14 2.39
C PRO A 87 -8.83 1.42 2.16
N ALA A 88 -7.87 1.70 3.02
CA ALA A 88 -6.55 1.06 2.94
C ALA A 88 -6.47 -0.17 3.87
N VAL A 89 -6.52 -1.36 3.29
CA VAL A 89 -6.45 -2.61 4.07
C VAL A 89 -5.12 -3.35 3.83
N VAL A 90 -4.20 -3.27 4.79
CA VAL A 90 -2.90 -3.94 4.68
C VAL A 90 -3.03 -5.45 4.96
N GLU A 91 -2.79 -6.28 3.95
CA GLU A 91 -2.90 -7.74 4.11
C GLU A 91 -1.68 -8.49 3.55
N PHE A 92 -1.42 -9.67 4.10
CA PHE A 92 -0.22 -10.46 3.76
C PHE A 92 -0.38 -11.16 2.39
N ALA A 93 0.67 -11.07 1.57
CA ALA A 93 0.70 -11.75 0.26
C ALA A 93 1.38 -13.13 0.38
N PRO A 94 1.10 -14.07 -0.55
CA PRO A 94 1.65 -15.45 -0.50
C PRO A 94 3.18 -15.53 -0.70
N PHE A 95 3.85 -14.38 -0.71
CA PHE A 95 5.31 -14.30 -0.89
C PHE A 95 5.77 -14.81 -2.27
N GLN A 96 5.89 -16.13 -2.42
CA GLN A 96 6.36 -16.74 -3.66
C GLN A 96 5.66 -18.06 -3.98
N LYS A 97 5.39 -18.29 -5.26
CA LYS A 97 4.76 -19.53 -5.72
C LYS A 97 5.81 -20.64 -5.95
N MET A 1 25.87 -0.92 13.63
CA MET A 1 26.43 -2.13 12.97
C MET A 1 25.33 -2.88 12.20
N GLY A 2 25.70 -3.52 11.09
CA GLY A 2 24.75 -4.27 10.28
C GLY A 2 23.85 -3.38 9.41
N HIS A 3 24.45 -2.36 8.80
CA HIS A 3 23.71 -1.45 7.90
C HIS A 3 23.85 -1.89 6.43
N HIS A 4 25.08 -2.15 6.00
CA HIS A 4 25.36 -2.61 4.63
C HIS A 4 24.73 -3.99 4.37
N HIS A 5 24.85 -4.89 5.34
CA HIS A 5 24.31 -6.25 5.21
C HIS A 5 22.79 -6.25 5.41
N HIS A 6 22.04 -6.09 4.31
CA HIS A 6 20.57 -5.97 4.37
C HIS A 6 19.89 -7.32 4.60
N HIS A 7 18.70 -7.26 5.22
CA HIS A 7 17.96 -8.46 5.63
C HIS A 7 16.71 -8.67 4.77
N HIS A 8 16.36 -9.93 4.49
CA HIS A 8 15.15 -10.25 3.72
C HIS A 8 13.90 -10.19 4.62
N SER A 9 12.87 -9.50 4.16
CA SER A 9 11.63 -9.32 4.95
C SER A 9 10.42 -9.99 4.28
N HIS A 10 9.26 -9.88 4.93
CA HIS A 10 8.02 -10.49 4.42
C HIS A 10 7.13 -9.43 3.75
N MET A 11 6.93 -9.55 2.44
CA MET A 11 6.10 -8.61 1.67
C MET A 11 4.65 -8.55 2.20
N VAL A 12 4.09 -7.34 2.24
CA VAL A 12 2.71 -7.12 2.64
C VAL A 12 1.98 -6.25 1.59
N VAL A 13 0.82 -6.70 1.13
CA VAL A 13 0.12 -6.05 0.03
C VAL A 13 -1.04 -5.15 0.50
N ILE A 14 -1.66 -4.45 -0.46
CA ILE A 14 -2.75 -3.51 -0.17
C ILE A 14 -3.96 -3.77 -1.10
N ARG A 15 -5.17 -3.70 -0.56
CA ARG A 15 -6.39 -3.94 -1.36
C ARG A 15 -7.48 -2.88 -1.10
N ARG A 16 -8.61 -3.02 -1.80
CA ARG A 16 -9.77 -2.11 -1.66
C ARG A 16 -9.51 -0.73 -2.32
N LEU A 17 -8.50 -0.64 -3.17
CA LEU A 17 -8.16 0.62 -3.86
C LEU A 17 -9.23 1.00 -4.92
N PRO A 18 -9.98 2.11 -4.70
CA PRO A 18 -10.94 2.63 -5.66
C PRO A 18 -10.37 3.78 -6.52
N PRO A 19 -10.79 3.89 -7.81
CA PRO A 19 -10.33 4.96 -8.71
C PRO A 19 -10.92 6.34 -8.35
N GLY A 20 -10.13 7.17 -7.67
CA GLY A 20 -10.58 8.52 -7.33
C GLY A 20 -9.44 9.45 -6.88
N LEU A 21 -8.20 9.11 -7.21
CA LEU A 21 -7.04 9.89 -6.78
C LEU A 21 -5.76 9.45 -7.52
N THR A 22 -4.81 10.38 -7.64
CA THR A 22 -3.56 10.12 -8.36
C THR A 22 -2.53 9.47 -7.44
N LYS A 23 -1.65 8.64 -8.03
CA LYS A 23 -0.61 7.93 -7.27
C LYS A 23 0.08 8.83 -6.23
N GLU A 24 0.31 10.09 -6.56
CA GLU A 24 0.98 11.02 -5.64
C GLU A 24 0.22 11.17 -4.31
N GLN A 25 -1.10 11.34 -4.39
CA GLN A 25 -1.94 11.47 -3.18
C GLN A 25 -2.37 10.09 -2.67
N LEU A 26 -2.04 9.06 -3.45
CA LEU A 26 -2.41 7.68 -3.16
C LEU A 26 -1.26 6.92 -2.45
N GLU A 27 -0.02 7.22 -2.82
CA GLU A 27 1.14 6.48 -2.31
C GLU A 27 1.64 7.04 -0.97
N GLU A 28 1.32 8.30 -0.69
CA GLU A 28 1.72 8.94 0.58
C GLU A 28 1.21 8.16 1.80
N GLN A 29 0.11 7.43 1.61
CA GLN A 29 -0.47 6.60 2.69
C GLN A 29 -0.04 5.13 2.56
N LEU A 30 0.68 4.81 1.49
CA LEU A 30 1.16 3.44 1.24
C LEU A 30 2.68 3.33 1.46
N ARG A 31 3.38 4.48 1.48
CA ARG A 31 4.83 4.49 1.73
C ARG A 31 5.30 5.56 2.74
N PRO A 32 4.53 5.90 3.81
CA PRO A 32 4.98 6.82 4.86
C PRO A 32 5.80 6.12 5.96
N LEU A 33 6.33 4.94 5.63
CA LEU A 33 7.06 4.10 6.59
C LEU A 33 8.53 4.54 6.72
N PRO A 34 9.20 4.24 7.86
CA PRO A 34 10.56 4.72 8.13
C PRO A 34 11.62 4.23 7.13
N ALA A 35 11.67 2.91 6.86
CA ALA A 35 12.74 2.37 6.01
C ALA A 35 12.29 1.13 5.21
N HIS A 36 11.81 1.38 3.99
CA HIS A 36 11.45 0.29 3.06
C HIS A 36 11.33 0.83 1.62
N ASP A 37 10.84 0.00 0.72
CA ASP A 37 10.67 0.41 -0.68
C ASP A 37 9.19 0.27 -1.10
N TYR A 38 8.85 0.63 -2.34
CA TYR A 38 7.46 0.61 -2.80
C TYR A 38 7.36 0.13 -4.26
N PHE A 39 6.16 -0.23 -4.70
CA PHE A 39 5.94 -0.69 -6.07
C PHE A 39 5.27 0.39 -6.94
N GLU A 40 5.07 0.06 -8.21
CA GLU A 40 4.40 0.94 -9.16
C GLU A 40 2.94 1.20 -8.76
N PHE A 41 2.62 2.45 -8.42
CA PHE A 41 1.27 2.84 -8.02
C PHE A 41 0.48 3.42 -9.20
N PHE A 42 -0.76 2.98 -9.35
CA PHE A 42 -1.63 3.43 -10.44
C PHE A 42 -2.03 4.90 -10.28
N ALA A 43 -2.22 5.60 -11.40
CA ALA A 43 -2.72 6.97 -11.41
C ALA A 43 -4.18 7.00 -11.86
N ALA A 44 -5.11 6.88 -10.91
CA ALA A 44 -6.54 6.81 -11.23
C ALA A 44 -7.21 8.19 -11.09
N ASP A 45 -7.55 8.79 -12.23
CA ASP A 45 -8.22 10.11 -12.25
C ASP A 45 -9.46 10.14 -11.33
N LEU A 46 -9.65 11.24 -10.62
CA LEU A 46 -10.75 11.37 -9.65
C LEU A 46 -12.14 11.29 -10.33
N SER A 47 -12.16 11.32 -11.66
CA SER A 47 -13.40 11.13 -12.43
C SER A 47 -13.28 9.90 -13.36
N LEU A 48 -12.54 8.89 -12.91
CA LEU A 48 -12.38 7.64 -13.67
C LEU A 48 -13.52 6.66 -13.35
N TYR A 49 -13.84 5.78 -14.31
CA TYR A 49 -14.95 4.84 -14.17
C TYR A 49 -14.48 3.51 -13.55
N PRO A 50 -15.35 2.81 -12.79
CA PRO A 50 -15.02 1.50 -12.18
C PRO A 50 -14.70 0.42 -13.24
N HIS A 51 -14.54 -0.83 -12.78
CA HIS A 51 -14.22 -1.98 -13.64
C HIS A 51 -12.75 -1.94 -14.12
N LEU A 52 -12.05 -0.84 -13.84
CA LEU A 52 -10.62 -0.76 -14.08
C LEU A 52 -9.87 -1.31 -12.86
N TYR A 53 -9.27 -2.50 -13.00
CA TYR A 53 -8.58 -3.15 -11.89
C TYR A 53 -7.36 -2.34 -11.39
N SER A 54 -7.65 -1.39 -10.51
CA SER A 54 -6.62 -0.54 -9.91
C SER A 54 -5.87 -1.28 -8.80
N ARG A 55 -4.74 -1.90 -9.16
CA ARG A 55 -3.95 -2.71 -8.23
C ARG A 55 -2.65 -2.00 -7.82
N ALA A 56 -2.24 -2.19 -6.56
CA ALA A 56 -1.01 -1.59 -6.03
C ALA A 56 -0.32 -2.54 -5.04
N TYR A 57 1.00 -2.37 -4.86
CA TYR A 57 1.78 -3.22 -3.94
C TYR A 57 2.83 -2.42 -3.16
N ILE A 58 3.31 -2.99 -2.05
CA ILE A 58 4.33 -2.35 -1.22
C ILE A 58 5.54 -3.28 -1.01
N ASN A 59 6.76 -2.74 -1.12
CA ASN A 59 7.97 -3.56 -0.99
C ASN A 59 8.63 -3.38 0.39
N PHE A 60 8.26 -4.23 1.34
CA PHE A 60 8.82 -4.20 2.69
C PHE A 60 10.25 -4.74 2.75
N ARG A 61 11.16 -3.98 3.36
CA ARG A 61 12.56 -4.35 3.48
C ARG A 61 12.98 -4.57 4.95
N ASN A 62 12.03 -4.46 5.88
CA ASN A 62 12.32 -4.57 7.31
C ASN A 62 11.14 -5.18 8.08
N PRO A 63 11.38 -6.23 8.92
CA PRO A 63 10.33 -6.83 9.75
C PRO A 63 9.64 -5.81 10.70
N ASP A 64 10.44 -4.97 11.35
CA ASP A 64 9.90 -3.90 12.22
C ASP A 64 8.96 -2.98 11.43
N ASP A 65 9.41 -2.58 10.24
CA ASP A 65 8.64 -1.71 9.33
C ASP A 65 7.24 -2.29 9.03
N ILE A 66 7.15 -3.62 9.00
CA ILE A 66 5.88 -4.32 8.73
C ILE A 66 4.82 -4.05 9.82
N LEU A 67 5.01 -4.66 11.00
CA LEU A 67 4.02 -4.60 12.07
C LEU A 67 3.80 -3.16 12.59
N LEU A 68 4.80 -2.31 12.37
CA LEU A 68 4.72 -0.91 12.78
C LEU A 68 3.54 -0.17 12.11
N PHE A 69 3.47 -0.23 10.79
CA PHE A 69 2.46 0.53 10.04
C PHE A 69 1.20 -0.27 9.71
N ARG A 70 1.33 -1.56 9.41
CA ARG A 70 0.14 -2.37 9.06
C ARG A 70 -0.89 -2.35 10.20
N ASP A 71 -0.40 -2.20 11.44
CA ASP A 71 -1.27 -2.17 12.62
C ASP A 71 -1.96 -0.81 12.80
N ARG A 72 -1.21 0.29 12.59
CA ARG A 72 -1.74 1.65 12.80
C ARG A 72 -2.67 2.08 11.65
N PHE A 73 -2.53 1.45 10.48
CA PHE A 73 -3.45 1.67 9.36
C PHE A 73 -4.64 0.69 9.44
N ASP A 74 -4.35 -0.60 9.35
CA ASP A 74 -5.35 -1.67 9.57
C ASP A 74 -6.67 -1.42 8.81
N GLY A 75 -6.57 -0.98 7.55
CA GLY A 75 -7.74 -0.76 6.73
C GLY A 75 -8.55 0.46 7.12
N TYR A 76 -7.91 1.64 7.12
CA TYR A 76 -8.59 2.89 7.51
C TYR A 76 -9.22 3.59 6.30
N ILE A 77 -10.23 4.43 6.56
CA ILE A 77 -10.92 5.19 5.51
C ILE A 77 -10.25 6.54 5.26
N PHE A 78 -9.64 6.71 4.10
CA PHE A 78 -9.04 7.99 3.71
C PHE A 78 -10.02 8.82 2.85
N LEU A 79 -10.17 10.09 3.19
CA LEU A 79 -11.03 11.00 2.43
C LEU A 79 -10.25 12.18 1.84
N ASP A 80 -10.08 12.19 0.53
CA ASP A 80 -9.39 13.28 -0.16
C ASP A 80 -10.37 14.44 -0.44
N SER A 81 -9.93 15.45 -1.20
CA SER A 81 -10.74 16.65 -1.51
C SER A 81 -12.20 16.32 -1.87
N LYS A 82 -12.40 15.40 -2.82
CA LYS A 82 -13.76 15.03 -3.27
C LYS A 82 -14.58 14.30 -2.17
N GLY A 83 -13.91 13.77 -1.16
CA GLY A 83 -14.59 13.06 -0.08
C GLY A 83 -14.95 11.63 -0.44
N LEU A 84 -14.20 11.02 -1.35
CA LEU A 84 -14.42 9.63 -1.75
C LEU A 84 -13.74 8.67 -0.76
N GLU A 85 -14.51 7.74 -0.19
CA GLU A 85 -13.99 6.77 0.78
C GLU A 85 -12.96 5.82 0.17
N TYR A 86 -11.69 5.99 0.55
CA TYR A 86 -10.61 5.08 0.14
C TYR A 86 -10.18 4.18 1.31
N PRO A 87 -10.72 2.95 1.39
CA PRO A 87 -10.35 2.00 2.46
C PRO A 87 -9.01 1.29 2.18
N ALA A 88 -7.92 1.82 2.74
CA ALA A 88 -6.60 1.22 2.55
C ALA A 88 -6.42 -0.03 3.41
N VAL A 89 -6.93 -1.17 2.93
CA VAL A 89 -6.86 -2.43 3.68
C VAL A 89 -5.52 -3.16 3.45
N VAL A 90 -4.75 -3.32 4.52
CA VAL A 90 -3.42 -3.91 4.45
C VAL A 90 -3.44 -5.41 4.82
N GLU A 91 -2.91 -6.27 3.95
CA GLU A 91 -2.87 -7.72 4.21
C GLU A 91 -1.55 -8.33 3.73
N PHE A 92 -1.12 -9.40 4.40
CA PHE A 92 0.17 -10.05 4.10
C PHE A 92 0.19 -10.72 2.72
N ALA A 93 1.39 -10.87 2.16
CA ALA A 93 1.57 -11.58 0.88
C ALA A 93 1.81 -13.10 1.10
N PRO A 94 1.37 -13.95 0.16
CA PRO A 94 1.49 -15.42 0.29
C PRO A 94 2.93 -15.94 0.09
N PHE A 95 3.45 -16.64 1.11
CA PHE A 95 4.78 -17.27 1.04
C PHE A 95 4.68 -18.76 0.68
N GLN A 96 3.53 -19.16 0.16
CA GLN A 96 3.24 -20.57 -0.14
C GLN A 96 3.77 -20.99 -1.52
N LYS A 97 4.47 -22.14 -1.57
CA LYS A 97 4.82 -22.77 -2.84
C LYS A 97 3.56 -23.33 -3.55
N MET A 1 32.51 0.40 4.68
CA MET A 1 32.05 -0.49 5.77
C MET A 1 30.69 -0.07 6.32
N GLY A 2 29.94 -1.01 6.86
CA GLY A 2 28.62 -0.70 7.41
C GLY A 2 27.69 -1.91 7.45
N HIS A 3 27.18 -2.32 6.30
CA HIS A 3 26.22 -3.43 6.22
C HIS A 3 26.76 -4.63 5.43
N HIS A 4 27.20 -5.67 6.14
CA HIS A 4 27.56 -6.95 5.51
C HIS A 4 26.46 -7.99 5.73
N HIS A 5 25.34 -7.56 6.30
CA HIS A 5 24.15 -8.41 6.47
C HIS A 5 22.87 -7.68 6.04
N HIS A 6 22.37 -7.99 4.84
CA HIS A 6 21.17 -7.34 4.30
C HIS A 6 19.89 -7.94 4.94
N HIS A 7 18.93 -7.07 5.27
CA HIS A 7 17.67 -7.52 5.87
C HIS A 7 16.64 -8.01 4.85
N HIS A 8 15.90 -9.04 5.24
CA HIS A 8 14.82 -9.60 4.42
C HIS A 8 13.50 -9.55 5.19
N SER A 9 12.46 -9.00 4.56
CA SER A 9 11.14 -8.87 5.19
C SER A 9 10.06 -9.64 4.41
N HIS A 10 8.80 -9.43 4.76
CA HIS A 10 7.68 -10.10 4.10
C HIS A 10 6.92 -9.14 3.17
N MET A 11 6.42 -9.66 2.04
CA MET A 11 5.66 -8.86 1.09
C MET A 11 4.27 -8.50 1.64
N VAL A 12 4.17 -7.34 2.29
CA VAL A 12 2.89 -6.86 2.81
C VAL A 12 2.37 -5.69 1.96
N VAL A 13 1.25 -5.90 1.28
CA VAL A 13 0.72 -4.94 0.31
C VAL A 13 -0.56 -4.26 0.79
N ILE A 14 -1.05 -3.30 -0.01
CA ILE A 14 -2.27 -2.55 0.31
C ILE A 14 -3.38 -2.87 -0.71
N ARG A 15 -4.60 -3.18 -0.24
CA ARG A 15 -5.71 -3.54 -1.14
C ARG A 15 -6.99 -2.76 -0.83
N ARG A 16 -8.02 -3.01 -1.65
CA ARG A 16 -9.33 -2.32 -1.58
C ARG A 16 -9.22 -0.84 -2.00
N LEU A 17 -8.20 -0.51 -2.77
CA LEU A 17 -8.05 0.83 -3.36
C LEU A 17 -8.80 0.93 -4.69
N PRO A 18 -9.94 1.67 -4.74
CA PRO A 18 -10.67 1.89 -5.99
C PRO A 18 -10.08 3.04 -6.82
N PRO A 19 -10.20 2.97 -8.17
CA PRO A 19 -9.68 4.02 -9.07
C PRO A 19 -10.28 5.41 -8.80
N GLY A 20 -9.45 6.33 -8.28
CA GLY A 20 -9.91 7.69 -7.99
C GLY A 20 -8.85 8.75 -8.26
N LEU A 21 -7.93 8.91 -7.31
CA LEU A 21 -6.84 9.90 -7.45
C LEU A 21 -5.57 9.30 -8.08
N THR A 22 -4.60 10.16 -8.36
CA THR A 22 -3.33 9.74 -8.96
C THR A 22 -2.29 9.40 -7.87
N LYS A 23 -1.36 8.50 -8.19
CA LYS A 23 -0.29 8.09 -7.26
C LYS A 23 0.39 9.28 -6.56
N GLU A 24 0.47 10.41 -7.27
CA GLU A 24 1.09 11.64 -6.73
C GLU A 24 0.56 11.99 -5.33
N GLN A 25 -0.75 11.90 -5.14
CA GLN A 25 -1.39 12.23 -3.86
C GLN A 25 -1.92 10.97 -3.17
N LEU A 26 -1.69 9.83 -3.79
CA LEU A 26 -2.19 8.54 -3.29
C LEU A 26 -1.12 7.75 -2.53
N GLU A 27 0.11 7.74 -3.03
CA GLU A 27 1.18 6.93 -2.42
C GLU A 27 1.73 7.59 -1.16
N GLU A 28 1.57 8.92 -1.03
CA GLU A 28 2.13 9.67 0.10
C GLU A 28 1.78 9.05 1.47
N GLN A 29 0.50 8.67 1.66
CA GLN A 29 0.08 8.00 2.90
C GLN A 29 0.37 6.49 2.87
N LEU A 30 0.66 5.94 1.69
CA LEU A 30 0.95 4.52 1.54
C LEU A 30 2.46 4.22 1.50
N ARG A 31 3.31 5.27 1.57
CA ARG A 31 4.77 5.08 1.55
C ARG A 31 5.52 5.74 2.75
N PRO A 32 4.89 5.97 3.95
CA PRO A 32 5.57 6.61 5.09
C PRO A 32 6.42 5.63 5.93
N LEU A 33 6.87 4.55 5.27
CA LEU A 33 7.68 3.52 5.93
C LEU A 33 9.17 3.92 5.99
N PRO A 34 9.93 3.44 6.99
CA PRO A 34 11.37 3.70 7.09
C PRO A 34 12.20 2.86 6.08
N ALA A 35 12.59 1.65 6.48
CA ALA A 35 13.32 0.75 5.57
C ALA A 35 12.34 0.07 4.59
N HIS A 36 12.22 0.62 3.37
CA HIS A 36 11.21 0.15 2.42
C HIS A 36 11.53 0.55 0.98
N ASP A 37 10.88 -0.15 0.05
CA ASP A 37 10.84 0.25 -1.36
C ASP A 37 9.37 0.44 -1.78
N TYR A 38 9.00 1.65 -2.22
CA TYR A 38 7.61 1.88 -2.63
C TYR A 38 7.36 1.31 -4.04
N PHE A 39 6.33 0.47 -4.15
CA PHE A 39 6.10 -0.31 -5.37
C PHE A 39 5.17 0.43 -6.36
N GLU A 40 4.44 -0.32 -7.17
CA GLU A 40 3.54 0.26 -8.17
C GLU A 40 2.28 0.88 -7.52
N PHE A 41 2.09 2.18 -7.74
CA PHE A 41 0.87 2.88 -7.32
C PHE A 41 0.11 3.38 -8.55
N PHE A 42 -1.19 3.11 -8.62
CA PHE A 42 -1.98 3.39 -9.81
C PHE A 42 -2.27 4.89 -9.99
N ALA A 43 -2.50 5.31 -11.23
CA ALA A 43 -2.87 6.69 -11.56
C ALA A 43 -4.25 6.71 -12.24
N ALA A 44 -5.27 7.12 -11.50
CA ALA A 44 -6.64 7.07 -12.01
C ALA A 44 -7.33 8.44 -11.99
N ASP A 45 -8.58 8.49 -12.46
CA ASP A 45 -9.38 9.72 -12.47
C ASP A 45 -10.74 9.49 -11.80
N LEU A 46 -11.12 10.40 -10.92
CA LEU A 46 -12.38 10.30 -10.18
C LEU A 46 -13.52 11.08 -10.85
N SER A 47 -13.17 11.95 -11.81
CA SER A 47 -14.17 12.75 -12.53
C SER A 47 -15.26 11.87 -13.16
N LEU A 48 -14.83 10.78 -13.77
CA LEU A 48 -15.76 9.77 -14.31
C LEU A 48 -15.08 8.40 -14.36
N TYR A 49 -15.59 7.45 -13.57
CA TYR A 49 -14.98 6.12 -13.48
C TYR A 49 -15.55 5.16 -14.53
N PRO A 50 -14.69 4.56 -15.38
CA PRO A 50 -15.08 3.49 -16.30
C PRO A 50 -14.91 2.10 -15.64
N HIS A 51 -15.00 1.03 -16.44
CA HIS A 51 -14.75 -0.32 -15.92
C HIS A 51 -13.25 -0.53 -15.69
N LEU A 52 -12.77 -0.11 -14.51
CA LEU A 52 -11.35 -0.18 -14.17
C LEU A 52 -11.13 -0.77 -12.77
N TYR A 53 -10.12 -1.63 -12.63
CA TYR A 53 -9.80 -2.25 -11.34
C TYR A 53 -8.29 -2.18 -11.05
N SER A 54 -7.83 -1.01 -10.61
CA SER A 54 -6.41 -0.77 -10.35
C SER A 54 -6.12 -0.69 -8.84
N ARG A 55 -5.04 -1.33 -8.39
CA ARG A 55 -4.65 -1.32 -6.97
C ARG A 55 -3.15 -1.07 -6.79
N ALA A 56 -2.77 -0.61 -5.60
CA ALA A 56 -1.37 -0.27 -5.30
C ALA A 56 -0.66 -1.41 -4.54
N TYR A 57 0.68 -1.38 -4.56
CA TYR A 57 1.49 -2.40 -3.88
C TYR A 57 2.60 -1.76 -3.02
N ILE A 58 3.02 -2.47 -1.96
CA ILE A 58 4.06 -1.98 -1.05
C ILE A 58 5.15 -3.06 -0.82
N ASN A 59 6.39 -2.63 -0.54
CA ASN A 59 7.49 -3.57 -0.28
C ASN A 59 8.28 -3.16 0.98
N PHE A 60 8.36 -4.07 1.95
CA PHE A 60 9.14 -3.86 3.18
C PHE A 60 10.59 -4.35 3.03
N ARG A 61 11.52 -3.69 3.71
CA ARG A 61 12.91 -4.17 3.79
C ARG A 61 13.19 -4.79 5.16
N ASN A 62 12.58 -4.22 6.20
CA ASN A 62 12.78 -4.69 7.58
C ASN A 62 11.47 -5.27 8.16
N PRO A 63 11.53 -6.43 8.85
CA PRO A 63 10.33 -7.11 9.38
C PRO A 63 9.68 -6.39 10.58
N ASP A 64 10.50 -5.77 11.43
CA ASP A 64 10.01 -5.11 12.66
C ASP A 64 8.98 -4.00 12.36
N ASP A 65 9.00 -3.49 11.14
CA ASP A 65 8.08 -2.42 10.74
C ASP A 65 6.69 -2.96 10.35
N ILE A 66 6.62 -4.24 9.98
CA ILE A 66 5.36 -4.86 9.57
C ILE A 66 4.31 -4.83 10.70
N LEU A 67 4.69 -5.33 11.88
CA LEU A 67 3.79 -5.36 13.04
C LEU A 67 3.35 -3.93 13.45
N LEU A 68 4.20 -2.96 13.16
CA LEU A 68 3.89 -1.55 13.43
C LEU A 68 2.84 -1.00 12.44
N PHE A 69 3.17 -1.03 11.16
CA PHE A 69 2.33 -0.41 10.13
C PHE A 69 0.98 -1.12 9.95
N ARG A 70 0.90 -2.42 10.26
CA ARG A 70 -0.40 -3.10 10.26
C ARG A 70 -1.29 -2.56 11.39
N ASP A 71 -0.67 -2.25 12.53
CA ASP A 71 -1.38 -1.78 13.71
C ASP A 71 -1.95 -0.36 13.49
N ARG A 72 -1.11 0.53 12.99
CA ARG A 72 -1.48 1.94 12.80
C ARG A 72 -2.22 2.20 11.47
N PHE A 73 -2.66 1.14 10.79
CA PHE A 73 -3.40 1.29 9.51
C PHE A 73 -4.52 0.27 9.36
N ASP A 74 -4.16 -1.03 9.42
CA ASP A 74 -5.06 -2.17 9.17
C ASP A 74 -5.98 -1.99 7.92
N GLY A 75 -6.96 -1.09 8.00
CA GLY A 75 -7.86 -0.84 6.88
C GLY A 75 -8.56 0.51 7.01
N TYR A 76 -7.75 1.57 7.13
CA TYR A 76 -8.27 2.92 7.40
C TYR A 76 -8.98 3.53 6.19
N ILE A 77 -9.83 4.51 6.45
CA ILE A 77 -10.56 5.23 5.40
C ILE A 77 -9.81 6.49 4.96
N PHE A 78 -9.23 6.45 3.77
CA PHE A 78 -8.57 7.63 3.18
C PHE A 78 -9.56 8.45 2.37
N LEU A 79 -9.74 9.73 2.72
CA LEU A 79 -10.72 10.59 2.06
C LEU A 79 -10.09 11.47 0.96
N ASP A 80 -10.71 11.45 -0.22
CA ASP A 80 -10.29 12.28 -1.34
C ASP A 80 -10.71 13.76 -1.15
N SER A 81 -10.26 14.64 -2.04
CA SER A 81 -10.69 16.04 -2.05
C SER A 81 -12.20 16.16 -2.31
N LYS A 82 -12.75 15.17 -3.01
CA LYS A 82 -14.20 15.06 -3.23
C LYS A 82 -14.91 14.35 -2.08
N GLY A 83 -14.15 13.95 -1.06
CA GLY A 83 -14.71 13.25 0.08
C GLY A 83 -15.03 11.78 -0.21
N LEU A 84 -14.26 11.16 -1.09
CA LEU A 84 -14.44 9.74 -1.43
C LEU A 84 -13.69 8.83 -0.45
N GLU A 85 -14.37 7.82 0.07
CA GLU A 85 -13.79 6.88 1.04
C GLU A 85 -12.99 5.76 0.37
N TYR A 86 -11.65 5.81 0.51
CA TYR A 86 -10.79 4.73 0.05
C TYR A 86 -10.36 3.84 1.23
N PRO A 87 -11.00 2.67 1.42
CA PRO A 87 -10.64 1.75 2.51
C PRO A 87 -9.35 0.98 2.24
N ALA A 88 -8.23 1.53 2.72
CA ALA A 88 -6.91 0.96 2.43
C ALA A 88 -6.55 -0.16 3.41
N VAL A 89 -6.79 -1.41 3.00
CA VAL A 89 -6.52 -2.58 3.85
C VAL A 89 -5.13 -3.18 3.56
N VAL A 90 -4.24 -3.13 4.55
CA VAL A 90 -2.88 -3.66 4.40
C VAL A 90 -2.80 -5.13 4.87
N GLU A 91 -2.35 -6.02 3.98
CA GLU A 91 -2.29 -7.46 4.28
C GLU A 91 -1.08 -8.14 3.63
N PHE A 92 -0.84 -9.40 3.99
CA PHE A 92 0.31 -10.17 3.49
C PHE A 92 0.01 -10.80 2.12
N ALA A 93 1.04 -10.86 1.26
CA ALA A 93 0.91 -11.47 -0.06
C ALA A 93 1.57 -12.87 -0.10
N PRO A 94 0.97 -13.84 -0.82
CA PRO A 94 1.47 -15.24 -0.89
C PRO A 94 2.98 -15.36 -1.16
N PHE A 95 3.68 -16.08 -0.28
CA PHE A 95 5.13 -16.27 -0.40
C PHE A 95 5.46 -17.53 -1.22
N GLN A 96 5.68 -17.36 -2.52
CA GLN A 96 6.00 -18.48 -3.41
C GLN A 96 7.53 -18.69 -3.56
N LYS A 97 7.91 -19.70 -4.34
CA LYS A 97 9.32 -20.06 -4.52
C LYS A 97 10.02 -19.16 -5.56
N MET A 1 31.70 -16.06 21.02
CA MET A 1 30.44 -15.84 20.26
C MET A 1 29.50 -14.90 21.01
N GLY A 2 28.50 -14.38 20.30
CA GLY A 2 27.52 -13.49 20.93
C GLY A 2 26.17 -13.47 20.22
N HIS A 3 26.09 -12.75 19.09
CA HIS A 3 24.82 -12.55 18.38
C HIS A 3 24.93 -12.88 16.88
N HIS A 4 23.96 -13.62 16.36
CA HIS A 4 23.84 -13.87 14.91
C HIS A 4 22.56 -13.22 14.38
N HIS A 5 22.71 -12.06 13.74
CA HIS A 5 21.56 -11.24 13.35
C HIS A 5 20.95 -11.66 12.00
N HIS A 6 19.65 -11.93 12.00
CA HIS A 6 18.88 -12.21 10.77
C HIS A 6 17.48 -11.58 10.84
N HIS A 7 16.93 -11.21 9.69
CA HIS A 7 15.60 -10.57 9.64
C HIS A 7 14.68 -11.25 8.61
N HIS A 8 13.56 -11.80 9.08
CA HIS A 8 12.59 -12.44 8.20
C HIS A 8 11.86 -11.40 7.32
N SER A 9 12.23 -11.34 6.04
CA SER A 9 11.71 -10.33 5.12
C SER A 9 10.55 -10.88 4.27
N HIS A 10 9.39 -10.20 4.32
CA HIS A 10 8.23 -10.61 3.53
C HIS A 10 7.55 -9.41 2.85
N MET A 11 7.08 -9.62 1.62
CA MET A 11 6.41 -8.56 0.86
C MET A 11 4.95 -8.37 1.29
N VAL A 12 4.71 -7.41 2.17
CA VAL A 12 3.35 -7.06 2.60
C VAL A 12 2.77 -5.94 1.72
N VAL A 13 1.61 -6.20 1.12
CA VAL A 13 0.98 -5.28 0.17
C VAL A 13 -0.28 -4.59 0.76
N ILE A 14 -0.97 -3.83 -0.09
CA ILE A 14 -2.19 -3.11 0.32
C ILE A 14 -3.39 -3.59 -0.52
N ARG A 15 -4.60 -3.49 0.03
CA ARG A 15 -5.81 -4.05 -0.61
C ARG A 15 -7.01 -3.08 -0.54
N ARG A 16 -7.94 -3.24 -1.49
CA ARG A 16 -9.24 -2.54 -1.50
C ARG A 16 -9.14 -1.09 -2.02
N LEU A 17 -8.03 -0.75 -2.68
CA LEU A 17 -7.87 0.59 -3.28
C LEU A 17 -8.68 0.72 -4.58
N PRO A 18 -9.73 1.56 -4.60
CA PRO A 18 -10.54 1.80 -5.79
C PRO A 18 -9.97 2.94 -6.68
N PRO A 19 -10.27 2.93 -7.99
CA PRO A 19 -9.82 3.99 -8.92
C PRO A 19 -10.30 5.40 -8.51
N GLY A 20 -9.35 6.28 -8.20
CA GLY A 20 -9.69 7.64 -7.81
C GLY A 20 -8.55 8.63 -8.02
N LEU A 21 -7.88 9.01 -6.93
CA LEU A 21 -6.76 9.97 -7.00
C LEU A 21 -5.55 9.40 -7.77
N THR A 22 -4.60 10.27 -8.07
CA THR A 22 -3.39 9.88 -8.81
C THR A 22 -2.30 9.37 -7.85
N LYS A 23 -1.48 8.45 -8.34
CA LYS A 23 -0.38 7.87 -7.55
C LYS A 23 0.45 8.94 -6.79
N GLU A 24 0.54 10.14 -7.37
CA GLU A 24 1.30 11.25 -6.75
C GLU A 24 0.82 11.56 -5.32
N GLN A 25 -0.50 11.60 -5.12
CA GLN A 25 -1.08 11.87 -3.79
C GLN A 25 -1.57 10.59 -3.13
N LEU A 26 -1.36 9.47 -3.80
CA LEU A 26 -1.77 8.15 -3.32
C LEU A 26 -0.58 7.38 -2.71
N GLU A 27 0.63 7.70 -3.18
CA GLU A 27 1.85 7.11 -2.66
C GLU A 27 2.14 7.55 -1.22
N GLU A 28 1.93 8.84 -0.96
CA GLU A 28 2.36 9.50 0.29
C GLU A 28 1.75 8.86 1.56
N GLN A 29 0.57 8.26 1.44
CA GLN A 29 -0.07 7.60 2.58
C GLN A 29 0.22 6.08 2.60
N LEU A 30 0.51 5.50 1.43
CA LEU A 30 0.82 4.07 1.34
C LEU A 30 2.30 3.79 1.63
N ARG A 31 3.16 4.81 1.52
CA ARG A 31 4.58 4.65 1.86
C ARG A 31 5.15 5.83 2.67
N PRO A 32 4.63 6.07 3.90
CA PRO A 32 5.20 7.04 4.83
C PRO A 32 6.18 6.42 5.83
N LEU A 33 6.80 5.30 5.45
CA LEU A 33 7.73 4.57 6.33
C LEU A 33 9.14 5.20 6.33
N PRO A 34 9.88 5.07 7.45
CA PRO A 34 11.22 5.67 7.60
C PRO A 34 12.24 5.19 6.55
N ALA A 35 12.35 3.88 6.35
CA ALA A 35 13.33 3.32 5.41
C ALA A 35 12.95 1.91 4.93
N HIS A 36 12.48 1.81 3.69
CA HIS A 36 12.13 0.53 3.08
C HIS A 36 11.87 0.69 1.58
N ASP A 37 11.51 -0.40 0.90
CA ASP A 37 11.19 -0.36 -0.54
C ASP A 37 9.72 0.04 -0.77
N TYR A 38 9.32 0.19 -2.03
CA TYR A 38 7.95 0.60 -2.37
C TYR A 38 7.54 0.08 -3.76
N PHE A 39 6.31 -0.41 -3.87
CA PHE A 39 5.80 -1.02 -5.10
C PHE A 39 5.03 0.02 -5.95
N GLU A 40 4.49 -0.42 -7.09
CA GLU A 40 3.77 0.48 -8.00
C GLU A 40 2.43 0.97 -7.43
N PHE A 41 2.02 2.16 -7.85
CA PHE A 41 0.72 2.74 -7.45
C PHE A 41 -0.09 3.11 -8.70
N PHE A 42 -1.41 2.86 -8.68
CA PHE A 42 -2.25 3.09 -9.87
C PHE A 42 -2.43 4.58 -10.18
N ALA A 43 -2.81 4.87 -11.43
CA ALA A 43 -3.06 6.25 -11.86
C ALA A 43 -4.41 6.36 -12.58
N ALA A 44 -5.36 7.05 -11.96
CA ALA A 44 -6.70 7.24 -12.54
C ALA A 44 -7.25 8.62 -12.17
N ASP A 45 -8.48 8.91 -12.63
CA ASP A 45 -9.15 10.16 -12.27
C ASP A 45 -10.33 9.91 -11.33
N LEU A 46 -10.51 10.81 -10.35
CA LEU A 46 -11.55 10.66 -9.33
C LEU A 46 -12.95 11.09 -9.85
N SER A 47 -13.38 10.47 -10.94
CA SER A 47 -14.69 10.76 -11.55
C SER A 47 -15.78 9.86 -10.95
N LEU A 48 -16.96 10.44 -10.72
CA LEU A 48 -18.10 9.68 -10.15
C LEU A 48 -18.58 8.59 -11.12
N TYR A 49 -18.63 7.34 -10.63
CA TYR A 49 -18.93 6.17 -11.47
C TYR A 49 -17.89 6.00 -12.59
N PRO A 50 -16.65 5.63 -12.24
CA PRO A 50 -15.56 5.43 -13.19
C PRO A 50 -15.47 4.00 -13.74
N HIS A 51 -15.70 3.83 -15.04
CA HIS A 51 -15.62 2.51 -15.68
C HIS A 51 -14.15 2.10 -15.85
N LEU A 52 -13.53 1.64 -14.77
CA LEU A 52 -12.12 1.28 -14.74
C LEU A 52 -11.82 0.41 -13.51
N TYR A 53 -10.85 -0.50 -13.63
CA TYR A 53 -10.45 -1.36 -12.51
C TYR A 53 -8.93 -1.28 -12.27
N SER A 54 -8.54 -0.85 -11.06
CA SER A 54 -7.13 -0.67 -10.71
C SER A 54 -6.89 -0.82 -9.20
N ARG A 55 -5.63 -1.00 -8.82
CA ARG A 55 -5.25 -1.07 -7.39
C ARG A 55 -3.73 -0.84 -7.22
N ALA A 56 -3.35 -0.26 -6.09
CA ALA A 56 -1.94 0.01 -5.79
C ALA A 56 -1.34 -1.10 -4.89
N TYR A 57 -0.01 -1.11 -4.74
CA TYR A 57 0.66 -2.12 -3.92
C TYR A 57 1.79 -1.53 -3.08
N ILE A 58 2.11 -2.20 -1.97
CA ILE A 58 3.24 -1.82 -1.11
C ILE A 58 4.25 -2.97 -1.03
N ASN A 59 5.52 -2.66 -0.79
CA ASN A 59 6.55 -3.69 -0.64
C ASN A 59 7.36 -3.48 0.65
N PHE A 60 6.90 -4.10 1.73
CA PHE A 60 7.58 -4.01 3.03
C PHE A 60 8.95 -4.70 3.01
N ARG A 61 9.72 -4.50 4.08
CA ARG A 61 11.10 -5.02 4.16
C ARG A 61 11.45 -5.51 5.58
N ASN A 62 11.30 -4.62 6.56
CA ASN A 62 11.72 -4.92 7.93
C ASN A 62 10.58 -5.55 8.75
N PRO A 63 10.81 -6.74 9.35
CA PRO A 63 9.80 -7.41 10.19
C PRO A 63 9.27 -6.50 11.32
N ASP A 64 9.98 -5.40 11.58
CA ASP A 64 9.57 -4.42 12.60
C ASP A 64 8.58 -3.39 12.01
N ASP A 65 8.90 -2.81 10.84
CA ASP A 65 8.01 -1.80 10.24
C ASP A 65 6.68 -2.45 9.78
N ILE A 66 6.74 -3.73 9.44
CA ILE A 66 5.53 -4.51 9.13
C ILE A 66 4.49 -4.43 10.28
N LEU A 67 4.89 -4.84 11.48
CA LEU A 67 3.98 -4.82 12.63
C LEU A 67 3.74 -3.38 13.14
N LEU A 68 4.75 -2.53 13.01
CA LEU A 68 4.63 -1.13 13.41
C LEU A 68 3.53 -0.41 12.60
N PHE A 69 3.60 -0.53 11.29
CA PHE A 69 2.67 0.19 10.40
C PHE A 69 1.31 -0.52 10.25
N ARG A 70 1.27 -1.85 10.37
CA ARG A 70 -0.01 -2.56 10.39
C ARG A 70 -0.87 -2.04 11.54
N ASP A 71 -0.21 -1.76 12.67
CA ASP A 71 -0.88 -1.33 13.91
C ASP A 71 -1.13 0.18 13.94
N ARG A 72 -1.11 0.83 12.78
CA ARG A 72 -1.47 2.25 12.66
C ARG A 72 -2.18 2.52 11.32
N PHE A 73 -2.70 1.45 10.71
CA PHE A 73 -3.38 1.54 9.40
C PHE A 73 -4.48 0.46 9.27
N ASP A 74 -4.09 -0.80 9.44
CA ASP A 74 -4.97 -2.00 9.32
C ASP A 74 -5.94 -1.98 8.11
N GLY A 75 -6.93 -1.09 8.13
CA GLY A 75 -7.89 -0.99 7.03
C GLY A 75 -8.73 0.29 7.12
N TYR A 76 -8.05 1.41 7.34
CA TYR A 76 -8.72 2.70 7.55
C TYR A 76 -9.33 3.25 6.25
N ILE A 77 -10.21 4.26 6.40
CA ILE A 77 -10.84 4.91 5.25
C ILE A 77 -10.16 6.26 4.94
N PHE A 78 -9.52 6.35 3.78
CA PHE A 78 -8.85 7.57 3.33
C PHE A 78 -9.79 8.41 2.44
N LEU A 79 -9.92 9.69 2.75
CA LEU A 79 -10.76 10.61 1.97
C LEU A 79 -9.91 11.69 1.28
N ASP A 80 -10.20 11.95 0.01
CA ASP A 80 -9.51 13.00 -0.74
C ASP A 80 -10.20 14.36 -0.51
N SER A 81 -9.96 15.33 -1.40
CA SER A 81 -10.59 16.65 -1.29
C SER A 81 -12.11 16.60 -1.49
N LYS A 82 -12.58 15.59 -2.24
CA LYS A 82 -14.02 15.39 -2.47
C LYS A 82 -14.64 14.54 -1.34
N GLY A 83 -14.05 13.38 -1.08
CA GLY A 83 -14.53 12.51 -0.01
C GLY A 83 -14.85 11.10 -0.47
N LEU A 84 -14.06 10.59 -1.42
CA LEU A 84 -14.22 9.22 -1.90
C LEU A 84 -13.55 8.22 -0.95
N GLU A 85 -14.35 7.34 -0.34
CA GLU A 85 -13.84 6.38 0.64
C GLU A 85 -12.84 5.38 0.01
N TYR A 86 -11.55 5.62 0.24
CA TYR A 86 -10.49 4.68 -0.16
C TYR A 86 -10.08 3.78 1.02
N PRO A 87 -10.55 2.51 1.05
CA PRO A 87 -10.19 1.57 2.12
C PRO A 87 -8.82 0.92 1.89
N ALA A 88 -7.85 1.27 2.73
CA ALA A 88 -6.49 0.74 2.60
C ALA A 88 -6.25 -0.42 3.59
N VAL A 89 -6.52 -1.64 3.14
CA VAL A 89 -6.36 -2.84 3.99
C VAL A 89 -4.94 -3.45 3.82
N VAL A 90 -4.30 -3.75 4.95
CA VAL A 90 -2.93 -4.29 4.94
C VAL A 90 -2.92 -5.84 4.96
N GLU A 91 -2.31 -6.44 3.93
CA GLU A 91 -2.19 -7.91 3.86
C GLU A 91 -0.89 -8.32 3.12
N PHE A 92 -0.43 -9.56 3.33
CA PHE A 92 0.83 -10.01 2.71
C PHE A 92 0.57 -10.73 1.38
N ALA A 93 1.59 -10.75 0.51
CA ALA A 93 1.50 -11.45 -0.77
C ALA A 93 2.01 -12.89 -0.67
N PRO A 94 1.28 -13.87 -1.23
CA PRO A 94 1.68 -15.30 -1.18
C PRO A 94 3.07 -15.56 -1.79
N PHE A 95 3.91 -16.30 -1.05
CA PHE A 95 5.28 -16.60 -1.50
C PHE A 95 5.56 -18.10 -1.49
N GLN A 96 6.67 -18.50 -2.11
CA GLN A 96 7.07 -19.92 -2.18
C GLN A 96 7.93 -20.32 -0.97
N LYS A 97 7.46 -21.33 -0.23
CA LYS A 97 8.21 -21.88 0.91
C LYS A 97 9.58 -22.45 0.49
N MET A 1 17.11 0.01 8.35
CA MET A 1 17.52 -0.32 6.96
C MET A 1 18.60 -1.42 6.92
N GLY A 2 18.86 -2.06 8.05
CA GLY A 2 19.92 -3.07 8.13
C GLY A 2 19.58 -4.38 7.42
N HIS A 3 20.38 -4.74 6.41
CA HIS A 3 20.18 -5.99 5.67
C HIS A 3 20.82 -7.18 6.43
N HIS A 4 19.98 -8.08 6.93
CA HIS A 4 20.45 -9.20 7.76
C HIS A 4 20.58 -10.51 7.00
N HIS A 5 21.51 -11.36 7.44
CA HIS A 5 21.71 -12.68 6.83
C HIS A 5 20.58 -13.65 7.20
N HIS A 6 20.02 -13.48 8.40
CA HIS A 6 18.84 -14.26 8.82
C HIS A 6 17.63 -13.87 7.96
N HIS A 7 17.32 -14.71 6.96
CA HIS A 7 16.33 -14.37 5.94
C HIS A 7 14.88 -14.43 6.47
N HIS A 8 14.49 -13.39 7.20
CA HIS A 8 13.10 -13.24 7.65
C HIS A 8 12.44 -12.07 6.91
N SER A 9 11.86 -12.36 5.75
CA SER A 9 11.29 -11.32 4.89
C SER A 9 10.07 -11.82 4.12
N HIS A 10 8.89 -11.41 4.55
CA HIS A 10 7.64 -11.74 3.86
C HIS A 10 6.88 -10.46 3.50
N MET A 11 6.67 -10.24 2.21
CA MET A 11 6.07 -9.00 1.72
C MET A 11 4.64 -8.79 2.23
N VAL A 12 4.24 -7.53 2.35
CA VAL A 12 2.91 -7.16 2.81
C VAL A 12 2.23 -6.23 1.80
N VAL A 13 1.03 -6.62 1.34
CA VAL A 13 0.32 -5.88 0.29
C VAL A 13 -0.85 -5.06 0.84
N ILE A 14 -1.52 -4.34 -0.06
CA ILE A 14 -2.72 -3.56 0.30
C ILE A 14 -3.81 -3.77 -0.76
N ARG A 15 -5.07 -3.86 -0.32
CA ARG A 15 -6.18 -4.15 -1.26
C ARG A 15 -7.36 -3.18 -1.08
N ARG A 16 -8.38 -3.38 -1.92
CA ARG A 16 -9.58 -2.51 -1.93
C ARG A 16 -9.23 -1.06 -2.33
N LEU A 17 -8.27 -0.90 -3.23
CA LEU A 17 -7.92 0.44 -3.75
C LEU A 17 -8.84 0.83 -4.93
N PRO A 18 -9.77 1.77 -4.71
CA PRO A 18 -10.67 2.26 -5.76
C PRO A 18 -10.14 3.49 -6.50
N PRO A 19 -10.39 3.59 -7.83
CA PRO A 19 -10.00 4.77 -8.62
C PRO A 19 -10.58 6.08 -8.07
N GLY A 20 -9.85 7.18 -8.23
CA GLY A 20 -10.31 8.46 -7.69
C GLY A 20 -9.21 9.51 -7.57
N LEU A 21 -7.96 9.05 -7.51
CA LEU A 21 -6.81 9.96 -7.37
C LEU A 21 -5.57 9.41 -8.09
N THR A 22 -4.56 10.25 -8.23
CA THR A 22 -3.32 9.88 -8.91
C THR A 22 -2.23 9.52 -7.89
N LYS A 23 -1.28 8.68 -8.31
CA LYS A 23 -0.17 8.24 -7.45
C LYS A 23 0.48 9.39 -6.65
N GLU A 24 0.38 10.62 -7.17
CA GLU A 24 0.89 11.82 -6.48
C GLU A 24 0.42 11.92 -5.02
N GLN A 25 -0.90 11.99 -4.82
CA GLN A 25 -1.49 12.10 -3.47
C GLN A 25 -1.81 10.71 -2.91
N LEU A 26 -1.63 9.69 -3.74
CA LEU A 26 -1.95 8.32 -3.36
C LEU A 26 -0.79 7.62 -2.64
N GLU A 27 0.44 7.87 -3.08
CA GLU A 27 1.63 7.20 -2.50
C GLU A 27 1.95 7.69 -1.07
N GLU A 28 1.61 8.94 -0.78
CA GLU A 28 1.99 9.58 0.49
C GLU A 28 1.56 8.78 1.74
N GLN A 29 0.45 8.05 1.64
CA GLN A 29 0.00 7.20 2.76
C GLN A 29 0.31 5.71 2.53
N LEU A 30 0.80 5.36 1.34
CA LEU A 30 1.09 3.96 1.02
C LEU A 30 2.56 3.60 1.23
N ARG A 31 3.45 4.60 1.33
CA ARG A 31 4.87 4.33 1.55
C ARG A 31 5.53 5.24 2.62
N PRO A 32 4.83 5.60 3.73
CA PRO A 32 5.37 6.53 4.74
C PRO A 32 6.27 5.86 5.79
N LEU A 33 7.00 4.83 5.37
CA LEU A 33 7.86 4.04 6.28
C LEU A 33 9.20 4.75 6.55
N PRO A 34 9.85 4.45 7.70
CA PRO A 34 11.13 5.08 8.09
C PRO A 34 12.25 4.90 7.05
N ALA A 35 12.48 3.66 6.63
CA ALA A 35 13.50 3.35 5.62
C ALA A 35 13.14 2.06 4.87
N HIS A 36 12.93 2.17 3.56
CA HIS A 36 12.47 1.03 2.77
C HIS A 36 12.47 1.32 1.26
N ASP A 37 11.94 0.37 0.50
CA ASP A 37 11.69 0.55 -0.93
C ASP A 37 10.16 0.67 -1.17
N TYR A 38 9.76 1.43 -2.18
CA TYR A 38 8.34 1.58 -2.51
C TYR A 38 7.97 0.90 -3.83
N PHE A 39 6.78 0.29 -3.87
CA PHE A 39 6.32 -0.52 -5.00
C PHE A 39 5.62 0.33 -6.07
N GLU A 40 4.79 -0.32 -6.89
CA GLU A 40 4.06 0.34 -7.97
C GLU A 40 2.70 0.89 -7.49
N PHE A 41 2.32 2.05 -8.03
CA PHE A 41 1.03 2.68 -7.72
C PHE A 41 0.22 2.91 -8.99
N PHE A 42 -1.10 3.12 -8.86
CA PHE A 42 -1.96 3.34 -10.04
C PHE A 42 -2.30 4.84 -10.20
N ALA A 43 -2.71 5.20 -11.42
CA ALA A 43 -3.13 6.57 -11.72
C ALA A 43 -4.48 6.58 -12.46
N ALA A 44 -5.57 6.69 -11.68
CA ALA A 44 -6.92 6.68 -12.23
C ALA A 44 -7.81 7.73 -11.56
N ASP A 45 -8.31 8.68 -12.34
CA ASP A 45 -9.10 9.79 -11.83
C ASP A 45 -10.54 9.37 -11.46
N LEU A 46 -11.22 10.22 -10.69
CA LEU A 46 -12.60 9.96 -10.26
C LEU A 46 -13.64 10.50 -11.27
N SER A 47 -13.16 10.92 -12.44
CA SER A 47 -14.03 11.43 -13.49
C SER A 47 -14.40 10.31 -14.49
N LEU A 48 -13.57 9.28 -14.50
CA LEU A 48 -13.76 8.11 -15.37
C LEU A 48 -14.65 7.04 -14.70
N TYR A 49 -15.58 6.47 -15.46
CA TYR A 49 -16.36 5.35 -14.98
C TYR A 49 -15.64 4.02 -15.30
N PRO A 50 -15.43 3.18 -14.27
CA PRO A 50 -14.58 1.97 -14.37
C PRO A 50 -14.93 1.03 -15.54
N HIS A 51 -14.10 1.04 -16.57
CA HIS A 51 -14.16 0.03 -17.65
C HIS A 51 -12.99 -0.96 -17.46
N LEU A 52 -11.81 -0.41 -17.22
CA LEU A 52 -10.63 -1.21 -16.81
C LEU A 52 -10.44 -1.11 -15.30
N TYR A 53 -9.49 -1.87 -14.74
CA TYR A 53 -9.26 -1.88 -13.29
C TYR A 53 -7.76 -1.85 -12.95
N SER A 54 -7.42 -1.21 -11.84
CA SER A 54 -6.01 -1.11 -11.41
C SER A 54 -5.91 -0.92 -9.88
N ARG A 55 -4.73 -1.19 -9.34
CA ARG A 55 -4.47 -1.03 -7.90
C ARG A 55 -2.96 -0.84 -7.61
N ALA A 56 -2.62 -0.66 -6.34
CA ALA A 56 -1.24 -0.39 -5.93
C ALA A 56 -0.70 -1.45 -4.96
N TYR A 57 0.60 -1.41 -4.69
CA TYR A 57 1.23 -2.35 -3.74
C TYR A 57 2.28 -1.66 -2.85
N ILE A 58 2.66 -2.32 -1.76
CA ILE A 58 3.68 -1.80 -0.84
C ILE A 58 4.84 -2.80 -0.72
N ASN A 59 6.06 -2.29 -0.53
CA ASN A 59 7.24 -3.15 -0.40
C ASN A 59 7.92 -2.95 0.98
N PHE A 60 8.09 -4.04 1.71
CA PHE A 60 8.70 -4.01 3.05
C PHE A 60 10.11 -4.62 3.04
N ARG A 61 11.01 -4.05 3.84
CA ARG A 61 12.40 -4.53 3.91
C ARG A 61 12.80 -4.90 5.36
N ASN A 62 11.84 -4.83 6.29
CA ASN A 62 12.13 -5.03 7.71
C ASN A 62 10.89 -5.56 8.47
N PRO A 63 11.05 -6.64 9.29
CA PRO A 63 9.96 -7.19 10.11
C PRO A 63 9.33 -6.15 11.07
N ASP A 64 10.16 -5.30 11.66
CA ASP A 64 9.67 -4.22 12.54
C ASP A 64 8.65 -3.33 11.84
N ASP A 65 9.03 -2.80 10.67
CA ASP A 65 8.14 -1.99 9.84
C ASP A 65 6.84 -2.74 9.52
N ILE A 66 6.94 -4.03 9.22
CA ILE A 66 5.78 -4.88 8.93
C ILE A 66 4.74 -4.85 10.06
N LEU A 67 5.12 -5.34 11.25
CA LEU A 67 4.19 -5.43 12.38
C LEU A 67 3.74 -4.03 12.86
N LEU A 68 4.58 -3.02 12.60
CA LEU A 68 4.27 -1.63 12.96
C LEU A 68 3.15 -1.05 12.06
N PHE A 69 3.43 -0.95 10.77
CA PHE A 69 2.52 -0.29 9.84
C PHE A 69 1.22 -1.07 9.62
N ARG A 70 1.28 -2.40 9.64
CA ARG A 70 0.06 -3.21 9.57
C ARG A 70 -0.91 -2.82 10.70
N ASP A 71 -0.36 -2.63 11.90
CA ASP A 71 -1.15 -2.31 13.09
C ASP A 71 -1.79 -0.90 13.00
N ARG A 72 -1.27 -0.04 12.13
CA ARG A 72 -1.77 1.33 12.01
C ARG A 72 -2.32 1.64 10.61
N PHE A 73 -2.40 0.63 9.74
CA PHE A 73 -2.90 0.82 8.36
C PHE A 73 -3.80 -0.33 7.86
N ASP A 74 -4.02 -1.35 8.70
CA ASP A 74 -4.85 -2.50 8.32
C ASP A 74 -6.24 -2.08 7.78
N GLY A 75 -6.69 -0.89 8.17
CA GLY A 75 -7.98 -0.37 7.73
C GLY A 75 -8.06 1.14 7.84
N TYR A 76 -7.14 1.83 7.16
CA TYR A 76 -7.03 3.29 7.23
C TYR A 76 -7.92 3.98 6.18
N ILE A 77 -8.76 4.90 6.64
CA ILE A 77 -9.68 5.64 5.75
C ILE A 77 -9.13 7.02 5.38
N PHE A 78 -9.00 7.26 4.08
CA PHE A 78 -8.58 8.57 3.56
C PHE A 78 -9.72 9.22 2.76
N LEU A 79 -10.00 10.50 3.05
CA LEU A 79 -11.09 11.21 2.39
C LEU A 79 -10.58 12.35 1.50
N ASP A 80 -11.02 12.36 0.24
CA ASP A 80 -10.69 13.42 -0.72
C ASP A 80 -11.67 14.60 -0.57
N SER A 81 -11.41 15.71 -1.26
CA SER A 81 -12.31 16.88 -1.25
C SER A 81 -13.70 16.52 -1.77
N LYS A 82 -13.76 15.56 -2.70
CA LYS A 82 -15.04 15.08 -3.24
C LYS A 82 -15.81 14.23 -2.21
N GLY A 83 -15.18 13.96 -1.07
CA GLY A 83 -15.82 13.15 -0.02
C GLY A 83 -15.93 11.67 -0.41
N LEU A 84 -14.85 11.11 -0.93
CA LEU A 84 -14.81 9.69 -1.30
C LEU A 84 -13.96 8.89 -0.32
N GLU A 85 -14.56 7.86 0.28
CA GLU A 85 -13.84 6.99 1.22
C GLU A 85 -12.82 6.07 0.51
N TYR A 86 -11.54 6.27 0.77
CA TYR A 86 -10.50 5.36 0.27
C TYR A 86 -10.00 4.46 1.41
N PRO A 87 -10.50 3.21 1.49
CA PRO A 87 -10.16 2.28 2.56
C PRO A 87 -8.86 1.48 2.29
N ALA A 88 -7.78 1.90 2.93
CA ALA A 88 -6.51 1.18 2.86
C ALA A 88 -6.54 -0.09 3.72
N VAL A 89 -6.82 -1.23 3.10
CA VAL A 89 -6.85 -2.51 3.81
C VAL A 89 -5.54 -3.28 3.57
N VAL A 90 -4.64 -3.21 4.55
CA VAL A 90 -3.33 -3.86 4.44
C VAL A 90 -3.35 -5.31 4.93
N GLU A 91 -2.66 -6.20 4.22
CA GLU A 91 -2.57 -7.63 4.57
C GLU A 91 -1.28 -8.25 4.04
N PHE A 92 -0.90 -9.41 4.59
CA PHE A 92 0.35 -10.07 4.21
C PHE A 92 0.24 -10.79 2.86
N ALA A 93 1.39 -11.00 2.23
CA ALA A 93 1.46 -11.76 0.96
C ALA A 93 1.83 -13.22 1.22
N PRO A 94 0.93 -14.17 0.89
CA PRO A 94 1.16 -15.61 1.12
C PRO A 94 2.43 -16.15 0.43
N PHE A 95 3.36 -16.69 1.24
CA PHE A 95 4.57 -17.33 0.70
C PHE A 95 4.23 -18.68 0.04
N GLN A 96 4.85 -18.96 -1.10
CA GLN A 96 4.51 -20.15 -1.89
C GLN A 96 5.50 -20.36 -3.04
N LYS A 97 6.01 -21.59 -3.18
CA LYS A 97 6.85 -21.95 -4.33
C LYS A 97 6.05 -21.91 -5.65
N MET A 1 13.30 4.31 -4.77
CA MET A 1 14.62 4.39 -5.47
C MET A 1 15.46 3.10 -5.26
N GLY A 2 15.02 2.23 -4.37
CA GLY A 2 15.76 1.01 -4.06
C GLY A 2 15.78 0.01 -5.22
N HIS A 3 16.70 0.22 -6.16
CA HIS A 3 16.84 -0.66 -7.33
C HIS A 3 17.16 -2.11 -6.91
N HIS A 4 16.32 -3.05 -7.35
CA HIS A 4 16.49 -4.48 -7.03
C HIS A 4 16.34 -4.75 -5.52
N HIS A 5 15.45 -4.00 -4.87
CA HIS A 5 15.09 -4.23 -3.47
C HIS A 5 14.89 -5.72 -3.15
N HIS A 6 15.74 -6.27 -2.26
CA HIS A 6 15.69 -7.71 -1.93
C HIS A 6 15.91 -7.98 -0.44
N HIS A 7 14.98 -8.70 0.19
CA HIS A 7 15.08 -9.12 1.59
C HIS A 7 14.18 -10.34 1.86
N HIS A 8 14.47 -11.08 2.92
CA HIS A 8 13.60 -12.20 3.33
C HIS A 8 12.44 -11.70 4.20
N SER A 9 11.40 -11.18 3.54
CA SER A 9 10.20 -10.68 4.22
C SER A 9 8.94 -11.09 3.47
N HIS A 10 7.78 -10.77 4.03
CA HIS A 10 6.51 -11.04 3.36
C HIS A 10 5.95 -9.75 2.75
N MET A 11 5.65 -9.79 1.46
CA MET A 11 5.15 -8.63 0.73
C MET A 11 3.75 -8.23 1.20
N VAL A 12 3.67 -7.21 2.03
CA VAL A 12 2.39 -6.73 2.55
C VAL A 12 1.71 -5.76 1.57
N VAL A 13 0.72 -6.25 0.84
CA VAL A 13 0.09 -5.50 -0.25
C VAL A 13 -1.13 -4.70 0.22
N ILE A 14 -1.45 -3.64 -0.51
CA ILE A 14 -2.60 -2.77 -0.19
C ILE A 14 -3.73 -2.98 -1.22
N ARG A 15 -4.95 -3.23 -0.73
CA ARG A 15 -6.11 -3.48 -1.62
C ARG A 15 -7.38 -2.77 -1.14
N ARG A 16 -8.46 -2.88 -1.93
CA ARG A 16 -9.72 -2.11 -1.72
C ARG A 16 -9.57 -0.63 -2.16
N LEU A 17 -8.59 -0.37 -3.04
CA LEU A 17 -8.32 0.99 -3.54
C LEU A 17 -9.20 1.34 -4.76
N PRO A 18 -10.15 2.28 -4.61
CA PRO A 18 -10.97 2.78 -5.72
C PRO A 18 -10.34 4.01 -6.41
N PRO A 19 -10.51 4.15 -7.74
CA PRO A 19 -9.97 5.31 -8.50
C PRO A 19 -10.45 6.67 -7.94
N GLY A 20 -9.50 7.51 -7.52
CA GLY A 20 -9.85 8.80 -6.95
C GLY A 20 -8.73 9.83 -7.08
N LEU A 21 -7.76 9.76 -6.19
CA LEU A 21 -6.56 10.59 -6.28
C LEU A 21 -5.45 9.85 -7.04
N THR A 22 -4.72 10.58 -7.88
CA THR A 22 -3.67 9.98 -8.73
C THR A 22 -2.46 9.57 -7.89
N LYS A 23 -1.70 8.57 -8.38
CA LYS A 23 -0.53 8.01 -7.68
C LYS A 23 0.35 9.08 -6.99
N GLU A 24 0.53 10.23 -7.64
CA GLU A 24 1.43 11.28 -7.14
C GLU A 24 0.94 11.91 -5.82
N GLN A 25 -0.28 11.57 -5.42
CA GLN A 25 -0.79 11.91 -4.08
C GLN A 25 -1.18 10.62 -3.34
N LEU A 26 -1.77 9.69 -4.09
CA LEU A 26 -2.15 8.37 -3.58
C LEU A 26 -0.98 7.67 -2.85
N GLU A 27 0.24 8.00 -3.23
CA GLU A 27 1.43 7.41 -2.61
C GLU A 27 1.64 7.88 -1.15
N GLU A 28 1.22 9.12 -0.84
CA GLU A 28 1.58 9.76 0.44
C GLU A 28 1.17 8.92 1.68
N GLN A 29 0.08 8.14 1.56
CA GLN A 29 -0.35 7.26 2.66
C GLN A 29 0.09 5.80 2.45
N LEU A 30 0.55 5.47 1.24
CA LEU A 30 0.98 4.10 0.93
C LEU A 30 2.51 3.92 1.06
N ARG A 31 3.24 5.02 1.21
CA ARG A 31 4.70 4.95 1.40
C ARG A 31 5.21 5.87 2.53
N PRO A 32 4.49 6.03 3.67
CA PRO A 32 4.97 6.88 4.78
C PRO A 32 5.98 6.14 5.68
N LEU A 33 6.39 4.94 5.26
CA LEU A 33 7.32 4.12 6.03
C LEU A 33 8.77 4.56 5.80
N PRO A 34 9.55 4.75 6.88
CA PRO A 34 10.93 5.20 6.80
C PRO A 34 11.95 4.05 6.89
N ALA A 35 11.55 2.83 6.53
CA ALA A 35 12.45 1.67 6.66
C ALA A 35 12.32 0.66 5.50
N HIS A 36 11.63 1.02 4.41
CA HIS A 36 11.52 0.10 3.26
C HIS A 36 11.49 0.83 1.90
N ASP A 37 11.93 0.10 0.88
CA ASP A 37 11.78 0.54 -0.51
C ASP A 37 10.32 0.42 -0.96
N TYR A 38 9.75 1.49 -1.53
CA TYR A 38 8.34 1.47 -1.95
C TYR A 38 8.18 0.98 -3.41
N PHE A 39 6.93 0.79 -3.82
CA PHE A 39 6.61 0.23 -5.14
C PHE A 39 5.79 1.23 -5.97
N GLU A 40 5.46 0.87 -7.21
CA GLU A 40 4.65 1.73 -8.08
C GLU A 40 3.17 1.77 -7.65
N PHE A 41 2.48 2.85 -8.01
CA PHE A 41 1.06 3.02 -7.69
C PHE A 41 0.25 3.35 -8.96
N PHE A 42 -1.03 2.98 -8.97
CA PHE A 42 -1.86 3.15 -10.18
C PHE A 42 -2.24 4.63 -10.42
N ALA A 43 -2.34 5.01 -11.70
CA ALA A 43 -2.72 6.37 -12.08
C ALA A 43 -4.14 6.40 -12.67
N ALA A 44 -5.11 6.81 -11.84
CA ALA A 44 -6.50 6.92 -12.27
C ALA A 44 -7.30 7.81 -11.30
N ASP A 45 -7.87 8.90 -11.81
CA ASP A 45 -8.60 9.84 -10.96
C ASP A 45 -10.09 9.46 -10.85
N LEU A 46 -10.82 10.23 -10.04
CA LEU A 46 -12.22 9.90 -9.71
C LEU A 46 -13.22 10.33 -10.80
N SER A 47 -12.86 11.30 -11.65
CA SER A 47 -13.81 11.82 -12.64
C SER A 47 -13.93 10.88 -13.84
N LEU A 48 -12.80 10.56 -14.47
CA LEU A 48 -12.77 9.62 -15.59
C LEU A 48 -12.21 8.25 -15.15
N TYR A 49 -12.92 7.61 -14.22
CA TYR A 49 -12.51 6.29 -13.71
C TYR A 49 -12.47 5.24 -14.85
N PRO A 50 -11.44 4.37 -14.86
CA PRO A 50 -11.24 3.38 -15.94
C PRO A 50 -12.15 2.14 -15.83
N HIS A 51 -12.13 1.32 -16.88
CA HIS A 51 -12.92 0.08 -16.92
C HIS A 51 -12.25 -1.03 -16.10
N LEU A 52 -10.93 -0.96 -15.97
CA LEU A 52 -10.16 -1.97 -15.22
C LEU A 52 -9.64 -1.42 -13.89
N TYR A 53 -9.90 -2.15 -12.80
CA TYR A 53 -9.37 -1.82 -11.47
C TYR A 53 -7.85 -2.03 -11.40
N SER A 54 -7.23 -1.54 -10.33
CA SER A 54 -5.77 -1.73 -10.12
C SER A 54 -5.42 -1.71 -8.64
N ARG A 55 -4.37 -2.45 -8.27
CA ARG A 55 -3.91 -2.51 -6.87
C ARG A 55 -2.42 -2.13 -6.77
N ALA A 56 -1.95 -1.90 -5.54
CA ALA A 56 -0.54 -1.59 -5.29
C ALA A 56 0.11 -2.66 -4.40
N TYR A 57 1.27 -3.15 -4.82
CA TYR A 57 1.97 -4.22 -4.10
C TYR A 57 3.20 -3.69 -3.36
N ILE A 58 3.06 -3.44 -2.06
CA ILE A 58 4.09 -2.75 -1.31
C ILE A 58 5.26 -3.67 -0.89
N ASN A 59 6.48 -3.24 -1.22
CA ASN A 59 7.70 -3.95 -0.84
C ASN A 59 8.15 -3.58 0.58
N PHE A 60 8.46 -4.58 1.41
CA PHE A 60 8.93 -4.37 2.78
C PHE A 60 10.37 -4.87 2.97
N ARG A 61 11.13 -4.18 3.83
CA ARG A 61 12.52 -4.57 4.14
C ARG A 61 12.63 -5.26 5.51
N ASN A 62 12.01 -4.65 6.53
CA ASN A 62 12.22 -5.07 7.92
C ASN A 62 10.93 -5.61 8.57
N PRO A 63 11.00 -6.73 9.33
CA PRO A 63 9.85 -7.26 10.08
C PRO A 63 9.24 -6.22 11.05
N ASP A 64 10.09 -5.42 11.69
CA ASP A 64 9.62 -4.32 12.54
C ASP A 64 8.82 -3.30 11.72
N ASP A 65 9.37 -2.92 10.57
CA ASP A 65 8.71 -2.00 9.63
C ASP A 65 7.30 -2.51 9.27
N ILE A 66 7.16 -3.84 9.16
CA ILE A 66 5.86 -4.47 8.90
C ILE A 66 4.88 -4.23 10.06
N LEU A 67 5.17 -4.78 11.23
CA LEU A 67 4.28 -4.70 12.39
C LEU A 67 4.06 -3.24 12.86
N LEU A 68 4.97 -2.35 12.48
CA LEU A 68 4.88 -0.94 12.82
C LEU A 68 3.70 -0.24 12.12
N PHE A 69 3.78 -0.12 10.80
CA PHE A 69 2.76 0.61 10.03
C PHE A 69 1.53 -0.26 9.71
N ARG A 70 1.71 -1.57 9.60
CA ARG A 70 0.57 -2.47 9.32
C ARG A 70 -0.51 -2.35 10.41
N ASP A 71 -0.07 -2.35 11.66
CA ASP A 71 -1.00 -2.31 12.81
C ASP A 71 -1.87 -1.04 12.79
N ARG A 72 -1.29 0.10 12.42
CA ARG A 72 -2.03 1.37 12.40
C ARG A 72 -2.81 1.59 11.09
N PHE A 73 -2.30 1.05 9.98
CA PHE A 73 -2.91 1.29 8.65
C PHE A 73 -3.83 0.13 8.19
N ASP A 74 -4.00 -0.89 9.01
CA ASP A 74 -4.85 -2.04 8.64
C ASP A 74 -6.32 -1.64 8.41
N GLY A 75 -6.64 -1.20 7.20
CA GLY A 75 -8.02 -0.94 6.82
C GLY A 75 -8.60 0.34 7.41
N TYR A 76 -8.05 1.50 7.03
CA TYR A 76 -8.57 2.79 7.49
C TYR A 76 -9.25 3.56 6.33
N ILE A 77 -10.15 4.48 6.66
CA ILE A 77 -10.89 5.24 5.64
C ILE A 77 -10.27 6.63 5.39
N PHE A 78 -9.68 6.79 4.21
CA PHE A 78 -9.11 8.08 3.79
C PHE A 78 -10.07 8.79 2.82
N LEU A 79 -10.32 10.08 3.05
CA LEU A 79 -11.19 10.88 2.18
C LEU A 79 -10.41 11.98 1.44
N ASP A 80 -10.79 12.26 0.19
CA ASP A 80 -10.17 13.32 -0.61
C ASP A 80 -11.00 14.63 -0.50
N SER A 81 -10.91 15.50 -1.52
CA SER A 81 -11.69 16.74 -1.56
C SER A 81 -13.19 16.45 -1.74
N LYS A 82 -13.51 15.52 -2.64
CA LYS A 82 -14.90 15.10 -2.86
C LYS A 82 -15.42 14.21 -1.71
N GLY A 83 -14.54 13.41 -1.13
CA GLY A 83 -14.89 12.61 0.04
C GLY A 83 -15.20 11.15 -0.28
N LEU A 84 -14.48 10.59 -1.26
CA LEU A 84 -14.62 9.17 -1.60
C LEU A 84 -13.86 8.29 -0.59
N GLU A 85 -14.59 7.39 0.06
CA GLU A 85 -14.00 6.51 1.06
C GLU A 85 -12.94 5.58 0.45
N TYR A 86 -11.67 5.87 0.67
CA TYR A 86 -10.59 4.98 0.29
C TYR A 86 -10.24 4.03 1.45
N PRO A 87 -10.74 2.77 1.42
CA PRO A 87 -10.48 1.79 2.47
C PRO A 87 -9.13 1.10 2.30
N ALA A 88 -8.10 1.70 2.85
CA ALA A 88 -6.74 1.18 2.69
C ALA A 88 -6.51 -0.07 3.55
N VAL A 89 -6.86 -1.23 3.00
CA VAL A 89 -6.64 -2.52 3.68
C VAL A 89 -5.33 -3.17 3.23
N VAL A 90 -4.31 -3.12 4.10
CA VAL A 90 -2.98 -3.63 3.76
C VAL A 90 -2.71 -5.00 4.40
N GLU A 91 -2.73 -6.06 3.57
CA GLU A 91 -2.56 -7.44 4.06
C GLU A 91 -1.28 -8.10 3.53
N PHE A 92 -0.79 -9.10 4.25
CA PHE A 92 0.47 -9.76 3.90
C PHE A 92 0.28 -10.82 2.79
N ALA A 93 1.34 -11.05 2.04
CA ALA A 93 1.39 -12.15 1.06
C ALA A 93 2.14 -13.36 1.65
N PRO A 94 1.68 -14.59 1.35
CA PRO A 94 2.28 -15.82 1.92
C PRO A 94 3.76 -16.02 1.55
N PHE A 95 4.38 -17.03 2.16
CA PHE A 95 5.79 -17.33 1.93
C PHE A 95 6.00 -18.18 0.67
N GLN A 96 7.26 -18.46 0.35
CA GLN A 96 7.63 -19.29 -0.79
C GLN A 96 8.67 -20.35 -0.41
N LYS A 97 8.99 -21.23 -1.34
CA LYS A 97 10.00 -22.26 -1.12
C LYS A 97 11.43 -21.65 -1.04
N MET A 1 14.44 -29.89 3.49
CA MET A 1 14.41 -28.40 3.30
C MET A 1 13.94 -27.70 4.58
N GLY A 2 12.65 -27.85 4.88
CA GLY A 2 12.10 -27.32 6.13
C GLY A 2 12.28 -25.81 6.34
N HIS A 3 13.38 -25.45 7.00
CA HIS A 3 13.59 -24.07 7.46
C HIS A 3 14.01 -23.10 6.33
N HIS A 4 13.54 -23.32 5.10
CA HIS A 4 13.84 -22.40 3.99
C HIS A 4 13.27 -21.00 4.26
N HIS A 5 12.23 -20.94 5.07
CA HIS A 5 11.66 -19.67 5.53
C HIS A 5 11.95 -19.49 7.03
N HIS A 6 13.19 -19.13 7.36
CA HIS A 6 13.64 -18.98 8.75
C HIS A 6 13.52 -17.52 9.23
N HIS A 7 12.83 -16.70 8.44
CA HIS A 7 12.64 -15.28 8.75
C HIS A 7 11.33 -14.78 8.13
N HIS A 8 10.66 -13.85 8.80
CA HIS A 8 9.39 -13.30 8.29
C HIS A 8 9.61 -12.52 6.99
N SER A 9 9.22 -13.12 5.86
CA SER A 9 9.35 -12.50 4.54
C SER A 9 8.73 -11.09 4.50
N HIS A 10 9.29 -10.21 3.67
CA HIS A 10 8.86 -8.81 3.62
C HIS A 10 7.78 -8.57 2.55
N MET A 11 7.14 -9.65 2.10
CA MET A 11 6.12 -9.54 1.04
C MET A 11 4.75 -9.18 1.63
N VAL A 12 4.41 -7.88 1.62
CA VAL A 12 3.14 -7.40 2.17
C VAL A 12 2.43 -6.49 1.16
N VAL A 13 1.18 -6.82 0.82
CA VAL A 13 0.42 -6.10 -0.21
C VAL A 13 -0.72 -5.26 0.37
N ILE A 14 -1.09 -4.21 -0.36
CA ILE A 14 -2.23 -3.35 0.00
C ILE A 14 -3.46 -3.72 -0.87
N ARG A 15 -4.64 -3.84 -0.25
CA ARG A 15 -5.82 -4.37 -0.96
C ARG A 15 -7.08 -3.53 -0.74
N ARG A 16 -8.08 -3.75 -1.60
CA ARG A 16 -9.39 -3.08 -1.55
C ARG A 16 -9.30 -1.57 -1.85
N LEU A 17 -8.35 -1.20 -2.70
CA LEU A 17 -8.24 0.19 -3.17
C LEU A 17 -9.24 0.47 -4.31
N PRO A 18 -10.15 1.44 -4.13
CA PRO A 18 -11.08 1.87 -5.17
C PRO A 18 -10.45 2.90 -6.14
N PRO A 19 -10.69 2.75 -7.46
CA PRO A 19 -10.11 3.66 -8.48
C PRO A 19 -10.61 5.11 -8.32
N GLY A 20 -9.71 6.00 -7.90
CA GLY A 20 -10.07 7.40 -7.73
C GLY A 20 -8.89 8.36 -7.83
N LEU A 21 -8.33 8.75 -6.69
CA LEU A 21 -7.21 9.70 -6.65
C LEU A 21 -5.98 9.23 -7.46
N THR A 22 -5.10 10.18 -7.76
CA THR A 22 -3.91 9.91 -8.57
C THR A 22 -2.72 9.51 -7.68
N LYS A 23 -1.82 8.66 -8.19
CA LYS A 23 -0.67 8.15 -7.43
C LYS A 23 0.03 9.25 -6.60
N GLU A 24 0.12 10.46 -7.14
CA GLU A 24 0.72 11.61 -6.44
C GLU A 24 0.19 11.76 -5.00
N GLN A 25 -1.13 11.77 -4.85
CA GLN A 25 -1.76 11.92 -3.52
C GLN A 25 -2.14 10.55 -2.92
N LEU A 26 -1.85 9.50 -3.66
CA LEU A 26 -2.21 8.13 -3.25
C LEU A 26 -1.05 7.39 -2.58
N GLU A 27 0.16 7.55 -3.11
CA GLU A 27 1.31 6.82 -2.59
C GLU A 27 1.87 7.45 -1.30
N GLU A 28 1.62 8.73 -1.10
CA GLU A 28 2.16 9.45 0.08
C GLU A 28 1.68 8.81 1.40
N GLN A 29 0.50 8.18 1.39
CA GLN A 29 0.01 7.45 2.57
C GLN A 29 0.32 5.95 2.47
N LEU A 30 0.49 5.44 1.25
CA LEU A 30 0.84 4.02 1.05
C LEU A 30 2.34 3.76 1.32
N ARG A 31 3.17 4.80 1.26
CA ARG A 31 4.59 4.67 1.60
C ARG A 31 5.07 5.77 2.58
N PRO A 32 4.59 5.73 3.84
CA PRO A 32 5.08 6.61 4.91
C PRO A 32 6.23 5.98 5.71
N LEU A 33 6.81 4.90 5.16
CA LEU A 33 7.92 4.19 5.82
C LEU A 33 9.15 5.10 5.98
N PRO A 34 9.86 4.99 7.13
CA PRO A 34 11.02 5.85 7.44
C PRO A 34 12.06 5.90 6.30
N ALA A 35 12.56 4.74 5.90
CA ALA A 35 13.51 4.66 4.79
C ALA A 35 13.52 3.25 4.18
N HIS A 36 12.41 2.86 3.54
CA HIS A 36 12.30 1.53 2.92
C HIS A 36 11.74 1.63 1.50
N ASP A 37 11.79 0.52 0.75
CA ASP A 37 11.41 0.51 -0.66
C ASP A 37 9.89 0.62 -0.87
N TYR A 38 9.48 0.84 -2.12
CA TYR A 38 8.06 0.94 -2.47
C TYR A 38 7.79 0.31 -3.85
N PHE A 39 6.59 -0.24 -4.02
CA PHE A 39 6.20 -0.90 -5.27
C PHE A 39 5.44 0.09 -6.19
N GLU A 40 4.82 -0.42 -7.25
CA GLU A 40 4.09 0.44 -8.20
C GLU A 40 2.73 0.91 -7.65
N PHE A 41 2.34 2.14 -8.01
CA PHE A 41 1.05 2.70 -7.62
C PHE A 41 0.23 3.11 -8.85
N PHE A 42 -1.08 2.85 -8.81
CA PHE A 42 -1.94 3.13 -9.98
C PHE A 42 -2.20 4.63 -10.16
N ALA A 43 -2.23 5.08 -11.41
CA ALA A 43 -2.50 6.47 -11.74
C ALA A 43 -3.90 6.63 -12.38
N ALA A 44 -4.89 6.94 -11.55
CA ALA A 44 -6.27 7.12 -12.03
C ALA A 44 -6.79 8.52 -11.69
N ASP A 45 -8.04 8.78 -12.08
CA ASP A 45 -8.67 10.08 -11.79
C ASP A 45 -10.08 9.87 -11.23
N LEU A 46 -10.37 10.51 -10.09
CA LEU A 46 -11.68 10.39 -9.44
C LEU A 46 -12.80 11.06 -10.27
N SER A 47 -13.28 10.33 -11.26
CA SER A 47 -14.34 10.81 -12.15
C SER A 47 -15.73 10.34 -11.67
N LEU A 48 -16.76 10.69 -12.42
CA LEU A 48 -18.14 10.30 -12.07
C LEU A 48 -18.42 8.83 -12.42
N TYR A 49 -17.48 8.18 -13.10
CA TYR A 49 -17.57 6.76 -13.43
C TYR A 49 -16.30 6.00 -13.01
N PRO A 50 -16.29 5.41 -11.80
CA PRO A 50 -15.11 4.68 -11.27
C PRO A 50 -14.94 3.27 -11.85
N HIS A 51 -15.05 3.15 -13.18
CA HIS A 51 -14.96 1.85 -13.85
C HIS A 51 -13.50 1.48 -14.19
N LEU A 52 -12.58 2.45 -14.06
CA LEU A 52 -11.16 2.23 -14.37
C LEU A 52 -10.48 1.40 -13.26
N TYR A 53 -10.77 0.11 -13.21
CA TYR A 53 -10.24 -0.77 -12.17
C TYR A 53 -8.69 -0.82 -12.18
N SER A 54 -8.08 -0.41 -11.07
CA SER A 54 -6.62 -0.36 -10.95
C SER A 54 -6.18 -0.63 -9.50
N ARG A 55 -4.95 -1.10 -9.33
CA ARG A 55 -4.44 -1.48 -8.00
C ARG A 55 -2.97 -1.04 -7.79
N ALA A 56 -2.52 -1.08 -6.53
CA ALA A 56 -1.16 -0.69 -6.17
C ALA A 56 -0.57 -1.68 -5.15
N TYR A 57 0.73 -1.57 -4.87
CA TYR A 57 1.38 -2.45 -3.89
C TYR A 57 2.38 -1.71 -3.00
N ILE A 58 2.76 -2.34 -1.89
CA ILE A 58 3.77 -1.83 -0.97
C ILE A 58 4.92 -2.85 -0.82
N ASN A 59 6.10 -2.39 -0.41
CA ASN A 59 7.24 -3.30 -0.23
C ASN A 59 8.01 -3.01 1.07
N PHE A 60 7.66 -3.74 2.13
CA PHE A 60 8.39 -3.66 3.40
C PHE A 60 9.75 -4.35 3.30
N ARG A 61 10.62 -4.11 4.28
CA ARG A 61 11.92 -4.82 4.33
C ARG A 61 12.29 -5.24 5.76
N ASN A 62 11.33 -5.19 6.69
CA ASN A 62 11.59 -5.58 8.08
C ASN A 62 10.29 -6.02 8.80
N PRO A 63 10.31 -7.19 9.46
CA PRO A 63 9.13 -7.72 10.19
C PRO A 63 8.59 -6.71 11.23
N ASP A 64 9.50 -6.10 11.98
CA ASP A 64 9.12 -5.11 13.00
C ASP A 64 8.54 -3.83 12.36
N ASP A 65 8.89 -3.61 11.09
CA ASP A 65 8.38 -2.48 10.33
C ASP A 65 6.97 -2.81 9.81
N ILE A 66 6.79 -4.07 9.40
CA ILE A 66 5.49 -4.59 8.96
C ILE A 66 4.43 -4.41 10.06
N LEU A 67 4.66 -5.00 11.24
CA LEU A 67 3.71 -4.91 12.35
C LEU A 67 3.52 -3.46 12.82
N LEU A 68 4.55 -2.64 12.65
CA LEU A 68 4.48 -1.21 12.99
C LEU A 68 3.40 -0.50 12.17
N PHE A 69 3.55 -0.52 10.85
CA PHE A 69 2.63 0.17 9.97
C PHE A 69 1.29 -0.58 9.79
N ARG A 70 1.32 -1.91 9.84
CA ARG A 70 0.09 -2.71 9.78
C ARG A 70 -0.85 -2.31 10.93
N ASP A 71 -0.26 -1.92 12.06
CA ASP A 71 -1.02 -1.45 13.23
C ASP A 71 -1.79 -0.15 12.92
N ARG A 72 -1.09 0.84 12.37
CA ARG A 72 -1.70 2.15 12.07
C ARG A 72 -2.40 2.17 10.70
N PHE A 73 -2.25 1.10 9.92
CA PHE A 73 -2.87 1.02 8.59
C PHE A 73 -3.71 -0.27 8.41
N ASP A 74 -4.30 -0.71 9.50
CA ASP A 74 -5.09 -1.96 9.54
C ASP A 74 -6.47 -1.81 8.86
N GLY A 75 -6.59 -0.89 7.89
CA GLY A 75 -7.86 -0.65 7.22
C GLY A 75 -8.45 0.71 7.53
N TYR A 76 -7.73 1.77 7.16
CA TYR A 76 -8.16 3.15 7.42
C TYR A 76 -9.01 3.70 6.26
N ILE A 77 -9.67 4.84 6.49
CA ILE A 77 -10.44 5.52 5.44
C ILE A 77 -9.77 6.86 5.05
N PHE A 78 -9.33 6.96 3.80
CA PHE A 78 -8.74 8.20 3.28
C PHE A 78 -9.79 9.04 2.53
N LEU A 79 -9.75 10.36 2.73
CA LEU A 79 -10.72 11.26 2.09
C LEU A 79 -10.03 12.45 1.40
N ASP A 80 -10.08 12.48 0.06
CA ASP A 80 -9.56 13.61 -0.71
C ASP A 80 -10.53 14.82 -0.68
N SER A 81 -10.24 15.83 -1.49
CA SER A 81 -11.09 17.03 -1.59
C SER A 81 -12.50 16.69 -2.10
N LYS A 82 -12.65 15.52 -2.72
CA LYS A 82 -13.96 15.04 -3.18
C LYS A 82 -14.69 14.25 -2.09
N GLY A 83 -14.01 14.01 -0.97
CA GLY A 83 -14.62 13.32 0.17
C GLY A 83 -15.10 11.91 -0.13
N LEU A 84 -14.37 11.19 -0.99
CA LEU A 84 -14.72 9.80 -1.32
C LEU A 84 -13.98 8.83 -0.39
N GLU A 85 -14.69 7.82 0.12
CA GLU A 85 -14.09 6.84 1.03
C GLU A 85 -13.08 5.94 0.32
N TYR A 86 -11.79 6.15 0.59
CA TYR A 86 -10.73 5.29 0.08
C TYR A 86 -10.17 4.38 1.18
N PRO A 87 -10.70 3.14 1.31
CA PRO A 87 -10.19 2.16 2.28
C PRO A 87 -8.91 1.47 1.80
N ALA A 88 -8.11 0.99 2.74
CA ALA A 88 -6.86 0.29 2.40
C ALA A 88 -6.58 -0.85 3.40
N VAL A 89 -6.85 -2.08 2.97
CA VAL A 89 -6.60 -3.26 3.81
C VAL A 89 -5.23 -3.88 3.48
N VAL A 90 -4.29 -3.79 4.41
CA VAL A 90 -2.94 -4.32 4.21
C VAL A 90 -2.78 -5.71 4.84
N GLU A 91 -2.17 -6.64 4.10
CA GLU A 91 -1.94 -8.01 4.60
C GLU A 91 -0.74 -8.69 3.91
N PHE A 92 -0.21 -9.73 4.55
CA PHE A 92 0.95 -10.47 4.02
C PHE A 92 0.59 -11.24 2.73
N ALA A 93 1.57 -11.38 1.84
CA ALA A 93 1.40 -12.10 0.58
C ALA A 93 2.45 -13.21 0.42
N PRO A 94 2.08 -14.35 -0.20
CA PRO A 94 3.01 -15.49 -0.39
C PRO A 94 4.23 -15.13 -1.26
N PHE A 95 5.44 -15.43 -0.75
CA PHE A 95 6.68 -15.15 -1.48
C PHE A 95 6.88 -16.13 -2.65
N GLN A 96 7.81 -15.80 -3.55
CA GLN A 96 7.98 -16.57 -4.78
C GLN A 96 9.02 -17.70 -4.63
N LYS A 97 10.31 -17.37 -4.75
CA LYS A 97 11.38 -18.37 -4.68
C LYS A 97 12.78 -17.72 -4.73
N MET A 1 30.31 2.87 3.78
CA MET A 1 31.31 1.77 3.80
C MET A 1 30.97 0.69 2.77
N GLY A 2 31.53 0.81 1.57
CA GLY A 2 31.30 -0.17 0.52
C GLY A 2 29.84 -0.24 0.05
N HIS A 3 29.34 -1.45 -0.13
CA HIS A 3 27.95 -1.65 -0.59
C HIS A 3 26.96 -1.74 0.59
N HIS A 4 25.66 -1.75 0.27
CA HIS A 4 24.61 -1.80 1.29
C HIS A 4 24.32 -3.23 1.77
N HIS A 5 23.41 -3.35 2.74
CA HIS A 5 23.07 -4.65 3.34
C HIS A 5 21.70 -5.15 2.86
N HIS A 6 21.69 -6.20 2.02
CA HIS A 6 20.44 -6.78 1.54
C HIS A 6 19.70 -7.52 2.66
N HIS A 7 18.78 -6.85 3.33
CA HIS A 7 17.93 -7.47 4.35
C HIS A 7 16.47 -7.52 3.87
N HIS A 8 15.80 -8.66 4.08
CA HIS A 8 14.52 -8.96 3.42
C HIS A 8 13.32 -8.90 4.38
N SER A 9 12.12 -8.84 3.78
CA SER A 9 10.86 -8.85 4.53
C SER A 9 9.72 -9.41 3.66
N HIS A 10 8.51 -9.47 4.21
CA HIS A 10 7.35 -9.91 3.44
C HIS A 10 6.71 -8.74 2.68
N MET A 11 6.42 -8.96 1.40
CA MET A 11 5.81 -7.92 0.57
C MET A 11 4.34 -7.68 0.95
N VAL A 12 3.90 -6.43 0.89
CA VAL A 12 2.53 -6.05 1.24
C VAL A 12 1.81 -5.40 0.05
N VAL A 13 0.52 -5.69 -0.11
CA VAL A 13 -0.27 -5.13 -1.21
C VAL A 13 -1.59 -4.53 -0.72
N ILE A 14 -1.83 -3.26 -1.04
CA ILE A 14 -3.04 -2.56 -0.60
C ILE A 14 -4.29 -3.14 -1.32
N ARG A 15 -5.41 -3.22 -0.62
CA ARG A 15 -6.62 -3.84 -1.16
C ARG A 15 -7.85 -2.92 -1.04
N ARG A 16 -8.79 -3.06 -1.99
CA ARG A 16 -10.03 -2.28 -2.03
C ARG A 16 -9.78 -0.78 -2.32
N LEU A 17 -8.65 -0.47 -2.94
CA LEU A 17 -8.32 0.91 -3.30
C LEU A 17 -9.06 1.31 -4.60
N PRO A 18 -10.10 2.17 -4.51
CA PRO A 18 -10.88 2.58 -5.69
C PRO A 18 -10.26 3.75 -6.47
N PRO A 19 -10.62 3.89 -7.76
CA PRO A 19 -10.16 5.03 -8.59
C PRO A 19 -10.59 6.39 -8.01
N GLY A 20 -9.73 7.40 -8.15
CA GLY A 20 -10.03 8.71 -7.58
C GLY A 20 -8.82 9.63 -7.46
N LEU A 21 -7.64 9.05 -7.34
CA LEU A 21 -6.41 9.84 -7.18
C LEU A 21 -5.23 9.23 -7.96
N THR A 22 -4.16 10.01 -8.09
CA THR A 22 -2.97 9.58 -8.82
C THR A 22 -1.93 8.96 -7.88
N LYS A 23 -1.13 8.04 -8.42
CA LYS A 23 -0.09 7.34 -7.66
C LYS A 23 0.75 8.29 -6.78
N GLU A 24 0.86 9.56 -7.15
CA GLU A 24 1.64 10.53 -6.37
C GLU A 24 0.98 10.86 -5.01
N GLN A 25 -0.34 11.11 -5.00
CA GLN A 25 -1.07 11.31 -3.74
C GLN A 25 -1.42 9.96 -3.10
N LEU A 26 -1.38 8.92 -3.91
CA LEU A 26 -1.72 7.57 -3.45
C LEU A 26 -0.52 6.87 -2.77
N GLU A 27 0.68 7.10 -3.29
CA GLU A 27 1.89 6.42 -2.77
C GLU A 27 2.31 6.98 -1.39
N GLU A 28 2.19 8.30 -1.22
CA GLU A 28 2.65 8.97 0.01
C GLU A 28 2.13 8.29 1.29
N GLN A 29 0.86 7.88 1.25
CA GLN A 29 0.20 7.24 2.39
C GLN A 29 0.47 5.72 2.41
N LEU A 30 1.05 5.20 1.34
CA LEU A 30 1.41 3.78 1.24
C LEU A 30 2.92 3.55 1.44
N ARG A 31 3.72 4.63 1.42
CA ARG A 31 5.17 4.51 1.62
C ARG A 31 5.74 5.47 2.70
N PRO A 32 4.99 5.79 3.80
CA PRO A 32 5.50 6.68 4.87
C PRO A 32 6.47 5.96 5.82
N LEU A 33 6.93 4.78 5.40
CA LEU A 33 7.85 3.94 6.19
C LEU A 33 9.21 4.65 6.39
N PRO A 34 9.91 4.35 7.50
CA PRO A 34 11.20 5.01 7.84
C PRO A 34 12.34 4.68 6.86
N ALA A 35 12.60 3.40 6.62
CA ALA A 35 13.72 2.97 5.76
C ALA A 35 13.38 1.68 5.00
N HIS A 36 13.21 1.80 3.68
CA HIS A 36 12.75 0.67 2.86
C HIS A 36 12.83 0.97 1.37
N ASP A 37 12.28 0.05 0.57
CA ASP A 37 12.12 0.22 -0.87
C ASP A 37 10.62 0.29 -1.20
N TYR A 38 10.23 0.97 -2.28
CA TYR A 38 8.82 1.04 -2.68
C TYR A 38 8.59 0.48 -4.09
N PHE A 39 7.40 -0.09 -4.30
CA PHE A 39 7.09 -0.85 -5.52
C PHE A 39 6.25 0.00 -6.52
N GLU A 40 5.35 -0.65 -7.26
CA GLU A 40 4.54 0.00 -8.28
C GLU A 40 3.21 0.54 -7.73
N PHE A 41 2.73 1.65 -8.29
CA PHE A 41 1.46 2.27 -7.88
C PHE A 41 0.60 2.62 -9.11
N PHE A 42 -0.71 2.65 -8.94
CA PHE A 42 -1.63 2.95 -10.07
C PHE A 42 -2.22 4.36 -9.97
N ALA A 43 -2.92 4.80 -11.02
CA ALA A 43 -3.54 6.13 -11.05
C ALA A 43 -4.83 6.13 -11.89
N ALA A 44 -5.88 6.76 -11.39
CA ALA A 44 -7.17 6.84 -12.10
C ALA A 44 -8.06 7.96 -11.56
N ASP A 45 -8.80 8.62 -12.46
CA ASP A 45 -9.69 9.73 -12.09
C ASP A 45 -10.86 9.28 -11.18
N LEU A 46 -11.63 10.27 -10.70
CA LEU A 46 -12.80 9.99 -9.85
C LEU A 46 -14.10 10.47 -10.52
N SER A 47 -15.22 10.33 -9.80
CA SER A 47 -16.56 10.74 -10.30
C SER A 47 -17.12 9.76 -11.35
N LEU A 48 -16.30 9.45 -12.36
CA LEU A 48 -16.69 8.50 -13.41
C LEU A 48 -16.83 7.08 -12.84
N TYR A 49 -17.89 6.37 -13.23
CA TYR A 49 -18.16 5.02 -12.72
C TYR A 49 -16.94 4.08 -12.85
N PRO A 50 -16.73 3.18 -11.86
CA PRO A 50 -15.54 2.31 -11.81
C PRO A 50 -15.46 1.30 -12.97
N HIS A 51 -15.01 1.76 -14.14
CA HIS A 51 -14.78 0.89 -15.30
C HIS A 51 -13.42 0.19 -15.20
N LEU A 52 -12.74 0.39 -14.07
CA LEU A 52 -11.40 -0.18 -13.84
C LEU A 52 -11.19 -0.45 -12.35
N TYR A 53 -10.55 -1.59 -12.04
CA TYR A 53 -10.16 -1.92 -10.66
C TYR A 53 -8.67 -2.29 -10.61
N SER A 54 -7.92 -1.66 -9.72
CA SER A 54 -6.48 -1.92 -9.58
C SER A 54 -6.01 -1.69 -8.14
N ARG A 55 -4.77 -2.11 -7.85
CA ARG A 55 -4.22 -1.98 -6.49
C ARG A 55 -2.71 -1.71 -6.51
N ALA A 56 -2.22 -1.02 -5.49
CA ALA A 56 -0.80 -0.63 -5.41
C ALA A 56 0.01 -1.60 -4.54
N TYR A 57 1.32 -1.67 -4.78
CA TYR A 57 2.22 -2.60 -4.08
C TYR A 57 3.17 -1.88 -3.13
N ILE A 58 3.31 -2.42 -1.92
CA ILE A 58 4.18 -1.85 -0.88
C ILE A 58 5.30 -2.83 -0.48
N ASN A 59 6.55 -2.37 -0.53
CA ASN A 59 7.67 -3.21 -0.13
C ASN A 59 8.26 -2.77 1.22
N PHE A 60 8.26 -3.68 2.18
CA PHE A 60 8.87 -3.43 3.49
C PHE A 60 10.33 -3.92 3.52
N ARG A 61 11.09 -3.43 4.49
CA ARG A 61 12.48 -3.83 4.63
C ARG A 61 12.84 -4.09 6.11
N ASN A 62 11.82 -4.49 6.88
CA ASN A 62 12.00 -4.78 8.31
C ASN A 62 10.74 -5.48 8.87
N PRO A 63 10.88 -6.71 9.43
CA PRO A 63 9.74 -7.46 9.98
C PRO A 63 8.93 -6.68 11.02
N ASP A 64 9.64 -5.99 11.91
CA ASP A 64 9.01 -5.13 12.93
C ASP A 64 8.23 -3.98 12.29
N ASP A 65 8.80 -3.40 11.23
CA ASP A 65 8.15 -2.31 10.50
C ASP A 65 6.79 -2.75 9.93
N ILE A 66 6.72 -4.01 9.49
CA ILE A 66 5.48 -4.60 8.96
C ILE A 66 4.34 -4.53 9.99
N LEU A 67 4.56 -5.13 11.17
CA LEU A 67 3.53 -5.15 12.22
C LEU A 67 3.25 -3.74 12.74
N LEU A 68 4.27 -2.88 12.76
CA LEU A 68 4.12 -1.48 13.14
C LEU A 68 3.05 -0.77 12.30
N PHE A 69 3.27 -0.72 10.99
CA PHE A 69 2.35 -0.05 10.07
C PHE A 69 1.03 -0.80 9.92
N ARG A 70 1.06 -2.13 9.97
CA ARG A 70 -0.17 -2.92 9.96
C ARG A 70 -1.08 -2.52 11.14
N ASP A 71 -0.47 -2.39 12.32
CA ASP A 71 -1.19 -2.09 13.55
C ASP A 71 -1.79 -0.67 13.53
N ARG A 72 -0.98 0.32 13.19
CA ARG A 72 -1.42 1.72 13.23
C ARG A 72 -2.36 2.09 12.06
N PHE A 73 -2.45 1.20 11.05
CA PHE A 73 -3.37 1.41 9.92
C PHE A 73 -4.61 0.50 10.01
N ASP A 74 -4.48 -0.72 9.45
CA ASP A 74 -5.58 -1.70 9.37
C ASP A 74 -6.97 -1.08 9.05
N GLY A 75 -7.40 -1.19 7.79
CA GLY A 75 -8.68 -0.62 7.37
C GLY A 75 -8.73 0.90 7.48
N TYR A 76 -7.76 1.55 6.85
CA TYR A 76 -7.63 3.01 6.92
C TYR A 76 -8.47 3.72 5.84
N ILE A 77 -9.54 4.39 6.27
CA ILE A 77 -10.44 5.10 5.35
C ILE A 77 -9.89 6.50 5.00
N PHE A 78 -9.44 6.68 3.77
CA PHE A 78 -8.95 7.98 3.30
C PHE A 78 -10.05 8.77 2.56
N LEU A 79 -10.13 10.07 2.83
CA LEU A 79 -11.06 10.97 2.13
C LEU A 79 -10.29 12.05 1.35
N ASP A 80 -10.42 12.03 0.03
CA ASP A 80 -9.62 12.86 -0.88
C ASP A 80 -9.79 14.39 -0.64
N SER A 81 -10.90 14.94 -1.10
CA SER A 81 -11.20 16.38 -1.03
C SER A 81 -12.69 16.58 -1.26
N LYS A 82 -13.22 15.82 -2.22
CA LYS A 82 -14.67 15.69 -2.41
C LYS A 82 -15.27 14.97 -1.19
N GLY A 83 -14.77 13.77 -0.91
CA GLY A 83 -15.23 13.00 0.24
C GLY A 83 -15.57 11.56 -0.09
N LEU A 84 -14.80 10.95 -0.98
CA LEU A 84 -14.97 9.54 -1.35
C LEU A 84 -14.13 8.64 -0.43
N GLU A 85 -14.73 7.55 0.05
CA GLU A 85 -14.01 6.62 0.93
C GLU A 85 -13.00 5.77 0.16
N TYR A 86 -11.73 5.86 0.55
CA TYR A 86 -10.69 4.97 0.04
C TYR A 86 -10.26 4.00 1.14
N PRO A 87 -10.91 2.82 1.24
CA PRO A 87 -10.63 1.85 2.31
C PRO A 87 -9.29 1.12 2.10
N ALA A 88 -8.24 1.69 2.67
CA ALA A 88 -6.91 1.08 2.61
C ALA A 88 -6.85 -0.21 3.44
N VAL A 89 -7.25 -1.32 2.84
CA VAL A 89 -7.18 -2.64 3.48
C VAL A 89 -5.81 -3.27 3.24
N VAL A 90 -5.08 -3.57 4.32
CA VAL A 90 -3.70 -4.05 4.21
C VAL A 90 -3.59 -5.59 4.29
N GLU A 91 -3.01 -6.19 3.24
CA GLU A 91 -2.70 -7.63 3.25
C GLU A 91 -1.28 -7.86 2.72
N PHE A 92 -0.76 -9.07 2.88
CA PHE A 92 0.60 -9.40 2.45
C PHE A 92 0.60 -10.46 1.34
N ALA A 93 1.70 -10.52 0.58
CA ALA A 93 1.86 -11.51 -0.48
C ALA A 93 2.15 -12.90 0.10
N PRO A 94 1.26 -13.89 -0.16
CA PRO A 94 1.41 -15.25 0.38
C PRO A 94 2.75 -15.89 -0.03
N PHE A 95 3.63 -16.11 0.96
CA PHE A 95 4.95 -16.72 0.72
C PHE A 95 4.84 -18.23 0.41
N GLN A 96 3.61 -18.74 0.38
CA GLN A 96 3.38 -20.16 0.04
C GLN A 96 3.63 -20.44 -1.44
N LYS A 97 4.24 -21.59 -1.72
CA LYS A 97 4.57 -21.99 -3.09
C LYS A 97 3.37 -22.67 -3.78
N MET A 1 30.13 -3.79 17.22
CA MET A 1 28.77 -3.84 16.64
C MET A 1 28.64 -4.93 15.58
N GLY A 2 27.47 -5.01 14.95
CA GLY A 2 27.25 -5.96 13.87
C GLY A 2 26.26 -5.44 12.84
N HIS A 3 25.57 -6.34 12.16
CA HIS A 3 24.58 -5.97 11.14
C HIS A 3 23.27 -6.75 11.32
N HIS A 4 22.18 -6.20 10.79
CA HIS A 4 20.90 -6.90 10.77
C HIS A 4 20.91 -7.96 9.65
N HIS A 5 21.66 -9.04 9.90
CA HIS A 5 21.97 -10.04 8.88
C HIS A 5 20.72 -10.70 8.28
N HIS A 6 19.71 -10.94 9.10
CA HIS A 6 18.42 -11.42 8.59
C HIS A 6 17.72 -10.32 7.80
N HIS A 7 18.08 -10.18 6.52
CA HIS A 7 17.60 -9.08 5.68
C HIS A 7 16.40 -9.51 4.80
N HIS A 8 15.64 -10.49 5.30
CA HIS A 8 14.48 -11.02 4.56
C HIS A 8 13.19 -10.29 4.97
N SER A 9 12.32 -10.04 4.00
CA SER A 9 11.07 -9.31 4.25
C SER A 9 9.86 -10.02 3.62
N HIS A 10 8.73 -9.97 4.31
CA HIS A 10 7.48 -10.52 3.79
C HIS A 10 6.84 -9.54 2.78
N MET A 11 6.74 -9.95 1.51
CA MET A 11 6.14 -9.10 0.47
C MET A 11 4.64 -8.83 0.75
N VAL A 12 4.30 -7.57 0.93
CA VAL A 12 2.95 -7.18 1.38
C VAL A 12 2.20 -6.37 0.30
N VAL A 13 0.90 -6.63 0.18
CA VAL A 13 0.02 -5.88 -0.72
C VAL A 13 -0.97 -5.01 0.07
N ILE A 14 -1.72 -4.16 -0.61
CA ILE A 14 -2.78 -3.37 0.05
C ILE A 14 -4.09 -3.43 -0.76
N ARG A 15 -5.14 -3.96 -0.15
CA ARG A 15 -6.42 -4.18 -0.84
C ARG A 15 -7.40 -3.01 -0.64
N ARG A 16 -8.51 -3.04 -1.39
CA ARG A 16 -9.64 -2.11 -1.22
C ARG A 16 -9.44 -0.76 -1.95
N LEU A 17 -8.25 -0.56 -2.53
CA LEU A 17 -7.94 0.70 -3.24
C LEU A 17 -8.72 0.84 -4.57
N PRO A 18 -9.66 1.81 -4.66
CA PRO A 18 -10.38 2.12 -5.89
C PRO A 18 -9.79 3.35 -6.63
N PRO A 19 -10.21 3.62 -7.88
CA PRO A 19 -9.78 4.82 -8.63
C PRO A 19 -10.10 6.13 -7.89
N GLY A 20 -9.16 7.08 -7.91
CA GLY A 20 -9.35 8.33 -7.18
C GLY A 20 -8.27 9.37 -7.49
N LEU A 21 -7.70 9.96 -6.45
CA LEU A 21 -6.61 10.94 -6.62
C LEU A 21 -5.38 10.30 -7.31
N THR A 22 -4.58 11.13 -7.97
CA THR A 22 -3.42 10.65 -8.72
C THR A 22 -2.34 10.11 -7.78
N LYS A 23 -1.60 9.10 -8.24
CA LYS A 23 -0.56 8.47 -7.42
C LYS A 23 0.39 9.51 -6.78
N GLU A 24 0.61 10.63 -7.46
CA GLU A 24 1.46 11.73 -6.96
C GLU A 24 1.12 12.09 -5.50
N GLN A 25 -0.15 12.00 -5.14
CA GLN A 25 -0.60 12.20 -3.77
C GLN A 25 -0.99 10.85 -3.12
N LEU A 26 -1.71 10.04 -3.87
CA LEU A 26 -2.21 8.74 -3.40
C LEU A 26 -1.10 7.86 -2.78
N GLU A 27 0.12 7.95 -3.29
CA GLU A 27 1.21 7.09 -2.81
C GLU A 27 1.76 7.53 -1.44
N GLU A 28 1.65 8.81 -1.10
CA GLU A 28 2.28 9.33 0.12
C GLU A 28 1.70 8.68 1.40
N GLN A 29 0.43 8.32 1.37
CA GLN A 29 -0.19 7.58 2.50
C GLN A 29 0.02 6.06 2.37
N LEU A 30 0.31 5.60 1.15
CA LEU A 30 0.55 4.16 0.91
C LEU A 30 2.02 3.79 1.17
N ARG A 31 2.90 4.79 1.21
CA ARG A 31 4.31 4.57 1.55
C ARG A 31 4.86 5.66 2.51
N PRO A 32 4.23 5.84 3.69
CA PRO A 32 4.71 6.81 4.69
C PRO A 32 5.81 6.22 5.59
N LEU A 33 6.56 5.27 5.05
CA LEU A 33 7.60 4.55 5.80
C LEU A 33 8.88 5.40 5.97
N PRO A 34 9.60 5.23 7.10
CA PRO A 34 10.81 6.03 7.41
C PRO A 34 11.87 5.99 6.29
N ALA A 35 12.43 4.80 6.03
CA ALA A 35 13.37 4.61 4.91
C ALA A 35 13.25 3.20 4.32
N HIS A 36 12.26 2.99 3.45
CA HIS A 36 12.02 1.67 2.85
C HIS A 36 11.64 1.80 1.37
N ASP A 37 11.83 0.71 0.63
CA ASP A 37 11.55 0.68 -0.81
C ASP A 37 10.03 0.66 -1.10
N TYR A 38 9.62 1.23 -2.24
CA TYR A 38 8.21 1.28 -2.61
C TYR A 38 7.94 0.64 -3.98
N PHE A 39 6.71 0.17 -4.17
CA PHE A 39 6.32 -0.52 -5.41
C PHE A 39 5.49 0.41 -6.33
N GLU A 40 4.75 -0.16 -7.27
CA GLU A 40 3.90 0.61 -8.19
C GLU A 40 2.65 1.16 -7.50
N PHE A 41 2.25 2.36 -7.89
CA PHE A 41 1.01 2.98 -7.41
C PHE A 41 0.14 3.41 -8.60
N PHE A 42 -1.04 2.80 -8.72
CA PHE A 42 -1.92 3.00 -9.88
C PHE A 42 -2.33 4.47 -10.07
N ALA A 43 -2.46 4.87 -11.33
CA ALA A 43 -2.94 6.22 -11.66
C ALA A 43 -4.29 6.15 -12.40
N ALA A 44 -5.37 6.37 -11.65
CA ALA A 44 -6.73 6.35 -12.21
C ALA A 44 -7.57 7.50 -11.64
N ASP A 45 -7.96 8.44 -12.49
CA ASP A 45 -8.64 9.67 -12.06
C ASP A 45 -9.93 9.40 -11.25
N LEU A 46 -10.23 10.33 -10.33
CA LEU A 46 -11.45 10.29 -9.51
C LEU A 46 -12.72 10.70 -10.30
N SER A 47 -12.66 10.55 -11.63
CA SER A 47 -13.78 10.94 -12.50
C SER A 47 -14.80 9.80 -12.69
N LEU A 48 -15.90 10.12 -13.35
CA LEU A 48 -16.97 9.15 -13.61
C LEU A 48 -16.64 8.25 -14.81
N TYR A 49 -15.64 8.64 -15.61
CA TYR A 49 -15.20 7.83 -16.75
C TYR A 49 -14.86 6.39 -16.33
N PRO A 50 -15.19 5.39 -17.17
CA PRO A 50 -14.95 3.98 -16.85
C PRO A 50 -13.45 3.66 -16.60
N HIS A 51 -13.11 3.41 -15.34
CA HIS A 51 -11.74 3.01 -14.97
C HIS A 51 -11.68 1.50 -14.65
N LEU A 52 -10.46 0.97 -14.58
CA LEU A 52 -10.25 -0.46 -14.30
C LEU A 52 -10.01 -0.70 -12.80
N TYR A 53 -10.16 -1.95 -12.37
CA TYR A 53 -9.93 -2.32 -10.98
C TYR A 53 -8.44 -2.47 -10.68
N SER A 54 -7.80 -1.35 -10.34
CA SER A 54 -6.36 -1.31 -10.05
C SER A 54 -6.05 -1.60 -8.58
N ARG A 55 -4.75 -1.65 -8.24
CA ARG A 55 -4.32 -1.92 -6.86
C ARG A 55 -2.90 -1.39 -6.60
N ALA A 56 -2.42 -1.53 -5.37
CA ALA A 56 -1.07 -1.05 -4.99
C ALA A 56 -0.32 -2.09 -4.15
N TYR A 57 1.01 -1.95 -4.10
CA TYR A 57 1.85 -2.91 -3.37
C TYR A 57 2.84 -2.18 -2.43
N ILE A 58 3.08 -2.77 -1.26
CA ILE A 58 4.00 -2.18 -0.27
C ILE A 58 5.19 -3.11 0.02
N ASN A 59 6.39 -2.68 -0.37
CA ASN A 59 7.59 -3.51 -0.18
C ASN A 59 8.29 -3.21 1.16
N PHE A 60 7.86 -3.92 2.20
CA PHE A 60 8.48 -3.78 3.52
C PHE A 60 9.93 -4.27 3.52
N ARG A 61 10.76 -3.72 4.41
CA ARG A 61 12.19 -4.05 4.45
C ARG A 61 12.64 -4.52 5.85
N ASN A 62 11.70 -4.77 6.75
CA ASN A 62 12.02 -5.21 8.12
C ASN A 62 10.80 -5.86 8.80
N PRO A 63 11.01 -6.98 9.54
CA PRO A 63 9.92 -7.70 10.23
C PRO A 63 9.14 -6.81 11.22
N ASP A 64 9.88 -6.05 12.03
CA ASP A 64 9.27 -5.09 12.97
C ASP A 64 8.51 -3.99 12.22
N ASP A 65 9.06 -3.58 11.09
CA ASP A 65 8.47 -2.53 10.25
C ASP A 65 7.09 -2.97 9.73
N ILE A 66 6.99 -4.27 9.39
CA ILE A 66 5.72 -4.86 8.93
C ILE A 66 4.61 -4.71 9.98
N LEU A 67 4.82 -5.29 11.17
CA LEU A 67 3.81 -5.24 12.24
C LEU A 67 3.55 -3.80 12.71
N LEU A 68 4.59 -2.97 12.67
CA LEU A 68 4.48 -1.54 13.04
C LEU A 68 3.38 -0.85 12.24
N PHE A 69 3.53 -0.84 10.91
CA PHE A 69 2.57 -0.19 10.03
C PHE A 69 1.27 -0.99 9.89
N ARG A 70 1.36 -2.32 9.91
CA ARG A 70 0.16 -3.17 9.83
C ARG A 70 -0.83 -2.81 10.95
N ASP A 71 -0.32 -2.61 12.16
CA ASP A 71 -1.14 -2.27 13.33
C ASP A 71 -1.87 -0.92 13.16
N ARG A 72 -1.36 -0.06 12.28
CA ARG A 72 -1.96 1.27 12.08
C ARG A 72 -2.46 1.47 10.63
N PHE A 73 -2.47 0.39 9.84
CA PHE A 73 -2.91 0.46 8.44
C PHE A 73 -3.70 -0.79 8.01
N ASP A 74 -4.10 -1.60 8.97
CA ASP A 74 -4.87 -2.83 8.68
C ASP A 74 -6.31 -2.54 8.20
N GLY A 75 -6.60 -1.28 7.87
CA GLY A 75 -7.91 -0.90 7.38
C GLY A 75 -8.27 0.54 7.70
N TYR A 76 -7.73 1.48 6.93
CA TYR A 76 -8.01 2.91 7.17
C TYR A 76 -8.85 3.52 6.04
N ILE A 77 -9.52 4.63 6.32
CA ILE A 77 -10.37 5.33 5.35
C ILE A 77 -9.76 6.68 4.95
N PHE A 78 -9.26 6.79 3.73
CA PHE A 78 -8.70 8.05 3.22
C PHE A 78 -9.79 8.87 2.50
N LEU A 79 -10.04 10.09 2.99
CA LEU A 79 -11.04 10.98 2.38
C LEU A 79 -10.42 11.86 1.28
N ASP A 80 -10.88 11.67 0.05
CA ASP A 80 -10.43 12.45 -1.10
C ASP A 80 -10.81 13.93 -0.98
N SER A 81 -10.28 14.77 -1.88
CA SER A 81 -10.67 16.18 -1.96
C SER A 81 -12.17 16.32 -2.25
N LYS A 82 -12.72 15.34 -2.96
CA LYS A 82 -14.16 15.27 -3.25
C LYS A 82 -14.95 14.71 -2.06
N GLY A 83 -14.23 14.23 -1.04
CA GLY A 83 -14.86 13.61 0.11
C GLY A 83 -15.07 12.10 -0.05
N LEU A 84 -14.49 11.53 -1.10
CA LEU A 84 -14.64 10.10 -1.39
C LEU A 84 -13.87 9.24 -0.38
N GLU A 85 -14.59 8.33 0.29
CA GLU A 85 -14.00 7.42 1.28
C GLU A 85 -13.28 6.25 0.59
N TYR A 86 -11.94 6.27 0.65
CA TYR A 86 -11.14 5.16 0.11
C TYR A 86 -10.68 4.22 1.22
N PRO A 87 -11.24 2.99 1.29
CA PRO A 87 -10.79 1.98 2.25
C PRO A 87 -9.48 1.31 1.80
N ALA A 88 -8.60 1.02 2.74
CA ALA A 88 -7.32 0.40 2.40
C ALA A 88 -6.84 -0.56 3.51
N VAL A 89 -6.72 -1.83 3.17
CA VAL A 89 -6.29 -2.88 4.12
C VAL A 89 -4.93 -3.47 3.73
N VAL A 90 -3.93 -3.30 4.58
CA VAL A 90 -2.59 -3.88 4.35
C VAL A 90 -2.56 -5.37 4.72
N GLU A 91 -1.98 -6.21 3.85
CA GLU A 91 -1.96 -7.66 4.08
C GLU A 91 -0.84 -8.38 3.31
N PHE A 92 -0.36 -9.48 3.87
CA PHE A 92 0.72 -10.28 3.27
C PHE A 92 0.19 -11.21 2.16
N ALA A 93 1.03 -11.45 1.14
CA ALA A 93 0.70 -12.40 0.08
C ALA A 93 0.96 -13.85 0.52
N PRO A 94 -0.09 -14.70 0.60
CA PRO A 94 0.01 -16.06 1.16
C PRO A 94 1.18 -16.91 0.60
N PHE A 95 1.98 -17.47 1.51
CA PHE A 95 3.10 -18.34 1.14
C PHE A 95 2.69 -19.82 1.21
N GLN A 96 3.18 -20.63 0.27
CA GLN A 96 2.81 -22.05 0.18
C GLN A 96 4.02 -22.95 -0.09
N LYS A 97 3.96 -24.17 0.44
CA LYS A 97 5.00 -25.18 0.22
C LYS A 97 4.88 -25.77 -1.21
N MET A 1 17.47 -24.40 -3.44
CA MET A 1 17.17 -24.15 -2.00
C MET A 1 18.44 -23.71 -1.24
N GLY A 2 19.27 -22.89 -1.89
CA GLY A 2 20.57 -22.53 -1.33
C GLY A 2 20.51 -21.68 -0.06
N HIS A 3 20.30 -22.34 1.08
CA HIS A 3 20.37 -21.70 2.40
C HIS A 3 19.39 -20.52 2.56
N HIS A 4 18.24 -20.78 3.18
CA HIS A 4 17.23 -19.73 3.39
C HIS A 4 17.27 -19.18 4.82
N HIS A 5 17.40 -17.86 4.95
CA HIS A 5 17.31 -17.19 6.24
C HIS A 5 15.83 -17.04 6.64
N HIS A 6 15.32 -18.02 7.42
CA HIS A 6 13.87 -18.15 7.68
C HIS A 6 13.21 -16.87 8.22
N HIS A 7 13.98 -16.02 8.87
CA HIS A 7 13.45 -14.72 9.35
C HIS A 7 13.63 -13.66 8.24
N HIS A 8 13.03 -13.93 7.08
CA HIS A 8 13.12 -13.03 5.92
C HIS A 8 11.91 -12.09 5.85
N SER A 9 12.15 -10.84 5.43
CA SER A 9 11.07 -9.86 5.25
C SER A 9 10.03 -10.35 4.24
N HIS A 10 8.78 -10.48 4.67
CA HIS A 10 7.71 -11.00 3.81
C HIS A 10 7.01 -9.86 3.02
N MET A 11 6.62 -10.17 1.79
CA MET A 11 5.94 -9.19 0.92
C MET A 11 4.49 -8.94 1.35
N VAL A 12 4.29 -7.93 2.20
CA VAL A 12 2.97 -7.53 2.66
C VAL A 12 2.50 -6.26 1.92
N VAL A 13 1.25 -6.26 1.46
CA VAL A 13 0.72 -5.17 0.62
C VAL A 13 -0.55 -4.54 1.20
N ILE A 14 -1.07 -3.55 0.48
CA ILE A 14 -2.27 -2.80 0.87
C ILE A 14 -3.50 -3.25 0.05
N ARG A 15 -4.70 -3.06 0.61
CA ARG A 15 -5.95 -3.48 -0.04
C ARG A 15 -6.97 -2.31 -0.15
N ARG A 16 -7.89 -2.41 -1.13
CA ARG A 16 -8.96 -1.41 -1.33
C ARG A 16 -8.44 -0.10 -1.93
N LEU A 17 -7.78 -0.19 -3.08
CA LEU A 17 -7.32 1.00 -3.82
C LEU A 17 -8.11 1.16 -5.13
N PRO A 18 -9.22 1.92 -5.12
CA PRO A 18 -10.04 2.15 -6.31
C PRO A 18 -9.63 3.42 -7.09
N PRO A 19 -9.93 3.48 -8.40
CA PRO A 19 -9.65 4.67 -9.23
C PRO A 19 -10.39 5.94 -8.73
N GLY A 20 -9.75 6.65 -7.80
CA GLY A 20 -10.35 7.88 -7.25
C GLY A 20 -9.34 9.02 -7.07
N LEU A 21 -8.08 8.76 -7.42
CA LEU A 21 -7.01 9.76 -7.24
C LEU A 21 -5.73 9.34 -7.97
N THR A 22 -4.88 10.32 -8.28
CA THR A 22 -3.66 10.09 -9.06
C THR A 22 -2.53 9.55 -8.17
N LYS A 23 -1.67 8.71 -8.75
CA LYS A 23 -0.54 8.11 -8.04
C LYS A 23 0.28 9.12 -7.22
N GLU A 24 0.22 10.41 -7.60
CA GLU A 24 0.95 11.47 -6.90
C GLU A 24 0.41 11.71 -5.48
N GLN A 25 -0.91 11.62 -5.32
CA GLN A 25 -1.54 11.70 -3.99
C GLN A 25 -1.73 10.30 -3.40
N LEU A 26 -2.16 9.38 -4.25
CA LEU A 26 -2.37 7.97 -3.88
C LEU A 26 -1.13 7.36 -3.19
N GLU A 27 0.05 7.88 -3.50
CA GLU A 27 1.30 7.40 -2.90
C GLU A 27 1.41 7.72 -1.40
N GLU A 28 0.89 8.88 -0.99
CA GLU A 28 1.15 9.44 0.34
C GLU A 28 0.72 8.50 1.47
N GLN A 29 -0.41 7.83 1.29
CA GLN A 29 -0.94 6.90 2.31
C GLN A 29 -0.33 5.50 2.16
N LEU A 30 0.33 5.25 1.04
CA LEU A 30 0.93 3.94 0.77
C LEU A 30 2.45 3.94 1.02
N ARG A 31 3.05 5.12 1.10
CA ARG A 31 4.49 5.24 1.40
C ARG A 31 4.82 6.34 2.43
N PRO A 32 4.07 6.47 3.55
CA PRO A 32 4.38 7.45 4.60
C PRO A 32 5.44 6.93 5.60
N LEU A 33 6.12 5.85 5.25
CA LEU A 33 7.10 5.21 6.13
C LEU A 33 8.44 5.96 6.14
N PRO A 34 9.21 5.87 7.24
CA PRO A 34 10.53 6.53 7.35
C PRO A 34 11.60 5.90 6.43
N ALA A 35 11.28 4.71 5.90
CA ALA A 35 12.18 3.98 5.01
C ALA A 35 11.41 2.92 4.21
N HIS A 36 12.13 1.91 3.70
CA HIS A 36 11.53 0.77 2.96
C HIS A 36 11.10 1.15 1.54
N ASP A 37 11.10 0.17 0.63
CA ASP A 37 10.76 0.39 -0.77
C ASP A 37 9.26 0.72 -0.96
N TYR A 38 8.97 1.40 -2.07
CA TYR A 38 7.59 1.72 -2.46
C TYR A 38 7.32 1.14 -3.87
N PHE A 39 6.18 0.50 -4.04
CA PHE A 39 5.84 -0.14 -5.31
C PHE A 39 5.23 0.87 -6.30
N GLU A 40 5.27 0.54 -7.59
CA GLU A 40 4.74 1.42 -8.63
C GLU A 40 3.21 1.61 -8.49
N PHE A 41 2.81 2.81 -8.07
CA PHE A 41 1.40 3.14 -7.84
C PHE A 41 0.66 3.35 -9.18
N PHE A 42 -0.55 2.80 -9.30
CA PHE A 42 -1.34 2.93 -10.54
C PHE A 42 -1.81 4.37 -10.76
N ALA A 43 -1.96 4.76 -12.03
CA ALA A 43 -2.40 6.12 -12.38
C ALA A 43 -3.86 6.13 -12.85
N ALA A 44 -4.78 6.38 -11.92
CA ALA A 44 -6.21 6.47 -12.24
C ALA A 44 -6.96 7.36 -11.25
N ASP A 45 -7.30 8.57 -11.69
CA ASP A 45 -7.96 9.54 -10.81
C ASP A 45 -9.49 9.29 -10.73
N LEU A 46 -10.20 10.24 -10.10
CA LEU A 46 -11.63 10.06 -9.82
C LEU A 46 -12.53 10.16 -11.06
N SER A 47 -11.95 10.49 -12.23
CA SER A 47 -12.72 10.54 -13.49
C SER A 47 -13.53 9.26 -13.70
N LEU A 48 -14.79 9.41 -14.08
CA LEU A 48 -15.71 8.27 -14.23
C LEU A 48 -15.35 7.39 -15.45
N TYR A 49 -16.14 6.34 -15.65
CA TYR A 49 -15.84 5.29 -16.62
C TYR A 49 -14.51 4.59 -16.27
N PRO A 50 -14.53 3.74 -15.22
CA PRO A 50 -13.33 2.98 -14.81
C PRO A 50 -12.87 2.01 -15.91
N HIS A 51 -11.89 2.44 -16.71
CA HIS A 51 -11.39 1.64 -17.83
C HIS A 51 -10.77 0.31 -17.34
N LEU A 52 -10.17 0.33 -16.15
CA LEU A 52 -9.56 -0.86 -15.56
C LEU A 52 -9.45 -0.74 -14.04
N TYR A 53 -9.15 -1.85 -13.38
CA TYR A 53 -8.98 -1.88 -11.92
C TYR A 53 -7.62 -2.48 -11.53
N SER A 54 -6.60 -1.62 -11.42
CA SER A 54 -5.26 -2.05 -11.00
C SER A 54 -4.97 -1.56 -9.58
N ARG A 55 -4.16 -2.32 -8.84
CA ARG A 55 -3.86 -1.97 -7.44
C ARG A 55 -2.43 -1.44 -7.27
N ALA A 56 -2.26 -0.48 -6.37
CA ALA A 56 -0.94 -0.03 -5.96
C ALA A 56 -0.46 -0.84 -4.75
N TYR A 57 0.62 -1.58 -4.92
CA TYR A 57 1.12 -2.48 -3.86
C TYR A 57 2.21 -1.81 -3.01
N ILE A 58 2.75 -2.55 -2.04
CA ILE A 58 3.81 -2.05 -1.16
C ILE A 58 4.92 -3.12 -1.01
N ASN A 59 6.16 -2.68 -0.76
CA ASN A 59 7.28 -3.61 -0.54
C ASN A 59 8.01 -3.30 0.78
N PHE A 60 7.78 -4.15 1.79
CA PHE A 60 8.40 -3.99 3.11
C PHE A 60 9.82 -4.57 3.17
N ARG A 61 10.70 -3.92 3.94
CA ARG A 61 12.11 -4.33 4.02
C ARG A 61 12.50 -4.84 5.41
N ASN A 62 11.54 -4.84 6.33
CA ASN A 62 11.81 -5.24 7.73
C ASN A 62 10.57 -5.90 8.35
N PRO A 63 10.72 -7.11 8.94
CA PRO A 63 9.62 -7.83 9.60
C PRO A 63 8.92 -6.98 10.69
N ASP A 64 9.70 -6.17 11.41
CA ASP A 64 9.17 -5.25 12.42
C ASP A 64 8.45 -4.05 11.76
N ASP A 65 8.98 -3.59 10.63
CA ASP A 65 8.37 -2.50 9.85
C ASP A 65 6.96 -2.92 9.37
N ILE A 66 6.83 -4.20 8.99
CA ILE A 66 5.55 -4.78 8.58
C ILE A 66 4.48 -4.65 9.68
N LEU A 67 4.74 -5.27 10.83
CA LEU A 67 3.78 -5.25 11.95
C LEU A 67 3.56 -3.83 12.49
N LEU A 68 4.58 -2.98 12.36
CA LEU A 68 4.49 -1.59 12.79
C LEU A 68 3.39 -0.84 12.04
N PHE A 69 3.49 -0.80 10.72
CA PHE A 69 2.55 -0.04 9.89
C PHE A 69 1.22 -0.76 9.64
N ARG A 70 1.20 -2.10 9.70
CA ARG A 70 -0.07 -2.84 9.63
C ARG A 70 -1.01 -2.37 10.75
N ASP A 71 -0.46 -2.29 11.97
CA ASP A 71 -1.22 -1.91 13.17
C ASP A 71 -1.86 -0.51 13.04
N ARG A 72 -1.05 0.51 12.77
CA ARG A 72 -1.54 1.90 12.68
C ARG A 72 -2.50 2.10 11.50
N PHE A 73 -2.44 1.22 10.51
CA PHE A 73 -3.39 1.24 9.39
C PHE A 73 -4.64 0.40 9.71
N ASP A 74 -4.55 -0.91 9.48
CA ASP A 74 -5.65 -1.87 9.72
C ASP A 74 -7.04 -1.26 9.47
N GLY A 75 -7.41 -1.17 8.19
CA GLY A 75 -8.70 -0.56 7.82
C GLY A 75 -8.72 0.95 8.03
N TYR A 76 -7.63 1.60 7.63
CA TYR A 76 -7.45 3.05 7.82
C TYR A 76 -8.21 3.85 6.74
N ILE A 77 -9.26 4.55 7.17
CA ILE A 77 -10.10 5.33 6.26
C ILE A 77 -9.41 6.62 5.82
N PHE A 78 -8.99 6.67 4.56
CA PHE A 78 -8.40 7.89 3.98
C PHE A 78 -9.39 8.58 3.04
N LEU A 79 -9.63 9.87 3.26
CA LEU A 79 -10.60 10.64 2.45
C LEU A 79 -9.89 11.49 1.38
N ASP A 80 -10.36 11.37 0.14
CA ASP A 80 -9.87 12.20 -0.96
C ASP A 80 -10.33 13.67 -0.79
N SER A 81 -9.83 14.56 -1.65
CA SER A 81 -10.28 15.97 -1.67
C SER A 81 -11.79 16.06 -1.87
N LYS A 82 -12.35 15.13 -2.65
CA LYS A 82 -13.80 15.06 -2.87
C LYS A 82 -14.52 14.24 -1.78
N GLY A 83 -13.80 13.88 -0.72
CA GLY A 83 -14.38 13.14 0.39
C GLY A 83 -14.66 11.66 0.07
N LEU A 84 -13.84 11.08 -0.81
CA LEU A 84 -13.98 9.66 -1.17
C LEU A 84 -13.35 8.75 -0.11
N GLU A 85 -14.14 7.85 0.45
CA GLU A 85 -13.67 6.95 1.53
C GLU A 85 -12.82 5.78 0.98
N TYR A 86 -11.53 5.77 1.33
CA TYR A 86 -10.64 4.66 0.98
C TYR A 86 -10.24 3.85 2.23
N PRO A 87 -10.85 2.67 2.45
CA PRO A 87 -10.51 1.82 3.60
C PRO A 87 -9.19 1.05 3.40
N ALA A 88 -8.08 1.68 3.78
CA ALA A 88 -6.75 1.08 3.64
C ALA A 88 -6.58 -0.16 4.53
N VAL A 89 -6.88 -1.33 3.97
CA VAL A 89 -6.72 -2.62 4.68
C VAL A 89 -5.36 -3.25 4.34
N VAL A 90 -4.74 -3.94 5.30
CA VAL A 90 -3.43 -4.56 5.08
C VAL A 90 -3.53 -6.10 4.95
N GLU A 91 -2.84 -6.65 3.95
CA GLU A 91 -2.85 -8.11 3.73
C GLU A 91 -1.50 -8.58 3.18
N PHE A 92 -1.17 -9.86 3.37
CA PHE A 92 0.12 -10.40 2.91
C PHE A 92 -0.07 -11.16 1.58
N ALA A 93 0.96 -11.14 0.74
CA ALA A 93 0.95 -11.91 -0.51
C ALA A 93 1.31 -13.38 -0.24
N PRO A 94 0.53 -14.34 -0.79
CA PRO A 94 0.75 -15.78 -0.55
C PRO A 94 2.12 -16.29 -1.06
N PHE A 95 2.72 -17.20 -0.31
CA PHE A 95 4.04 -17.75 -0.66
C PHE A 95 3.94 -19.27 -0.90
N GLN A 96 5.06 -19.88 -1.30
CA GLN A 96 5.11 -21.32 -1.54
C GLN A 96 6.11 -22.04 -0.63
N LYS A 97 5.91 -23.34 -0.44
CA LYS A 97 6.77 -24.18 0.41
C LYS A 97 8.23 -24.19 -0.09
N MET A 1 24.40 -13.51 24.82
CA MET A 1 25.38 -13.94 23.78
C MET A 1 24.82 -13.72 22.36
N GLY A 2 25.70 -13.69 21.37
CA GLY A 2 25.27 -13.57 19.98
C GLY A 2 24.88 -12.15 19.57
N HIS A 3 23.64 -11.74 19.90
CA HIS A 3 23.10 -10.43 19.49
C HIS A 3 23.00 -10.29 17.95
N HIS A 4 22.92 -11.42 17.25
CA HIS A 4 22.79 -11.41 15.79
C HIS A 4 21.31 -11.39 15.35
N HIS A 5 20.88 -10.25 14.82
CA HIS A 5 19.52 -10.10 14.28
C HIS A 5 19.52 -10.19 12.75
N HIS A 6 18.35 -10.02 12.13
CA HIS A 6 18.22 -10.16 10.67
C HIS A 6 17.28 -9.10 10.06
N HIS A 7 17.59 -8.66 8.84
CA HIS A 7 16.76 -7.68 8.12
C HIS A 7 15.72 -8.37 7.22
N HIS A 8 15.82 -9.69 7.12
CA HIS A 8 14.91 -10.50 6.29
C HIS A 8 13.44 -10.28 6.68
N SER A 9 12.64 -9.80 5.73
CA SER A 9 11.21 -9.58 5.93
C SER A 9 10.39 -10.09 4.74
N HIS A 10 9.08 -10.27 4.95
CA HIS A 10 8.17 -10.68 3.88
C HIS A 10 7.58 -9.47 3.11
N MET A 11 7.00 -9.74 1.95
CA MET A 11 6.41 -8.68 1.12
C MET A 11 4.91 -8.48 1.42
N VAL A 12 4.58 -7.35 2.04
CA VAL A 12 3.20 -7.02 2.41
C VAL A 12 2.66 -5.88 1.54
N VAL A 13 1.43 -6.03 1.04
CA VAL A 13 0.85 -5.06 0.09
C VAL A 13 -0.45 -4.42 0.63
N ILE A 14 -0.96 -3.43 -0.11
CA ILE A 14 -2.18 -2.72 0.26
C ILE A 14 -3.35 -3.10 -0.66
N ARG A 15 -4.58 -3.16 -0.13
CA ARG A 15 -5.73 -3.65 -0.90
C ARG A 15 -6.98 -2.76 -0.78
N ARG A 16 -7.94 -2.97 -1.68
CA ARG A 16 -9.24 -2.27 -1.69
C ARG A 16 -9.12 -0.79 -2.13
N LEU A 17 -8.05 -0.48 -2.87
CA LEU A 17 -7.85 0.88 -3.42
C LEU A 17 -8.82 1.16 -4.59
N PRO A 18 -9.77 2.10 -4.42
CA PRO A 18 -10.70 2.50 -5.49
C PRO A 18 -10.20 3.72 -6.29
N PRO A 19 -10.73 3.92 -7.52
CA PRO A 19 -10.35 5.06 -8.39
C PRO A 19 -10.59 6.43 -7.72
N GLY A 20 -9.51 7.19 -7.52
CA GLY A 20 -9.61 8.52 -6.94
C GLY A 20 -8.48 9.45 -7.36
N LEU A 21 -7.75 10.01 -6.40
CA LEU A 21 -6.60 10.87 -6.68
C LEU A 21 -5.46 10.10 -7.36
N THR A 22 -4.65 10.81 -8.14
CA THR A 22 -3.57 10.19 -8.92
C THR A 22 -2.39 9.76 -8.02
N LYS A 23 -1.64 8.74 -8.46
CA LYS A 23 -0.57 8.13 -7.67
C LYS A 23 0.36 9.15 -7.00
N GLU A 24 0.62 10.28 -7.66
CA GLU A 24 1.52 11.31 -7.12
C GLU A 24 1.16 11.70 -5.67
N GLN A 25 -0.13 11.72 -5.37
CA GLN A 25 -0.62 11.99 -4.01
C GLN A 25 -1.11 10.69 -3.34
N LEU A 26 -1.77 9.85 -4.12
CA LEU A 26 -2.30 8.57 -3.66
C LEU A 26 -1.22 7.70 -2.96
N GLU A 27 0.02 7.76 -3.47
CA GLU A 27 1.09 6.89 -2.97
C GLU A 27 1.61 7.31 -1.58
N GLU A 28 1.47 8.59 -1.22
CA GLU A 28 2.09 9.11 0.01
C GLU A 28 1.61 8.35 1.26
N GLN A 29 0.31 8.07 1.36
CA GLN A 29 -0.23 7.31 2.50
C GLN A 29 -0.10 5.80 2.28
N LEU A 30 0.29 5.40 1.07
CA LEU A 30 0.54 3.98 0.78
C LEU A 30 2.01 3.61 1.04
N ARG A 31 2.88 4.62 1.13
CA ARG A 31 4.27 4.39 1.53
C ARG A 31 4.77 5.48 2.51
N PRO A 32 4.14 5.57 3.70
CA PRO A 32 4.57 6.51 4.76
C PRO A 32 5.61 5.91 5.73
N LEU A 33 6.24 4.81 5.32
CA LEU A 33 7.23 4.13 6.17
C LEU A 33 8.56 4.90 6.18
N PRO A 34 9.40 4.69 7.24
CA PRO A 34 10.70 5.36 7.36
C PRO A 34 11.66 5.00 6.20
N ALA A 35 11.84 3.71 5.95
CA ALA A 35 12.73 3.24 4.87
C ALA A 35 12.26 1.91 4.29
N HIS A 36 11.93 1.91 2.98
CA HIS A 36 11.49 0.69 2.30
C HIS A 36 11.26 0.94 0.80
N ASP A 37 11.35 -0.11 -0.01
CA ASP A 37 11.05 -0.03 -1.43
C ASP A 37 9.54 0.18 -1.68
N TYR A 38 9.22 0.73 -2.84
CA TYR A 38 7.82 0.94 -3.23
C TYR A 38 7.58 0.51 -4.70
N PHE A 39 6.44 -0.11 -4.94
CA PHE A 39 6.13 -0.66 -6.28
C PHE A 39 5.28 0.31 -7.13
N GLU A 40 4.79 -0.22 -8.24
CA GLU A 40 3.96 0.53 -9.18
C GLU A 40 2.59 0.92 -8.58
N PHE A 41 2.44 2.20 -8.24
CA PHE A 41 1.15 2.75 -7.82
C PHE A 41 0.31 3.16 -9.04
N PHE A 42 -0.91 2.62 -9.14
CA PHE A 42 -1.76 2.86 -10.31
C PHE A 42 -2.17 4.34 -10.46
N ALA A 43 -2.27 4.79 -11.71
CA ALA A 43 -2.73 6.15 -12.01
C ALA A 43 -4.26 6.23 -11.94
N ALA A 44 -4.77 6.87 -10.89
CA ALA A 44 -6.22 6.93 -10.65
C ALA A 44 -6.83 8.28 -11.09
N ASP A 45 -8.02 8.22 -11.68
CA ASP A 45 -8.79 9.41 -12.05
C ASP A 45 -10.20 9.37 -11.42
N LEU A 46 -10.41 10.17 -10.37
CA LEU A 46 -11.70 10.25 -9.70
C LEU A 46 -12.84 10.68 -10.66
N SER A 47 -13.90 9.87 -10.70
CA SER A 47 -15.11 10.15 -11.52
C SER A 47 -14.87 9.95 -13.03
N LEU A 48 -13.69 10.31 -13.52
CA LEU A 48 -13.36 10.17 -14.95
C LEU A 48 -13.34 8.69 -15.37
N TYR A 49 -14.42 8.25 -16.00
CA TYR A 49 -14.59 6.84 -16.42
C TYR A 49 -14.39 5.84 -15.26
N PRO A 50 -15.49 5.47 -14.55
CA PRO A 50 -15.43 4.48 -13.46
C PRO A 50 -15.03 3.07 -13.94
N HIS A 51 -15.08 2.10 -13.01
CA HIS A 51 -14.70 0.70 -13.29
C HIS A 51 -13.18 0.54 -13.51
N LEU A 52 -12.40 1.53 -13.09
CA LEU A 52 -10.93 1.41 -13.15
C LEU A 52 -10.42 0.44 -12.09
N TYR A 53 -10.42 -0.86 -12.42
CA TYR A 53 -10.02 -1.90 -11.47
C TYR A 53 -8.49 -2.04 -11.39
N SER A 54 -7.91 -1.64 -10.26
CA SER A 54 -6.46 -1.68 -10.06
C SER A 54 -6.09 -1.85 -8.57
N ARG A 55 -4.80 -1.74 -8.26
CA ARG A 55 -4.30 -1.86 -6.88
C ARG A 55 -2.84 -1.39 -6.78
N ALA A 56 -2.24 -1.50 -5.58
CA ALA A 56 -0.86 -1.07 -5.37
C ALA A 56 -0.06 -2.10 -4.54
N TYR A 57 1.25 -2.14 -4.75
CA TYR A 57 2.12 -3.10 -4.04
C TYR A 57 3.17 -2.39 -3.17
N ILE A 58 3.52 -3.00 -2.06
CA ILE A 58 4.51 -2.46 -1.13
C ILE A 58 5.60 -3.50 -0.82
N ASN A 59 6.83 -3.04 -0.58
CA ASN A 59 7.94 -3.93 -0.20
C ASN A 59 8.56 -3.49 1.13
N PHE A 60 8.96 -4.46 1.95
CA PHE A 60 9.50 -4.18 3.28
C PHE A 60 10.98 -4.52 3.39
N ARG A 61 11.74 -3.67 4.08
CA ARG A 61 13.16 -3.89 4.34
C ARG A 61 13.41 -4.25 5.81
N ASN A 62 12.33 -4.41 6.58
CA ASN A 62 12.43 -4.70 8.00
C ASN A 62 11.09 -5.26 8.55
N PRO A 63 11.11 -6.37 9.30
CA PRO A 63 9.90 -7.06 9.78
C PRO A 63 9.07 -6.24 10.81
N ASP A 64 9.74 -5.46 11.66
CA ASP A 64 9.05 -4.67 12.70
C ASP A 64 7.98 -3.74 12.10
N ASP A 65 8.31 -3.11 10.98
CA ASP A 65 7.41 -2.16 10.32
C ASP A 65 6.08 -2.82 9.91
N ILE A 66 6.11 -4.12 9.61
CA ILE A 66 4.92 -4.86 9.22
C ILE A 66 3.84 -4.81 10.31
N LEU A 67 4.18 -5.32 11.50
CA LEU A 67 3.24 -5.34 12.63
C LEU A 67 2.98 -3.93 13.18
N LEU A 68 3.97 -3.05 13.02
CA LEU A 68 3.85 -1.65 13.45
C LEU A 68 2.77 -0.89 12.65
N PHE A 69 3.02 -0.73 11.35
CA PHE A 69 2.13 0.05 10.49
C PHE A 69 0.76 -0.63 10.29
N ARG A 70 0.74 -1.96 10.32
CA ARG A 70 -0.54 -2.69 10.20
C ARG A 70 -1.50 -2.27 11.34
N ASP A 71 -0.99 -2.22 12.56
CA ASP A 71 -1.82 -1.88 13.74
C ASP A 71 -2.50 -0.51 13.59
N ARG A 72 -1.77 0.47 13.06
CA ARG A 72 -2.26 1.86 12.97
C ARG A 72 -2.95 2.15 11.62
N PHE A 73 -2.72 1.31 10.61
CA PHE A 73 -3.31 1.54 9.29
C PHE A 73 -4.45 0.56 8.94
N ASP A 74 -4.20 -0.75 9.04
CA ASP A 74 -5.12 -1.80 8.54
C ASP A 74 -6.61 -1.39 8.61
N GLY A 75 -7.17 -1.02 7.45
CA GLY A 75 -8.53 -0.51 7.40
C GLY A 75 -8.58 1.02 7.46
N TYR A 76 -7.52 1.65 6.95
CA TYR A 76 -7.34 3.10 7.03
C TYR A 76 -8.15 3.84 5.94
N ILE A 77 -9.17 4.58 6.39
CA ILE A 77 -10.02 5.37 5.49
C ILE A 77 -9.39 6.73 5.17
N PHE A 78 -8.86 6.88 3.96
CA PHE A 78 -8.37 8.18 3.48
C PHE A 78 -9.49 8.92 2.75
N LEU A 79 -9.60 10.24 2.98
CA LEU A 79 -10.67 11.04 2.39
C LEU A 79 -10.14 12.04 1.33
N ASP A 80 -10.68 11.94 0.13
CA ASP A 80 -10.38 12.91 -0.94
C ASP A 80 -11.17 14.22 -0.73
N SER A 81 -10.86 15.24 -1.53
CA SER A 81 -11.59 16.51 -1.50
C SER A 81 -13.09 16.32 -1.79
N LYS A 82 -13.41 15.27 -2.55
CA LYS A 82 -14.81 14.91 -2.85
C LYS A 82 -15.47 14.20 -1.66
N GLY A 83 -14.68 13.85 -0.65
CA GLY A 83 -15.19 13.07 0.49
C GLY A 83 -15.18 11.57 0.23
N LEU A 84 -14.46 11.15 -0.81
CA LEU A 84 -14.39 9.73 -1.19
C LEU A 84 -13.51 8.94 -0.21
N GLU A 85 -14.12 7.95 0.45
CA GLU A 85 -13.39 7.06 1.36
C GLU A 85 -12.52 6.05 0.60
N TYR A 86 -11.24 6.01 0.93
CA TYR A 86 -10.33 4.98 0.39
C TYR A 86 -9.96 3.97 1.48
N PRO A 87 -10.64 2.82 1.54
CA PRO A 87 -10.42 1.81 2.57
C PRO A 87 -9.11 1.03 2.40
N ALA A 88 -8.01 1.62 2.85
CA ALA A 88 -6.70 0.99 2.75
C ALA A 88 -6.53 -0.15 3.77
N VAL A 89 -6.76 -1.38 3.32
CA VAL A 89 -6.59 -2.57 4.17
C VAL A 89 -5.28 -3.29 3.83
N VAL A 90 -4.67 -3.94 4.82
CA VAL A 90 -3.35 -4.55 4.66
C VAL A 90 -3.44 -6.09 4.44
N GLU A 91 -2.78 -6.56 3.37
CA GLU A 91 -2.65 -8.01 3.13
C GLU A 91 -1.23 -8.35 2.68
N PHE A 92 -0.89 -9.63 2.59
CA PHE A 92 0.47 -10.05 2.21
C PHE A 92 0.46 -11.13 1.12
N ALA A 93 1.57 -11.27 0.43
CA ALA A 93 1.72 -12.27 -0.62
C ALA A 93 2.08 -13.65 -0.03
N PRO A 94 1.44 -14.74 -0.54
CA PRO A 94 1.70 -16.11 -0.04
C PRO A 94 3.13 -16.58 -0.32
N PHE A 95 3.92 -16.77 0.73
CA PHE A 95 5.29 -17.28 0.59
C PHE A 95 5.30 -18.81 0.52
N GLN A 96 5.74 -19.34 -0.63
CA GLN A 96 5.64 -20.78 -0.90
C GLN A 96 6.94 -21.52 -0.52
N LYS A 97 6.84 -22.50 0.38
CA LYS A 97 7.98 -23.34 0.76
C LYS A 97 8.31 -24.36 -0.36
N MET A 1 25.76 -21.52 19.89
CA MET A 1 26.30 -22.14 18.65
C MET A 1 25.59 -21.61 17.39
N GLY A 2 26.37 -21.05 16.47
CA GLY A 2 25.89 -20.73 15.12
C GLY A 2 24.66 -19.84 15.04
N HIS A 3 24.47 -18.94 16.01
CA HIS A 3 23.34 -18.02 15.97
C HIS A 3 23.66 -16.77 15.13
N HIS A 4 23.41 -16.87 13.82
CA HIS A 4 23.70 -15.78 12.88
C HIS A 4 22.45 -14.91 12.66
N HIS A 5 22.63 -13.59 12.64
CA HIS A 5 21.51 -12.66 12.44
C HIS A 5 21.09 -12.61 10.96
N HIS A 6 20.19 -13.51 10.58
CA HIS A 6 19.68 -13.56 9.21
C HIS A 6 18.34 -12.80 9.10
N HIS A 7 18.39 -11.57 8.60
CA HIS A 7 17.21 -10.71 8.54
C HIS A 7 16.57 -10.68 7.14
N HIS A 8 15.47 -11.42 6.99
CA HIS A 8 14.67 -11.39 5.76
C HIS A 8 13.20 -11.07 6.08
N SER A 9 12.73 -9.93 5.59
CA SER A 9 11.35 -9.48 5.85
C SER A 9 10.35 -10.04 4.82
N HIS A 10 9.06 -9.72 5.02
CA HIS A 10 8.00 -10.19 4.12
C HIS A 10 7.32 -9.02 3.41
N MET A 11 6.98 -9.22 2.13
CA MET A 11 6.31 -8.20 1.34
C MET A 11 4.82 -8.06 1.71
N VAL A 12 4.52 -7.09 2.57
CA VAL A 12 3.15 -6.80 2.98
C VAL A 12 2.56 -5.66 2.14
N VAL A 13 1.46 -5.93 1.43
CA VAL A 13 0.91 -4.97 0.46
C VAL A 13 -0.44 -4.38 0.90
N ILE A 14 -0.99 -3.50 0.07
CA ILE A 14 -2.27 -2.82 0.34
C ILE A 14 -3.36 -3.27 -0.65
N ARG A 15 -4.62 -3.27 -0.23
CA ARG A 15 -5.74 -3.69 -1.10
C ARG A 15 -6.99 -2.81 -0.91
N ARG A 16 -8.05 -3.13 -1.66
CA ARG A 16 -9.34 -2.40 -1.60
C ARG A 16 -9.27 -1.00 -2.25
N LEU A 17 -8.13 -0.68 -2.90
CA LEU A 17 -7.94 0.63 -3.55
C LEU A 17 -8.97 0.88 -4.68
N PRO A 18 -9.86 1.87 -4.50
CA PRO A 18 -10.80 2.29 -5.54
C PRO A 18 -10.28 3.48 -6.37
N PRO A 19 -10.60 3.53 -7.67
CA PRO A 19 -10.17 4.63 -8.56
C PRO A 19 -10.76 6.00 -8.13
N GLY A 20 -9.90 6.99 -7.96
CA GLY A 20 -10.36 8.30 -7.50
C GLY A 20 -9.24 9.34 -7.47
N LEU A 21 -8.25 9.13 -6.62
CA LEU A 21 -7.11 10.05 -6.53
C LEU A 21 -5.93 9.62 -7.41
N THR A 22 -4.96 10.52 -7.56
CA THR A 22 -3.80 10.28 -8.42
C THR A 22 -2.67 9.61 -7.63
N LYS A 23 -1.87 8.76 -8.30
CA LYS A 23 -0.74 8.06 -7.68
C LYS A 23 0.11 8.98 -6.76
N GLU A 24 0.26 10.25 -7.14
CA GLU A 24 1.02 11.21 -6.35
C GLU A 24 0.35 11.50 -4.99
N GLN A 25 -0.98 11.59 -4.98
CA GLN A 25 -1.75 11.75 -3.73
C GLN A 25 -2.00 10.39 -3.06
N LEU A 26 -1.86 9.35 -3.86
CA LEU A 26 -2.16 7.98 -3.43
C LEU A 26 -0.95 7.30 -2.75
N GLU A 27 0.25 7.68 -3.17
CA GLU A 27 1.49 7.09 -2.61
C GLU A 27 1.78 7.63 -1.19
N GLU A 28 1.41 8.88 -0.93
CA GLU A 28 1.80 9.58 0.30
C GLU A 28 1.42 8.82 1.59
N GLN A 29 0.36 8.01 1.56
CA GLN A 29 -0.02 7.19 2.73
C GLN A 29 0.40 5.72 2.56
N LEU A 30 0.88 5.34 1.39
CA LEU A 30 1.31 3.96 1.12
C LEU A 30 2.83 3.78 1.30
N ARG A 31 3.58 4.88 1.40
CA ARG A 31 5.04 4.79 1.60
C ARG A 31 5.57 5.75 2.68
N PRO A 32 4.88 5.91 3.83
CA PRO A 32 5.36 6.79 4.92
C PRO A 32 6.38 6.10 5.84
N LEU A 33 6.94 4.97 5.39
CA LEU A 33 7.88 4.18 6.19
C LEU A 33 9.29 4.78 6.16
N PRO A 34 10.10 4.56 7.22
CA PRO A 34 11.48 5.08 7.30
C PRO A 34 12.43 4.45 6.26
N ALA A 35 12.17 3.20 5.89
CA ALA A 35 12.98 2.48 4.90
C ALA A 35 12.26 1.24 4.34
N HIS A 36 12.03 1.23 3.03
CA HIS A 36 11.39 0.08 2.35
C HIS A 36 11.22 0.34 0.85
N ASP A 37 10.93 -0.70 0.09
CA ASP A 37 10.62 -0.57 -1.33
C ASP A 37 9.11 -0.34 -1.54
N TYR A 38 8.77 0.54 -2.47
CA TYR A 38 7.37 0.83 -2.79
C TYR A 38 7.13 0.67 -4.30
N PHE A 39 6.19 -0.21 -4.65
CA PHE A 39 5.94 -0.57 -6.04
C PHE A 39 5.12 0.49 -6.79
N GLU A 40 4.85 0.20 -8.06
CA GLU A 40 4.08 1.09 -8.93
C GLU A 40 2.68 1.38 -8.38
N PHE A 41 2.35 2.67 -8.32
CA PHE A 41 1.02 3.11 -7.88
C PHE A 41 0.15 3.42 -9.11
N PHE A 42 -1.05 2.82 -9.17
CA PHE A 42 -1.94 3.01 -10.32
C PHE A 42 -2.45 4.46 -10.42
N ALA A 43 -2.63 4.93 -11.64
CA ALA A 43 -3.14 6.28 -11.88
C ALA A 43 -4.56 6.25 -12.48
N ALA A 44 -5.57 6.27 -11.61
CA ALA A 44 -6.97 6.27 -12.05
C ALA A 44 -7.74 7.42 -11.39
N ASP A 45 -7.79 8.55 -12.09
CA ASP A 45 -8.40 9.77 -11.56
C ASP A 45 -9.94 9.66 -11.45
N LEU A 46 -10.50 10.36 -10.47
CA LEU A 46 -11.94 10.33 -10.20
C LEU A 46 -12.76 10.73 -11.44
N SER A 47 -13.55 9.78 -11.93
CA SER A 47 -14.36 9.97 -13.14
C SER A 47 -15.83 9.63 -12.87
N LEU A 48 -16.72 9.94 -13.82
CA LEU A 48 -18.13 9.56 -13.68
C LEU A 48 -18.27 8.02 -13.68
N TYR A 49 -18.23 7.43 -12.48
CA TYR A 49 -18.23 5.97 -12.32
C TYR A 49 -17.05 5.33 -13.10
N PRO A 50 -15.84 5.37 -12.51
CA PRO A 50 -14.60 4.92 -13.18
C PRO A 50 -14.60 3.43 -13.56
N HIS A 51 -15.00 2.58 -12.61
CA HIS A 51 -15.04 1.11 -12.81
C HIS A 51 -13.65 0.45 -12.83
N LEU A 52 -12.57 1.24 -12.74
CA LEU A 52 -11.19 0.71 -12.83
C LEU A 52 -10.89 -0.33 -11.73
N TYR A 53 -10.31 -1.46 -12.14
CA TYR A 53 -9.94 -2.54 -11.21
C TYR A 53 -8.42 -2.56 -11.00
N SER A 54 -7.95 -1.99 -9.88
CA SER A 54 -6.49 -1.89 -9.64
C SER A 54 -6.17 -1.78 -8.15
N ARG A 55 -4.88 -1.87 -7.83
CA ARG A 55 -4.37 -1.71 -6.47
C ARG A 55 -2.85 -1.46 -6.48
N ALA A 56 -2.30 -1.03 -5.34
CA ALA A 56 -0.87 -0.76 -5.22
C ALA A 56 -0.17 -1.86 -4.41
N TYR A 57 1.13 -2.06 -4.66
CA TYR A 57 1.91 -3.06 -3.94
C TYR A 57 3.03 -2.41 -3.11
N ILE A 58 3.24 -2.93 -1.90
CA ILE A 58 4.27 -2.42 -1.00
C ILE A 58 5.22 -3.55 -0.57
N ASN A 59 6.51 -3.24 -0.43
CA ASN A 59 7.49 -4.23 0.01
C ASN A 59 8.23 -3.76 1.28
N PHE A 60 7.96 -4.43 2.39
CA PHE A 60 8.62 -4.13 3.66
C PHE A 60 10.04 -4.69 3.70
N ARG A 61 10.95 -3.97 4.33
CA ARG A 61 12.35 -4.38 4.46
C ARG A 61 12.75 -4.56 5.93
N ASN A 62 11.75 -4.62 6.81
CA ASN A 62 12.00 -4.78 8.25
C ASN A 62 10.77 -5.38 8.96
N PRO A 63 10.92 -6.54 9.64
CA PRO A 63 9.82 -7.18 10.39
C PRO A 63 9.23 -6.25 11.48
N ASP A 64 10.08 -5.43 12.09
CA ASP A 64 9.64 -4.47 13.11
C ASP A 64 8.67 -3.42 12.50
N ASP A 65 8.90 -3.08 11.23
CA ASP A 65 8.02 -2.16 10.50
C ASP A 65 6.68 -2.82 10.15
N ILE A 66 6.72 -4.13 9.89
CA ILE A 66 5.52 -4.89 9.52
C ILE A 66 4.43 -4.80 10.61
N LEU A 67 4.73 -5.32 11.80
CA LEU A 67 3.77 -5.30 12.91
C LEU A 67 3.36 -3.86 13.29
N LEU A 68 4.25 -2.90 12.98
CA LEU A 68 3.98 -1.48 13.24
C LEU A 68 2.97 -0.89 12.25
N PHE A 69 3.39 -0.73 11.00
CA PHE A 69 2.58 -0.04 9.99
C PHE A 69 1.32 -0.83 9.59
N ARG A 70 1.42 -2.15 9.49
CA ARG A 70 0.27 -2.98 9.12
C ARG A 70 -0.93 -2.70 10.03
N ASP A 71 -0.69 -2.72 11.34
CA ASP A 71 -1.77 -2.55 12.32
C ASP A 71 -2.39 -1.14 12.29
N ARG A 72 -1.53 -0.11 12.18
CA ARG A 72 -1.98 1.29 12.22
C ARG A 72 -2.47 1.79 10.85
N PHE A 73 -2.45 0.93 9.84
CA PHE A 73 -2.96 1.29 8.51
C PHE A 73 -4.05 0.31 8.01
N ASP A 74 -4.16 -0.85 8.65
CA ASP A 74 -5.19 -1.83 8.28
C ASP A 74 -6.61 -1.32 8.58
N GLY A 75 -7.36 -1.01 7.52
CA GLY A 75 -8.72 -0.52 7.68
C GLY A 75 -8.79 1.01 7.78
N TYR A 76 -7.78 1.68 7.26
CA TYR A 76 -7.68 3.15 7.31
C TYR A 76 -8.43 3.81 6.14
N ILE A 77 -9.49 4.56 6.46
CA ILE A 77 -10.26 5.29 5.46
C ILE A 77 -9.61 6.65 5.12
N PHE A 78 -9.27 6.85 3.85
CA PHE A 78 -8.70 8.12 3.40
C PHE A 78 -9.72 8.91 2.56
N LEU A 79 -9.81 10.22 2.81
CA LEU A 79 -10.71 11.10 2.05
C LEU A 79 -9.92 12.15 1.24
N ASP A 80 -10.30 12.33 -0.03
CA ASP A 80 -9.66 13.34 -0.88
C ASP A 80 -10.36 14.70 -0.74
N SER A 81 -10.18 15.57 -1.74
CA SER A 81 -10.85 16.86 -1.78
C SER A 81 -12.38 16.71 -1.82
N LYS A 82 -12.87 15.75 -2.62
CA LYS A 82 -14.31 15.50 -2.72
C LYS A 82 -14.85 14.77 -1.48
N GLY A 83 -14.08 13.81 -0.98
CA GLY A 83 -14.50 13.03 0.18
C GLY A 83 -14.87 11.59 -0.18
N LEU A 84 -14.23 11.05 -1.20
CA LEU A 84 -14.44 9.65 -1.62
C LEU A 84 -13.74 8.69 -0.65
N GLU A 85 -14.54 7.94 0.11
CA GLU A 85 -14.02 6.98 1.10
C GLU A 85 -13.14 5.91 0.45
N TYR A 86 -11.82 6.08 0.56
CA TYR A 86 -10.85 5.06 0.10
C TYR A 86 -10.46 4.14 1.26
N PRO A 87 -10.95 2.88 1.26
CA PRO A 87 -10.64 1.92 2.33
C PRO A 87 -9.28 1.24 2.16
N ALA A 88 -8.28 1.70 2.89
CA ALA A 88 -6.95 1.11 2.86
C ALA A 88 -6.86 -0.11 3.79
N VAL A 89 -6.99 -1.30 3.20
CA VAL A 89 -6.85 -2.55 3.96
C VAL A 89 -5.50 -3.22 3.63
N VAL A 90 -4.81 -3.73 4.65
CA VAL A 90 -3.47 -4.29 4.46
C VAL A 90 -3.50 -5.83 4.42
N GLU A 91 -2.67 -6.42 3.54
CA GLU A 91 -2.56 -7.88 3.42
C GLU A 91 -1.11 -8.29 3.13
N PHE A 92 -0.85 -9.60 3.15
CA PHE A 92 0.48 -10.12 2.81
C PHE A 92 0.51 -10.64 1.37
N ALA A 93 1.63 -10.42 0.68
CA ALA A 93 1.77 -10.89 -0.70
C ALA A 93 2.36 -12.31 -0.73
N PRO A 94 1.91 -13.17 -1.68
CA PRO A 94 2.40 -14.55 -1.81
C PRO A 94 3.94 -14.65 -1.91
N PHE A 95 4.58 -14.97 -0.79
CA PHE A 95 6.05 -15.05 -0.70
C PHE A 95 6.59 -16.31 -1.41
N GLN A 96 5.75 -17.32 -1.55
CA GLN A 96 6.16 -18.60 -2.14
C GLN A 96 5.14 -19.10 -3.17
N LYS A 97 5.63 -19.56 -4.32
CA LYS A 97 4.80 -20.31 -5.28
C LYS A 97 4.54 -21.73 -4.75
N MET A 1 10.99 0.98 -11.32
CA MET A 1 12.31 1.39 -10.78
C MET A 1 13.22 0.16 -10.55
N GLY A 2 14.44 0.23 -11.06
CA GLY A 2 15.39 -0.87 -10.90
C GLY A 2 15.95 -1.00 -9.49
N HIS A 3 15.16 -1.59 -8.59
CA HIS A 3 15.62 -1.85 -7.21
C HIS A 3 15.97 -3.33 -7.03
N HIS A 4 16.98 -3.60 -6.20
CA HIS A 4 17.44 -4.97 -5.96
C HIS A 4 16.61 -5.66 -4.88
N HIS A 5 16.51 -6.99 -4.96
CA HIS A 5 15.64 -7.75 -4.06
C HIS A 5 16.24 -7.90 -2.65
N HIS A 6 17.34 -8.64 -2.53
CA HIS A 6 17.97 -8.92 -1.23
C HIS A 6 16.98 -9.64 -0.29
N HIS A 7 17.21 -10.93 -0.02
CA HIS A 7 16.33 -11.70 0.87
C HIS A 7 15.95 -10.91 2.12
N HIS A 8 14.71 -10.41 2.14
CA HIS A 8 14.23 -9.54 3.22
C HIS A 8 12.91 -10.07 3.81
N SER A 9 12.24 -9.23 4.60
CA SER A 9 10.96 -9.60 5.25
C SER A 9 9.86 -9.94 4.23
N HIS A 10 8.81 -10.59 4.73
CA HIS A 10 7.68 -10.98 3.90
C HIS A 10 6.97 -9.75 3.28
N MET A 11 7.09 -9.58 1.96
CA MET A 11 6.50 -8.42 1.26
C MET A 11 4.96 -8.41 1.38
N VAL A 12 4.37 -7.22 1.26
CA VAL A 12 2.96 -7.00 1.57
C VAL A 12 2.20 -6.28 0.42
N VAL A 13 0.87 -6.39 0.41
CA VAL A 13 0.02 -5.70 -0.56
C VAL A 13 -1.09 -4.89 0.14
N ILE A 14 -1.83 -4.10 -0.60
CA ILE A 14 -2.97 -3.35 -0.03
C ILE A 14 -4.24 -3.53 -0.87
N ARG A 15 -5.36 -3.80 -0.21
CA ARG A 15 -6.62 -4.14 -0.89
C ARG A 15 -7.71 -3.06 -0.70
N ARG A 16 -8.78 -3.17 -1.49
CA ARG A 16 -9.95 -2.26 -1.44
C ARG A 16 -9.67 -0.89 -2.08
N LEU A 17 -8.58 -0.77 -2.82
CA LEU A 17 -8.28 0.45 -3.58
C LEU A 17 -9.16 0.54 -4.85
N PRO A 18 -10.11 1.50 -4.89
CA PRO A 18 -10.97 1.73 -6.05
C PRO A 18 -10.46 2.88 -6.94
N PRO A 19 -11.13 3.17 -8.08
CA PRO A 19 -10.81 4.35 -8.89
C PRO A 19 -10.85 5.65 -8.05
N GLY A 20 -9.67 6.11 -7.64
CA GLY A 20 -9.59 7.29 -6.78
C GLY A 20 -8.40 8.20 -7.10
N LEU A 21 -7.98 9.00 -6.13
CA LEU A 21 -6.87 9.96 -6.33
C LEU A 21 -5.64 9.30 -6.97
N THR A 22 -4.95 10.05 -7.84
CA THR A 22 -3.82 9.51 -8.61
C THR A 22 -2.62 9.23 -7.69
N LYS A 23 -1.76 8.28 -8.11
CA LYS A 23 -0.56 7.92 -7.33
C LYS A 23 0.17 9.16 -6.77
N GLU A 24 0.14 10.25 -7.54
CA GLU A 24 0.77 11.52 -7.15
C GLU A 24 0.45 11.92 -5.69
N GLN A 25 -0.77 11.62 -5.23
CA GLN A 25 -1.16 11.89 -3.84
C GLN A 25 -1.66 10.61 -3.14
N LEU A 26 -1.70 9.52 -3.90
CA LEU A 26 -2.14 8.23 -3.37
C LEU A 26 -0.98 7.42 -2.77
N GLU A 27 0.20 7.53 -3.37
CA GLU A 27 1.35 6.75 -2.92
C GLU A 27 1.92 7.25 -1.58
N GLU A 28 1.86 8.57 -1.36
CA GLU A 28 2.47 9.20 -0.18
C GLU A 28 1.97 8.61 1.15
N GLN A 29 0.73 8.13 1.18
CA GLN A 29 0.17 7.51 2.40
C GLN A 29 0.30 5.98 2.37
N LEU A 30 0.71 5.43 1.22
CA LEU A 30 0.91 3.98 1.09
C LEU A 30 2.39 3.59 1.27
N ARG A 31 3.27 4.60 1.36
CA ARG A 31 4.70 4.38 1.62
C ARG A 31 5.27 5.32 2.72
N PRO A 32 4.54 5.54 3.84
CA PRO A 32 4.98 6.48 4.89
C PRO A 32 6.02 5.86 5.84
N LEU A 33 6.82 4.94 5.32
CA LEU A 33 7.84 4.24 6.10
C LEU A 33 9.09 5.10 6.33
N PRO A 34 9.74 4.96 7.49
CA PRO A 34 10.95 5.76 7.85
C PRO A 34 12.02 5.77 6.74
N ALA A 35 12.36 4.59 6.22
CA ALA A 35 13.31 4.47 5.10
C ALA A 35 13.31 3.04 4.51
N HIS A 36 12.40 2.78 3.57
CA HIS A 36 12.31 1.46 2.93
C HIS A 36 11.86 1.59 1.46
N ASP A 37 11.43 0.47 0.87
CA ASP A 37 11.10 0.44 -0.56
C ASP A 37 9.66 0.89 -0.86
N TYR A 38 9.41 1.22 -2.12
CA TYR A 38 8.07 1.58 -2.60
C TYR A 38 7.84 0.97 -4.00
N PHE A 39 6.69 0.32 -4.18
CA PHE A 39 6.39 -0.36 -5.45
C PHE A 39 5.73 0.60 -6.45
N GLU A 40 5.50 0.15 -7.69
CA GLU A 40 4.82 0.97 -8.69
C GLU A 40 3.32 1.13 -8.37
N PHE A 41 2.96 2.30 -7.84
CA PHE A 41 1.55 2.59 -7.54
C PHE A 41 0.78 2.95 -8.82
N PHE A 42 -0.44 2.43 -8.94
CA PHE A 42 -1.26 2.63 -10.15
C PHE A 42 -1.65 4.10 -10.35
N ALA A 43 -1.85 4.48 -11.60
CA ALA A 43 -2.27 5.84 -11.95
C ALA A 43 -3.72 5.85 -12.47
N ALA A 44 -4.61 6.51 -11.74
CA ALA A 44 -6.03 6.54 -12.08
C ALA A 44 -6.67 7.89 -11.74
N ASP A 45 -7.76 8.22 -12.43
CA ASP A 45 -8.54 9.41 -12.13
C ASP A 45 -9.37 9.22 -10.85
N LEU A 46 -9.66 10.32 -10.16
CA LEU A 46 -10.37 10.25 -8.88
C LEU A 46 -11.90 10.24 -9.07
N SER A 47 -12.35 9.93 -10.28
CA SER A 47 -13.79 9.70 -10.58
C SER A 47 -14.01 9.32 -12.05
N LEU A 48 -14.27 10.34 -12.89
CA LEU A 48 -14.50 10.17 -14.34
C LEU A 48 -15.27 8.87 -14.70
N TYR A 49 -14.54 7.77 -14.93
CA TYR A 49 -15.17 6.48 -15.29
C TYR A 49 -14.54 5.32 -14.49
N PRO A 50 -15.39 4.43 -13.94
CA PRO A 50 -14.94 3.35 -13.04
C PRO A 50 -14.26 2.16 -13.74
N HIS A 51 -13.81 2.36 -14.98
CA HIS A 51 -13.07 1.30 -15.70
C HIS A 51 -11.67 1.09 -15.10
N LEU A 52 -11.22 2.05 -14.31
CA LEU A 52 -9.88 2.03 -13.73
C LEU A 52 -9.76 1.00 -12.59
N TYR A 53 -9.52 -0.26 -12.95
CA TYR A 53 -9.37 -1.34 -11.97
C TYR A 53 -7.89 -1.74 -11.82
N SER A 54 -7.22 -1.17 -10.82
CA SER A 54 -5.81 -1.47 -10.53
C SER A 54 -5.49 -1.16 -9.07
N ARG A 55 -4.63 -1.97 -8.45
CA ARG A 55 -4.27 -1.77 -7.03
C ARG A 55 -2.75 -1.85 -6.82
N ALA A 56 -2.29 -1.26 -5.71
CA ALA A 56 -0.85 -1.09 -5.45
C ALA A 56 -0.28 -2.20 -4.54
N TYR A 57 1.06 -2.31 -4.54
CA TYR A 57 1.78 -3.29 -3.73
C TYR A 57 2.81 -2.58 -2.83
N ILE A 58 3.18 -3.20 -1.70
CA ILE A 58 4.14 -2.59 -0.77
C ILE A 58 5.30 -3.55 -0.42
N ASN A 59 6.50 -3.22 -0.86
CA ASN A 59 7.67 -4.08 -0.63
C ASN A 59 8.40 -3.72 0.68
N PHE A 60 8.01 -4.39 1.77
CA PHE A 60 8.67 -4.20 3.07
C PHE A 60 10.05 -4.85 3.11
N ARG A 61 11.08 -4.05 3.33
CA ARG A 61 12.45 -4.56 3.47
C ARG A 61 12.79 -4.91 4.93
N ASN A 62 11.83 -4.71 5.83
CA ASN A 62 12.08 -4.92 7.28
C ASN A 62 10.79 -5.36 8.01
N PRO A 63 10.88 -6.42 8.85
CA PRO A 63 9.70 -7.01 9.54
C PRO A 63 9.05 -6.10 10.59
N ASP A 64 9.86 -5.28 11.27
CA ASP A 64 9.34 -4.38 12.32
C ASP A 64 8.26 -3.43 11.74
N ASP A 65 8.53 -2.87 10.56
CA ASP A 65 7.60 -1.97 9.89
C ASP A 65 6.27 -2.65 9.57
N ILE A 66 6.32 -3.96 9.26
CA ILE A 66 5.12 -4.73 8.95
C ILE A 66 4.10 -4.68 10.10
N LEU A 67 4.47 -5.24 11.25
CA LEU A 67 3.57 -5.27 12.41
C LEU A 67 3.26 -3.86 12.93
N LEU A 68 4.19 -2.92 12.74
CA LEU A 68 4.00 -1.52 13.14
C LEU A 68 2.91 -0.84 12.30
N PHE A 69 3.12 -0.78 10.99
CA PHE A 69 2.23 -0.06 10.09
C PHE A 69 0.91 -0.80 9.84
N ARG A 70 0.92 -2.14 9.83
CA ARG A 70 -0.32 -2.90 9.62
C ARG A 70 -1.38 -2.56 10.69
N ASP A 71 -0.90 -2.30 11.91
CA ASP A 71 -1.80 -1.98 13.04
C ASP A 71 -2.52 -0.64 12.84
N ARG A 72 -1.78 0.37 12.39
CA ARG A 72 -2.35 1.71 12.18
C ARG A 72 -3.08 1.83 10.81
N PHE A 73 -2.69 0.99 9.85
CA PHE A 73 -3.28 1.03 8.51
C PHE A 73 -4.32 -0.08 8.28
N ASP A 74 -4.62 -0.86 9.32
CA ASP A 74 -5.68 -1.88 9.23
C ASP A 74 -7.06 -1.23 9.06
N GLY A 75 -7.46 -0.99 7.81
CA GLY A 75 -8.76 -0.38 7.54
C GLY A 75 -8.72 1.14 7.69
N TYR A 76 -7.64 1.75 7.22
CA TYR A 76 -7.43 3.19 7.34
C TYR A 76 -8.28 3.97 6.33
N ILE A 77 -9.25 4.73 6.85
CA ILE A 77 -10.19 5.48 6.00
C ILE A 77 -9.65 6.88 5.66
N PHE A 78 -9.17 7.04 4.42
CA PHE A 78 -8.66 8.32 3.95
C PHE A 78 -9.75 9.10 3.19
N LEU A 79 -9.93 10.38 3.55
CA LEU A 79 -10.92 11.24 2.90
C LEU A 79 -10.25 12.37 2.08
N ASP A 80 -10.30 12.23 0.76
CA ASP A 80 -9.72 13.22 -0.16
C ASP A 80 -10.70 14.39 -0.39
N SER A 81 -10.29 15.37 -1.19
CA SER A 81 -11.16 16.51 -1.55
C SER A 81 -12.51 16.06 -2.12
N LYS A 82 -12.53 14.89 -2.77
CA LYS A 82 -13.78 14.30 -3.30
C LYS A 82 -14.69 13.79 -2.16
N GLY A 83 -14.12 13.60 -0.98
CA GLY A 83 -14.89 13.12 0.17
C GLY A 83 -15.20 11.63 0.12
N LEU A 84 -14.60 10.92 -0.82
CA LEU A 84 -14.79 9.48 -0.99
C LEU A 84 -13.97 8.69 0.05
N GLU A 85 -14.62 7.78 0.77
CA GLU A 85 -13.94 6.93 1.76
C GLU A 85 -13.02 5.92 1.07
N TYR A 86 -11.71 6.14 1.17
CA TYR A 86 -10.73 5.17 0.68
C TYR A 86 -10.30 4.22 1.81
N PRO A 87 -10.81 2.97 1.82
CA PRO A 87 -10.52 2.00 2.87
C PRO A 87 -9.20 1.25 2.63
N ALA A 88 -8.11 1.81 3.15
CA ALA A 88 -6.80 1.18 3.02
C ALA A 88 -6.66 -0.03 3.95
N VAL A 89 -6.87 -1.23 3.40
CA VAL A 89 -6.70 -2.47 4.17
C VAL A 89 -5.44 -3.22 3.72
N VAL A 90 -4.38 -3.09 4.52
CA VAL A 90 -3.09 -3.71 4.21
C VAL A 90 -3.05 -5.20 4.61
N GLU A 91 -2.61 -6.05 3.68
CA GLU A 91 -2.49 -7.50 3.94
C GLU A 91 -1.25 -8.07 3.21
N PHE A 92 -0.56 -9.03 3.84
CA PHE A 92 0.68 -9.58 3.28
C PHE A 92 0.45 -10.36 1.97
N ALA A 93 1.51 -10.49 1.17
CA ALA A 93 1.44 -11.21 -0.10
C ALA A 93 1.36 -12.73 0.10
N PRO A 94 0.58 -13.44 -0.74
CA PRO A 94 0.38 -14.91 -0.60
C PRO A 94 1.63 -15.72 -0.94
N PHE A 95 2.24 -16.34 0.07
CA PHE A 95 3.40 -17.21 -0.13
C PHE A 95 2.96 -18.67 -0.38
N GLN A 96 3.74 -19.40 -1.17
CA GLN A 96 3.44 -20.81 -1.44
C GLN A 96 4.75 -21.62 -1.63
N LYS A 97 5.38 -21.46 -2.79
CA LYS A 97 6.64 -22.15 -3.09
C LYS A 97 7.23 -21.70 -4.45
N MET A 1 34.28 0.33 -0.40
CA MET A 1 33.88 -1.03 -0.88
C MET A 1 32.62 -1.53 -0.16
N GLY A 2 31.95 -2.51 -0.74
CA GLY A 2 30.76 -3.09 -0.11
C GLY A 2 29.69 -3.52 -1.10
N HIS A 3 29.02 -4.64 -0.81
CA HIS A 3 27.88 -5.10 -1.60
C HIS A 3 26.68 -5.41 -0.68
N HIS A 4 25.71 -4.49 -0.68
CA HIS A 4 24.53 -4.60 0.19
C HIS A 4 23.75 -5.93 -0.01
N HIS A 5 23.63 -6.70 1.06
CA HIS A 5 22.84 -7.94 1.06
C HIS A 5 21.86 -7.96 2.24
N HIS A 6 20.61 -7.60 1.97
CA HIS A 6 19.61 -7.44 3.02
C HIS A 6 18.90 -8.76 3.34
N HIS A 7 18.56 -8.95 4.61
CA HIS A 7 17.86 -10.16 5.08
C HIS A 7 16.50 -10.36 4.39
N HIS A 8 15.85 -11.48 4.70
CA HIS A 8 14.55 -11.82 4.09
C HIS A 8 13.47 -10.78 4.42
N SER A 9 12.75 -10.34 3.40
CA SER A 9 11.66 -9.36 3.55
C SER A 9 10.32 -10.00 3.19
N HIS A 10 9.25 -9.21 3.13
CA HIS A 10 7.92 -9.72 2.78
C HIS A 10 7.15 -8.75 1.88
N MET A 11 6.66 -9.27 0.76
CA MET A 11 5.78 -8.50 -0.12
C MET A 11 4.42 -8.26 0.56
N VAL A 12 3.91 -7.04 0.48
CA VAL A 12 2.64 -6.68 1.11
C VAL A 12 1.71 -5.95 0.12
N VAL A 13 0.40 -6.22 0.21
CA VAL A 13 -0.57 -5.65 -0.71
C VAL A 13 -1.59 -4.74 0.00
N ILE A 14 -2.06 -3.71 -0.70
CA ILE A 14 -3.09 -2.80 -0.18
C ILE A 14 -4.43 -3.07 -0.90
N ARG A 15 -5.49 -3.31 -0.12
CA ARG A 15 -6.78 -3.75 -0.68
C ARG A 15 -7.91 -2.74 -0.42
N ARG A 16 -9.01 -2.89 -1.18
CA ARG A 16 -10.21 -2.02 -1.07
C ARG A 16 -9.96 -0.62 -1.64
N LEU A 17 -9.09 -0.52 -2.64
CA LEU A 17 -8.78 0.77 -3.29
C LEU A 17 -9.59 0.99 -4.58
N PRO A 18 -10.62 1.87 -4.52
CA PRO A 18 -11.34 2.28 -5.73
C PRO A 18 -10.57 3.38 -6.51
N PRO A 19 -10.63 3.36 -7.86
CA PRO A 19 -9.91 4.35 -8.68
C PRO A 19 -10.31 5.80 -8.39
N GLY A 20 -9.32 6.63 -8.04
CA GLY A 20 -9.58 8.04 -7.75
C GLY A 20 -8.38 8.94 -8.01
N LEU A 21 -7.79 9.47 -6.93
CA LEU A 21 -6.60 10.33 -7.05
C LEU A 21 -5.40 9.57 -7.65
N THR A 22 -4.44 10.31 -8.22
CA THR A 22 -3.28 9.72 -8.89
C THR A 22 -2.22 9.30 -7.86
N LYS A 23 -1.40 8.31 -8.21
CA LYS A 23 -0.33 7.81 -7.33
C LYS A 23 0.46 8.94 -6.64
N GLU A 24 0.57 10.09 -7.34
CA GLU A 24 1.30 11.25 -6.82
C GLU A 24 0.91 11.59 -5.37
N GLN A 25 -0.39 11.67 -5.12
CA GLN A 25 -0.92 11.97 -3.78
C GLN A 25 -1.50 10.72 -3.11
N LEU A 26 -1.64 9.64 -3.89
CA LEU A 26 -2.17 8.37 -3.38
C LEU A 26 -1.10 7.55 -2.65
N GLU A 27 0.15 7.62 -3.11
CA GLU A 27 1.24 6.82 -2.53
C GLU A 27 1.65 7.32 -1.13
N GLU A 28 1.60 8.63 -0.92
CA GLU A 28 2.16 9.25 0.29
C GLU A 28 1.66 8.59 1.59
N GLN A 29 0.36 8.33 1.71
CA GLN A 29 -0.20 7.69 2.91
C GLN A 29 -0.06 6.16 2.86
N LEU A 30 0.31 5.61 1.70
CA LEU A 30 0.51 4.17 1.54
C LEU A 30 1.96 3.77 1.81
N ARG A 31 2.89 4.72 1.77
CA ARG A 31 4.30 4.44 2.04
C ARG A 31 4.96 5.45 3.01
N PRO A 32 4.29 5.86 4.11
CA PRO A 32 4.82 6.88 5.04
C PRO A 32 5.85 6.30 6.05
N LEU A 33 6.68 5.37 5.58
CA LEU A 33 7.66 4.70 6.44
C LEU A 33 9.02 5.44 6.44
N PRO A 34 9.83 5.24 7.51
CA PRO A 34 11.17 5.87 7.62
C PRO A 34 12.19 5.32 6.61
N ALA A 35 12.56 4.05 6.74
CA ALA A 35 13.53 3.41 5.84
C ALA A 35 12.97 2.09 5.30
N HIS A 36 12.69 2.04 4.00
CA HIS A 36 11.99 0.90 3.39
C HIS A 36 12.06 0.94 1.87
N ASP A 37 11.22 0.13 1.23
CA ASP A 37 11.01 0.18 -0.21
C ASP A 37 9.50 0.21 -0.52
N TYR A 38 9.12 0.52 -1.76
CA TYR A 38 7.71 0.55 -2.16
C TYR A 38 7.54 0.12 -3.62
N PHE A 39 6.41 -0.51 -3.94
CA PHE A 39 6.19 -1.07 -5.27
C PHE A 39 5.32 -0.12 -6.12
N GLU A 40 4.61 -0.66 -7.12
CA GLU A 40 3.82 0.18 -8.03
C GLU A 40 2.55 0.72 -7.39
N PHE A 41 2.20 1.97 -7.74
CA PHE A 41 0.95 2.60 -7.30
C PHE A 41 0.14 3.03 -8.54
N PHE A 42 -1.11 2.60 -8.62
CA PHE A 42 -1.94 2.85 -9.81
C PHE A 42 -2.30 4.34 -9.98
N ALA A 43 -2.20 4.83 -11.22
CA ALA A 43 -2.57 6.21 -11.54
C ALA A 43 -3.99 6.27 -12.13
N ALA A 44 -4.91 6.92 -11.42
CA ALA A 44 -6.31 7.02 -11.87
C ALA A 44 -6.81 8.47 -11.88
N ASP A 45 -8.06 8.66 -12.28
CA ASP A 45 -8.69 9.98 -12.29
C ASP A 45 -9.99 9.97 -11.48
N LEU A 46 -10.23 11.04 -10.72
CA LEU A 46 -11.39 11.10 -9.82
C LEU A 46 -12.65 11.70 -10.50
N SER A 47 -12.60 11.86 -11.82
CA SER A 47 -13.73 12.41 -12.59
C SER A 47 -14.12 11.48 -13.74
N LEU A 48 -15.15 11.87 -14.50
CA LEU A 48 -15.57 11.14 -15.71
C LEU A 48 -16.11 9.72 -15.38
N TYR A 49 -16.24 9.42 -14.08
CA TYR A 49 -16.68 8.09 -13.61
C TYR A 49 -15.59 7.02 -13.88
N PRO A 50 -14.65 6.84 -12.92
CA PRO A 50 -13.56 5.87 -13.06
C PRO A 50 -14.03 4.40 -12.96
N HIS A 51 -13.64 3.58 -13.95
CA HIS A 51 -14.05 2.17 -14.00
C HIS A 51 -12.87 1.25 -14.39
N LEU A 52 -11.65 1.66 -14.05
CA LEU A 52 -10.45 0.85 -14.34
C LEU A 52 -9.98 0.09 -13.08
N TYR A 53 -10.23 -1.22 -13.06
CA TYR A 53 -9.86 -2.07 -11.90
C TYR A 53 -8.34 -2.18 -11.74
N SER A 54 -7.81 -1.60 -10.66
CA SER A 54 -6.36 -1.63 -10.38
C SER A 54 -6.07 -1.45 -8.88
N ARG A 55 -4.96 -2.02 -8.42
CA ARG A 55 -4.53 -1.91 -7.02
C ARG A 55 -3.05 -1.49 -6.92
N ALA A 56 -2.52 -1.43 -5.71
CA ALA A 56 -1.11 -1.04 -5.49
C ALA A 56 -0.39 -2.06 -4.60
N TYR A 57 0.94 -2.05 -4.65
CA TYR A 57 1.76 -3.00 -3.87
C TYR A 57 2.82 -2.27 -3.03
N ILE A 58 3.22 -2.88 -1.91
CA ILE A 58 4.24 -2.31 -1.02
C ILE A 58 5.26 -3.38 -0.61
N ASN A 59 6.54 -3.13 -0.90
CA ASN A 59 7.60 -4.11 -0.59
C ASN A 59 8.43 -3.67 0.63
N PHE A 60 8.11 -4.24 1.80
CA PHE A 60 8.86 -3.93 3.03
C PHE A 60 10.27 -4.53 3.02
N ARG A 61 11.14 -4.03 3.90
CA ARG A 61 12.53 -4.51 3.99
C ARG A 61 12.93 -4.87 5.42
N ASN A 62 11.94 -5.01 6.30
CA ASN A 62 12.17 -5.31 7.72
C ASN A 62 10.96 -6.09 8.28
N PRO A 63 11.17 -7.10 9.17
CA PRO A 63 10.05 -7.81 9.80
C PRO A 63 9.38 -7.03 10.95
N ASP A 64 9.92 -5.84 11.27
CA ASP A 64 9.42 -5.03 12.38
C ASP A 64 8.57 -3.83 11.93
N ASP A 65 8.91 -3.20 10.79
CA ASP A 65 8.13 -2.06 10.30
C ASP A 65 6.80 -2.54 9.70
N ILE A 66 6.81 -3.77 9.17
CA ILE A 66 5.59 -4.45 8.72
C ILE A 66 4.49 -4.40 9.80
N LEU A 67 4.74 -5.06 10.93
CA LEU A 67 3.76 -5.13 12.02
C LEU A 67 3.50 -3.74 12.63
N LEU A 68 4.52 -2.89 12.64
CA LEU A 68 4.40 -1.51 13.14
C LEU A 68 3.32 -0.74 12.36
N PHE A 69 3.54 -0.58 11.05
CA PHE A 69 2.62 0.18 10.21
C PHE A 69 1.31 -0.57 9.95
N ARG A 70 1.35 -1.89 9.90
CA ARG A 70 0.12 -2.69 9.78
C ARG A 70 -0.87 -2.34 10.89
N ASP A 71 -0.37 -2.20 12.11
CA ASP A 71 -1.21 -1.92 13.28
C ASP A 71 -1.95 -0.57 13.17
N ARG A 72 -1.43 0.33 12.33
CA ARG A 72 -2.05 1.65 12.12
C ARG A 72 -2.60 1.82 10.68
N PHE A 73 -2.59 0.72 9.92
CA PHE A 73 -3.08 0.74 8.53
C PHE A 73 -3.87 -0.53 8.17
N ASP A 74 -4.24 -1.29 9.19
CA ASP A 74 -4.95 -2.56 9.02
C ASP A 74 -6.33 -2.41 8.33
N GLY A 75 -6.75 -1.16 8.11
CA GLY A 75 -8.03 -0.91 7.47
C GLY A 75 -8.65 0.41 7.90
N TYR A 76 -8.28 1.50 7.23
CA TYR A 76 -8.76 2.84 7.61
C TYR A 76 -9.46 3.56 6.45
N ILE A 77 -10.34 4.50 6.77
CA ILE A 77 -11.04 5.31 5.76
C ILE A 77 -10.25 6.59 5.42
N PHE A 78 -9.73 6.67 4.20
CA PHE A 78 -9.07 7.88 3.71
C PHE A 78 -10.05 8.72 2.85
N LEU A 79 -10.05 10.04 3.06
CA LEU A 79 -10.93 10.95 2.30
C LEU A 79 -10.15 11.85 1.35
N ASP A 80 -10.45 11.73 0.06
CA ASP A 80 -9.86 12.61 -0.97
C ASP A 80 -10.54 13.99 -0.97
N SER A 81 -9.98 14.92 -1.73
CA SER A 81 -10.54 16.28 -1.87
C SER A 81 -12.00 16.25 -2.36
N LYS A 82 -12.36 15.23 -3.14
CA LYS A 82 -13.74 15.07 -3.63
C LYS A 82 -14.62 14.31 -2.62
N GLY A 83 -14.09 14.08 -1.42
CA GLY A 83 -14.85 13.38 -0.37
C GLY A 83 -14.98 11.88 -0.61
N LEU A 84 -14.07 11.32 -1.40
CA LEU A 84 -14.10 9.88 -1.71
C LEU A 84 -13.50 9.05 -0.57
N GLU A 85 -14.25 8.06 -0.09
CA GLU A 85 -13.79 7.17 0.98
C GLU A 85 -12.92 6.02 0.44
N TYR A 86 -11.72 5.88 0.99
CA TYR A 86 -10.82 4.77 0.63
C TYR A 86 -10.54 3.89 1.86
N PRO A 87 -11.28 2.77 2.03
CA PRO A 87 -11.07 1.83 3.16
C PRO A 87 -9.81 0.97 2.97
N ALA A 88 -8.64 1.60 3.04
CA ALA A 88 -7.38 0.94 2.72
C ALA A 88 -6.98 -0.12 3.76
N VAL A 89 -7.01 -1.38 3.36
CA VAL A 89 -6.60 -2.50 4.22
C VAL A 89 -5.27 -3.11 3.75
N VAL A 90 -4.23 -3.00 4.56
CA VAL A 90 -2.91 -3.54 4.23
C VAL A 90 -2.72 -4.95 4.84
N GLU A 91 -2.15 -5.88 4.06
CA GLU A 91 -1.87 -7.23 4.57
C GLU A 91 -0.80 -7.96 3.73
N PHE A 92 -0.33 -9.08 4.24
CA PHE A 92 0.91 -9.71 3.75
C PHE A 92 0.66 -10.69 2.58
N ALA A 93 1.67 -10.83 1.73
CA ALA A 93 1.65 -11.78 0.62
C ALA A 93 2.54 -13.00 0.93
N PRO A 94 2.36 -14.14 0.22
CA PRO A 94 3.15 -15.36 0.45
C PRO A 94 4.66 -15.18 0.19
N PHE A 95 5.48 -15.56 1.17
CA PHE A 95 6.94 -15.47 1.04
C PHE A 95 7.52 -16.68 0.28
N GLN A 96 6.77 -17.78 0.23
CA GLN A 96 7.23 -19.01 -0.42
C GLN A 96 6.69 -19.17 -1.85
N LYS A 97 7.29 -20.10 -2.59
CA LYS A 97 6.93 -20.35 -3.99
C LYS A 97 5.60 -21.17 -4.11
N MET A 1 28.45 -24.87 6.30
CA MET A 1 29.07 -23.64 5.73
C MET A 1 28.00 -22.56 5.47
N GLY A 2 28.44 -21.38 5.05
CA GLY A 2 27.50 -20.31 4.72
C GLY A 2 27.05 -19.51 5.94
N HIS A 3 27.19 -18.19 5.85
CA HIS A 3 26.73 -17.27 6.90
C HIS A 3 25.43 -16.57 6.46
N HIS A 4 24.36 -16.75 7.23
CA HIS A 4 23.04 -16.25 6.85
C HIS A 4 22.98 -14.71 6.81
N HIS A 5 23.34 -14.13 5.67
CA HIS A 5 23.24 -12.68 5.44
C HIS A 5 22.43 -12.37 4.17
N HIS A 6 21.12 -12.25 4.33
CA HIS A 6 20.22 -11.94 3.21
C HIS A 6 19.04 -11.08 3.66
N HIS A 7 19.17 -9.76 3.49
CA HIS A 7 18.16 -8.82 3.98
C HIS A 7 16.90 -8.79 3.09
N HIS A 8 15.98 -9.72 3.35
CA HIS A 8 14.68 -9.75 2.67
C HIS A 8 13.56 -10.21 3.62
N SER A 9 12.49 -9.43 3.68
CA SER A 9 11.34 -9.73 4.55
C SER A 9 10.14 -10.26 3.74
N HIS A 10 9.03 -10.50 4.43
CA HIS A 10 7.80 -10.97 3.79
C HIS A 10 7.10 -9.81 3.05
N MET A 11 6.92 -9.96 1.73
CA MET A 11 6.28 -8.92 0.92
C MET A 11 4.81 -8.69 1.32
N VAL A 12 4.34 -7.45 1.16
CA VAL A 12 3.01 -7.05 1.61
C VAL A 12 2.20 -6.39 0.46
N VAL A 13 0.87 -6.37 0.60
CA VAL A 13 -0.01 -5.68 -0.36
C VAL A 13 -1.01 -4.79 0.37
N ILE A 14 -1.54 -3.79 -0.32
CA ILE A 14 -2.56 -2.91 0.26
C ILE A 14 -3.88 -3.02 -0.52
N ARG A 15 -4.89 -3.56 0.15
CA ARG A 15 -6.17 -3.89 -0.51
C ARG A 15 -7.25 -2.82 -0.27
N ARG A 16 -8.37 -2.97 -0.99
CA ARG A 16 -9.54 -2.08 -0.86
C ARG A 16 -9.30 -0.70 -1.49
N LEU A 17 -8.48 -0.68 -2.54
CA LEU A 17 -8.21 0.56 -3.30
C LEU A 17 -9.07 0.63 -4.58
N PRO A 18 -10.16 1.42 -4.58
CA PRO A 18 -10.96 1.69 -5.78
C PRO A 18 -10.40 2.85 -6.62
N PRO A 19 -10.82 2.99 -7.89
CA PRO A 19 -10.37 4.08 -8.77
C PRO A 19 -10.71 5.48 -8.22
N GLY A 20 -9.77 6.42 -8.35
CA GLY A 20 -10.03 7.80 -7.92
C GLY A 20 -8.82 8.70 -8.11
N LEU A 21 -8.08 8.93 -7.03
CA LEU A 21 -6.90 9.81 -7.06
C LEU A 21 -5.75 9.23 -7.92
N THR A 22 -4.71 10.03 -8.11
CA THR A 22 -3.53 9.63 -8.90
C THR A 22 -2.35 9.27 -7.98
N LYS A 23 -1.52 8.32 -8.42
CA LYS A 23 -0.34 7.84 -7.65
C LYS A 23 0.39 8.98 -6.92
N GLU A 24 0.50 10.15 -7.57
CA GLU A 24 1.16 11.32 -6.97
C GLU A 24 0.63 11.61 -5.55
N GLN A 25 -0.67 11.87 -5.45
CA GLN A 25 -1.32 12.16 -4.18
C GLN A 25 -1.79 10.89 -3.45
N LEU A 26 -1.47 9.74 -4.04
CA LEU A 26 -1.89 8.44 -3.51
C LEU A 26 -0.77 7.77 -2.68
N GLU A 27 0.42 7.66 -3.26
CA GLU A 27 1.52 6.94 -2.62
C GLU A 27 2.07 7.68 -1.38
N GLU A 28 1.84 8.98 -1.30
CA GLU A 28 2.35 9.79 -0.18
C GLU A 28 1.91 9.22 1.20
N GLN A 29 0.70 8.66 1.27
CA GLN A 29 0.24 8.01 2.50
C GLN A 29 0.45 6.48 2.45
N LEU A 30 0.74 5.95 1.27
CA LEU A 30 0.98 4.51 1.11
C LEU A 30 2.43 4.14 1.47
N ARG A 31 3.33 5.12 1.41
CA ARG A 31 4.72 4.91 1.84
C ARG A 31 5.16 5.94 2.89
N PRO A 32 4.55 5.91 4.10
CA PRO A 32 4.99 6.76 5.22
C PRO A 32 6.08 6.07 6.09
N LEU A 33 6.68 5.03 5.54
CA LEU A 33 7.72 4.24 6.23
C LEU A 33 9.00 5.09 6.47
N PRO A 34 9.76 4.80 7.55
CA PRO A 34 10.98 5.56 7.87
C PRO A 34 11.99 5.60 6.71
N ALA A 35 12.50 4.44 6.31
CA ALA A 35 13.39 4.34 5.15
C ALA A 35 13.29 2.95 4.49
N HIS A 36 12.17 2.71 3.81
CA HIS A 36 11.94 1.43 3.12
C HIS A 36 11.37 1.66 1.71
N ASP A 37 11.62 0.73 0.79
CA ASP A 37 11.24 0.88 -0.62
C ASP A 37 9.73 0.68 -0.85
N TYR A 38 9.25 1.20 -1.97
CA TYR A 38 7.85 1.05 -2.38
C TYR A 38 7.75 0.23 -3.68
N PHE A 39 6.62 -0.43 -3.92
CA PHE A 39 6.47 -1.28 -5.10
C PHE A 39 5.99 -0.45 -6.32
N GLU A 40 4.68 -0.26 -6.45
CA GLU A 40 4.13 0.62 -7.50
C GLU A 40 2.65 0.93 -7.25
N PHE A 41 2.15 1.98 -7.91
CA PHE A 41 0.80 2.51 -7.62
C PHE A 41 0.03 2.84 -8.91
N PHE A 42 -1.29 3.02 -8.79
CA PHE A 42 -2.14 3.29 -9.95
C PHE A 42 -2.44 4.80 -10.11
N ALA A 43 -2.99 5.16 -11.27
CA ALA A 43 -3.38 6.54 -11.55
C ALA A 43 -4.75 6.58 -12.24
N ALA A 44 -5.78 7.01 -11.51
CA ALA A 44 -7.15 6.99 -12.02
C ALA A 44 -7.80 8.39 -12.04
N ASP A 45 -9.04 8.44 -12.54
CA ASP A 45 -9.82 9.68 -12.57
C ASP A 45 -10.80 9.74 -11.38
N LEU A 46 -10.66 10.77 -10.55
CA LEU A 46 -11.61 11.01 -9.45
C LEU A 46 -12.90 11.69 -9.97
N SER A 47 -13.40 11.20 -11.09
CA SER A 47 -14.57 11.78 -11.76
C SER A 47 -15.76 10.81 -11.78
N LEU A 48 -16.85 11.22 -12.42
CA LEU A 48 -18.05 10.36 -12.54
C LEU A 48 -17.95 9.42 -13.76
N TYR A 49 -16.77 9.31 -14.35
CA TYR A 49 -16.55 8.43 -15.50
C TYR A 49 -15.91 7.11 -15.07
N PRO A 50 -16.30 5.98 -15.70
CA PRO A 50 -15.74 4.65 -15.38
C PRO A 50 -14.28 4.49 -15.83
N HIS A 51 -13.34 4.55 -14.87
CA HIS A 51 -11.92 4.37 -15.16
C HIS A 51 -11.51 2.91 -14.96
N LEU A 52 -10.67 2.38 -15.87
CA LEU A 52 -10.20 1.00 -15.78
C LEU A 52 -9.48 0.71 -14.45
N TYR A 53 -9.60 -0.52 -13.96
CA TYR A 53 -9.14 -0.86 -12.60
C TYR A 53 -7.65 -1.17 -12.53
N SER A 54 -7.01 -0.67 -11.47
CA SER A 54 -5.59 -0.96 -11.15
C SER A 54 -5.37 -0.81 -9.63
N ARG A 55 -4.50 -1.63 -9.07
CA ARG A 55 -4.27 -1.64 -7.61
C ARG A 55 -2.82 -1.27 -7.24
N ALA A 56 -2.61 -0.91 -5.98
CA ALA A 56 -1.28 -0.51 -5.48
C ALA A 56 -0.64 -1.61 -4.62
N TYR A 57 0.70 -1.62 -4.58
CA TYR A 57 1.44 -2.63 -3.80
C TYR A 57 2.61 -1.99 -3.04
N ILE A 58 3.02 -2.60 -1.92
CA ILE A 58 4.11 -2.06 -1.08
C ILE A 58 5.06 -3.18 -0.59
N ASN A 59 6.37 -3.00 -0.72
CA ASN A 59 7.32 -4.03 -0.27
C ASN A 59 7.99 -3.64 1.07
N PHE A 60 7.45 -4.17 2.18
CA PHE A 60 8.02 -3.94 3.50
C PHE A 60 9.40 -4.63 3.65
N ARG A 61 10.45 -3.82 3.71
CA ARG A 61 11.83 -4.32 3.74
C ARG A 61 12.26 -4.76 5.16
N ASN A 62 11.36 -4.65 6.14
CA ASN A 62 11.67 -5.00 7.53
C ASN A 62 10.52 -5.78 8.18
N PRO A 63 10.77 -6.99 8.72
CA PRO A 63 9.73 -7.85 9.30
C PRO A 63 8.95 -7.16 10.44
N ASP A 64 9.67 -6.50 11.35
CA ASP A 64 9.05 -5.78 12.47
C ASP A 64 8.24 -4.57 11.98
N ASP A 65 8.65 -4.01 10.85
CA ASP A 65 7.99 -2.85 10.24
C ASP A 65 6.60 -3.24 9.70
N ILE A 66 6.47 -4.48 9.24
CA ILE A 66 5.19 -5.01 8.73
C ILE A 66 4.07 -4.87 9.76
N LEU A 67 4.24 -5.52 10.92
CA LEU A 67 3.25 -5.45 12.00
C LEU A 67 3.19 -4.05 12.61
N LEU A 68 4.31 -3.31 12.54
CA LEU A 68 4.37 -1.93 13.01
C LEU A 68 3.33 -1.04 12.30
N PHE A 69 3.48 -0.90 11.00
CA PHE A 69 2.58 -0.05 10.20
C PHE A 69 1.20 -0.70 9.99
N ARG A 70 1.15 -2.04 9.95
CA ARG A 70 -0.13 -2.75 9.85
C ARG A 70 -1.11 -2.32 10.95
N ASP A 71 -0.69 -2.47 12.21
CA ASP A 71 -1.57 -2.27 13.36
C ASP A 71 -2.06 -0.81 13.49
N ARG A 72 -1.47 0.11 12.72
CA ARG A 72 -1.86 1.53 12.74
C ARG A 72 -2.46 1.97 11.39
N PHE A 73 -2.57 1.04 10.43
CA PHE A 73 -3.11 1.37 9.10
C PHE A 73 -4.12 0.32 8.59
N ASP A 74 -4.28 -0.79 9.33
CA ASP A 74 -5.16 -1.88 8.91
C ASP A 74 -6.63 -1.44 8.69
N GLY A 75 -6.96 -1.07 7.46
CA GLY A 75 -8.33 -0.73 7.10
C GLY A 75 -8.74 0.68 7.53
N TYR A 76 -7.78 1.60 7.57
CA TYR A 76 -8.07 2.99 7.96
C TYR A 76 -8.78 3.74 6.81
N ILE A 77 -9.61 4.73 7.15
CA ILE A 77 -10.40 5.46 6.15
C ILE A 77 -9.67 6.73 5.66
N PHE A 78 -9.07 6.64 4.48
CA PHE A 78 -8.47 7.82 3.84
C PHE A 78 -9.50 8.56 2.98
N LEU A 79 -9.57 9.88 3.12
CA LEU A 79 -10.51 10.70 2.33
C LEU A 79 -9.78 11.59 1.31
N ASP A 80 -10.13 11.44 0.04
CA ASP A 80 -9.59 12.29 -1.03
C ASP A 80 -10.35 13.64 -1.10
N SER A 81 -9.85 14.58 -1.90
CA SER A 81 -10.53 15.87 -2.12
C SER A 81 -11.98 15.68 -2.61
N LYS A 82 -12.20 14.64 -3.40
CA LYS A 82 -13.56 14.31 -3.89
C LYS A 82 -14.39 13.55 -2.83
N GLY A 83 -13.92 13.54 -1.59
CA GLY A 83 -14.64 12.87 -0.51
C GLY A 83 -14.78 11.36 -0.72
N LEU A 84 -13.77 10.75 -1.36
CA LEU A 84 -13.78 9.32 -1.61
C LEU A 84 -13.15 8.56 -0.43
N GLU A 85 -13.94 7.69 0.20
CA GLU A 85 -13.45 6.85 1.30
C GLU A 85 -12.57 5.71 0.78
N TYR A 86 -11.34 5.64 1.28
CA TYR A 86 -10.42 4.55 0.96
C TYR A 86 -10.09 3.76 2.24
N PRO A 87 -10.84 2.67 2.52
CA PRO A 87 -10.58 1.80 3.67
C PRO A 87 -9.37 0.89 3.42
N ALA A 88 -8.19 1.50 3.35
CA ALA A 88 -6.98 0.81 2.92
C ALA A 88 -6.60 -0.35 3.84
N VAL A 89 -6.87 -1.57 3.39
CA VAL A 89 -6.56 -2.77 4.17
C VAL A 89 -5.14 -3.28 3.86
N VAL A 90 -4.17 -2.86 4.67
CA VAL A 90 -2.80 -3.34 4.52
C VAL A 90 -2.64 -4.77 5.07
N GLU A 91 -2.35 -5.72 4.18
CA GLU A 91 -2.21 -7.12 4.57
C GLU A 91 -1.03 -7.78 3.84
N PHE A 92 -0.40 -8.75 4.50
CA PHE A 92 0.75 -9.45 3.92
C PHE A 92 0.37 -10.21 2.63
N ALA A 93 1.37 -10.46 1.80
CA ALA A 93 1.17 -11.10 0.50
C ALA A 93 1.60 -12.58 0.53
N PRO A 94 1.04 -13.41 -0.38
CA PRO A 94 1.46 -14.82 -0.51
C PRO A 94 2.97 -14.96 -0.83
N PHE A 95 3.77 -15.15 0.21
CA PHE A 95 5.24 -15.27 0.06
C PHE A 95 5.62 -16.61 -0.59
N GLN A 96 4.73 -17.59 -0.48
CA GLN A 96 4.92 -18.91 -1.09
C GLN A 96 4.11 -19.06 -2.38
N LYS A 97 4.48 -20.07 -3.18
CA LYS A 97 3.83 -20.34 -4.48
C LYS A 97 2.29 -20.39 -4.38
N MET A 1 15.62 -25.30 -9.42
CA MET A 1 16.50 -24.29 -10.08
C MET A 1 17.98 -24.61 -9.87
N GLY A 2 18.85 -23.98 -10.66
CA GLY A 2 20.27 -24.28 -10.60
C GLY A 2 20.99 -23.68 -9.39
N HIS A 3 20.94 -24.40 -8.26
CA HIS A 3 21.79 -24.10 -7.09
C HIS A 3 21.52 -22.70 -6.48
N HIS A 4 20.43 -22.06 -6.87
CA HIS A 4 20.14 -20.70 -6.41
C HIS A 4 19.30 -20.66 -5.13
N HIS A 5 19.89 -20.14 -4.05
CA HIS A 5 19.20 -19.98 -2.76
C HIS A 5 18.47 -18.62 -2.71
N HIS A 6 17.36 -18.55 -1.98
CA HIS A 6 16.53 -17.33 -1.94
C HIS A 6 15.67 -17.25 -0.67
N HIS A 7 15.99 -16.30 0.20
CA HIS A 7 15.16 -15.99 1.37
C HIS A 7 15.27 -14.50 1.76
N HIS A 8 14.19 -13.76 1.54
CA HIS A 8 14.15 -12.33 1.87
C HIS A 8 12.86 -11.97 2.62
N SER A 9 12.67 -10.67 2.87
CA SER A 9 11.49 -10.16 3.59
C SER A 9 10.18 -10.60 2.93
N HIS A 10 9.21 -11.03 3.74
CA HIS A 10 7.91 -11.46 3.22
C HIS A 10 7.09 -10.25 2.71
N MET A 11 6.57 -10.37 1.48
CA MET A 11 5.84 -9.26 0.85
C MET A 11 4.49 -8.99 1.54
N VAL A 12 4.25 -7.72 1.87
CA VAL A 12 2.99 -7.29 2.51
C VAL A 12 2.29 -6.23 1.64
N VAL A 13 1.15 -6.60 1.05
CA VAL A 13 0.47 -5.74 0.07
C VAL A 13 -0.73 -4.98 0.68
N ILE A 14 -1.38 -4.16 -0.16
CA ILE A 14 -2.50 -3.32 0.27
C ILE A 14 -3.77 -3.64 -0.58
N ARG A 15 -4.90 -3.87 0.09
CA ARG A 15 -6.16 -4.19 -0.61
C ARG A 15 -7.13 -3.00 -0.66
N ARG A 16 -8.16 -3.15 -1.51
CA ARG A 16 -9.38 -2.32 -1.46
C ARG A 16 -9.18 -0.86 -1.94
N LEU A 17 -8.13 -0.62 -2.73
CA LEU A 17 -7.89 0.72 -3.30
C LEU A 17 -8.90 1.07 -4.42
N PRO A 18 -9.73 2.12 -4.21
CA PRO A 18 -10.63 2.65 -5.23
C PRO A 18 -9.98 3.78 -6.06
N PRO A 19 -10.36 3.93 -7.35
CA PRO A 19 -9.82 5.00 -8.21
C PRO A 19 -10.25 6.41 -7.75
N GLY A 20 -9.27 7.26 -7.44
CA GLY A 20 -9.58 8.60 -6.96
C GLY A 20 -8.45 9.60 -7.21
N LEU A 21 -7.79 10.02 -6.12
CA LEU A 21 -6.65 10.95 -6.22
C LEU A 21 -5.47 10.36 -7.00
N THR A 22 -4.57 11.23 -7.46
CA THR A 22 -3.44 10.82 -8.31
C THR A 22 -2.31 10.18 -7.48
N LYS A 23 -1.59 9.24 -8.09
CA LYS A 23 -0.49 8.49 -7.47
C LYS A 23 0.46 9.38 -6.63
N GLU A 24 0.76 10.58 -7.12
CA GLU A 24 1.71 11.48 -6.44
C GLU A 24 1.30 11.80 -4.98
N GLN A 25 0.00 11.82 -4.72
CA GLN A 25 -0.52 11.99 -3.36
C GLN A 25 -0.93 10.64 -2.76
N LEU A 26 -1.65 9.86 -3.56
CA LEU A 26 -2.12 8.53 -3.14
C LEU A 26 -1.00 7.63 -2.58
N GLU A 27 0.23 7.86 -3.05
CA GLU A 27 1.37 7.05 -2.62
C GLU A 27 1.82 7.36 -1.18
N GLU A 28 1.65 8.61 -0.75
CA GLU A 28 2.22 9.07 0.53
C GLU A 28 1.67 8.27 1.73
N GLN A 29 0.37 7.99 1.73
CA GLN A 29 -0.24 7.20 2.80
C GLN A 29 0.08 5.70 2.64
N LEU A 30 0.35 5.28 1.41
CA LEU A 30 0.69 3.88 1.11
C LEU A 30 2.17 3.58 1.40
N ARG A 31 3.03 4.62 1.34
CA ARG A 31 4.44 4.45 1.70
C ARG A 31 4.94 5.56 2.64
N PRO A 32 4.46 5.57 3.90
CA PRO A 32 4.98 6.47 4.95
C PRO A 32 6.17 5.86 5.71
N LEU A 33 6.68 4.75 5.18
CA LEU A 33 7.82 4.05 5.78
C LEU A 33 9.10 4.92 5.77
N PRO A 34 9.88 4.91 6.88
CA PRO A 34 11.08 5.75 7.03
C PRO A 34 12.01 5.78 5.80
N ALA A 35 12.62 4.63 5.48
CA ALA A 35 13.55 4.54 4.34
C ALA A 35 13.47 3.17 3.64
N HIS A 36 12.32 2.53 3.71
CA HIS A 36 12.14 1.20 3.10
C HIS A 36 11.67 1.31 1.63
N ASP A 37 11.55 0.18 0.95
CA ASP A 37 11.21 0.14 -0.47
C ASP A 37 9.69 0.14 -0.71
N TYR A 38 9.28 0.38 -1.96
CA TYR A 38 7.86 0.39 -2.34
C TYR A 38 7.65 -0.28 -3.71
N PHE A 39 6.47 -0.09 -4.30
CA PHE A 39 6.17 -0.66 -5.62
C PHE A 39 5.27 0.29 -6.44
N GLU A 40 4.71 -0.23 -7.53
CA GLU A 40 3.88 0.56 -8.44
C GLU A 40 2.59 1.08 -7.78
N PHE A 41 2.22 2.32 -8.10
CA PHE A 41 0.95 2.91 -7.66
C PHE A 41 0.09 3.26 -8.87
N PHE A 42 -1.12 2.70 -8.95
CA PHE A 42 -1.99 2.90 -10.12
C PHE A 42 -2.37 4.38 -10.33
N ALA A 43 -2.55 4.78 -11.58
CA ALA A 43 -2.92 6.16 -11.92
C ALA A 43 -4.28 6.22 -12.64
N ALA A 44 -5.36 6.30 -11.86
CA ALA A 44 -6.72 6.38 -12.40
C ALA A 44 -7.47 7.59 -11.83
N ASP A 45 -7.69 8.60 -12.67
CA ASP A 45 -8.32 9.86 -12.23
C ASP A 45 -9.81 9.69 -11.92
N LEU A 46 -10.21 10.14 -10.71
CA LEU A 46 -11.61 10.04 -10.27
C LEU A 46 -12.59 10.68 -11.26
N SER A 47 -13.54 9.86 -11.76
CA SER A 47 -14.64 10.32 -12.63
C SER A 47 -14.17 10.78 -14.03
N LEU A 48 -12.91 11.19 -14.18
CA LEU A 48 -12.39 11.69 -15.45
C LEU A 48 -12.43 10.59 -16.53
N TYR A 49 -11.46 9.67 -16.49
CA TYR A 49 -11.49 8.48 -17.37
C TYR A 49 -10.99 7.22 -16.64
N PRO A 50 -11.87 6.56 -15.86
CA PRO A 50 -11.56 5.27 -15.23
C PRO A 50 -11.54 4.12 -16.26
N HIS A 51 -10.41 3.99 -16.96
CA HIS A 51 -10.28 2.98 -18.03
C HIS A 51 -10.46 1.55 -17.49
N LEU A 52 -9.86 1.26 -16.34
CA LEU A 52 -10.03 -0.05 -15.69
C LEU A 52 -9.50 0.00 -14.24
N TYR A 53 -9.98 -0.93 -13.41
CA TYR A 53 -9.54 -1.01 -12.01
C TYR A 53 -8.09 -1.50 -11.90
N SER A 54 -7.39 -1.03 -10.87
CA SER A 54 -5.99 -1.41 -10.61
C SER A 54 -5.66 -1.24 -9.13
N ARG A 55 -4.48 -1.69 -8.72
CA ARG A 55 -4.09 -1.65 -7.30
C ARG A 55 -2.62 -1.27 -7.13
N ALA A 56 -2.22 -1.04 -5.88
CA ALA A 56 -0.82 -0.72 -5.56
C ALA A 56 -0.17 -1.88 -4.77
N TYR A 57 1.15 -1.94 -4.77
CA TYR A 57 1.87 -2.98 -4.03
C TYR A 57 2.87 -2.36 -3.04
N ILE A 58 3.07 -3.04 -1.92
CA ILE A 58 4.03 -2.61 -0.89
C ILE A 58 4.95 -3.77 -0.50
N ASN A 59 6.18 -3.46 -0.08
CA ASN A 59 7.09 -4.50 0.44
C ASN A 59 7.89 -3.96 1.63
N PHE A 60 7.82 -4.66 2.76
CA PHE A 60 8.51 -4.23 3.97
C PHE A 60 9.91 -4.83 4.07
N ARG A 61 10.92 -4.02 3.73
CA ARG A 61 12.33 -4.43 3.86
C ARG A 61 12.68 -4.81 5.31
N ASN A 62 11.89 -4.33 6.27
CA ASN A 62 12.17 -4.55 7.70
C ASN A 62 11.04 -5.35 8.37
N PRO A 63 11.37 -6.47 9.06
CA PRO A 63 10.37 -7.29 9.77
C PRO A 63 9.64 -6.52 10.89
N ASP A 64 10.30 -5.52 11.47
CA ASP A 64 9.69 -4.70 12.53
C ASP A 64 8.48 -3.91 11.99
N ASP A 65 8.70 -3.18 10.90
CA ASP A 65 7.63 -2.39 10.26
C ASP A 65 6.40 -3.25 9.96
N ILE A 66 6.61 -4.54 9.67
CA ILE A 66 5.51 -5.48 9.38
C ILE A 66 4.52 -5.57 10.56
N LEU A 67 5.02 -5.47 11.79
CA LEU A 67 4.16 -5.48 12.98
C LEU A 67 3.88 -4.06 13.50
N LEU A 68 4.64 -3.09 12.99
CA LEU A 68 4.49 -1.68 13.37
C LEU A 68 3.40 -0.98 12.53
N PHE A 69 3.70 -0.75 11.25
CA PHE A 69 2.80 -0.01 10.35
C PHE A 69 1.48 -0.76 10.09
N ARG A 70 1.55 -2.08 9.93
CA ARG A 70 0.35 -2.89 9.68
C ARG A 70 -0.69 -2.71 10.80
N ASP A 71 -0.22 -2.39 12.01
CA ASP A 71 -1.10 -2.19 13.16
C ASP A 71 -1.87 -0.87 13.07
N ARG A 72 -1.22 0.18 12.56
CA ARG A 72 -1.86 1.49 12.42
C ARG A 72 -2.61 1.63 11.08
N PHE A 73 -2.21 0.85 10.08
CA PHE A 73 -2.85 0.88 8.75
C PHE A 73 -3.75 -0.34 8.52
N ASP A 74 -4.35 -0.81 9.59
CA ASP A 74 -5.24 -1.99 9.56
C ASP A 74 -6.48 -1.77 8.66
N GLY A 75 -6.81 -0.50 8.40
CA GLY A 75 -7.97 -0.18 7.58
C GLY A 75 -8.50 1.23 7.82
N TYR A 76 -7.89 2.22 7.17
CA TYR A 76 -8.27 3.62 7.37
C TYR A 76 -9.21 4.12 6.26
N ILE A 77 -10.00 5.15 6.59
CA ILE A 77 -10.90 5.78 5.62
C ILE A 77 -10.38 7.18 5.22
N PHE A 78 -9.80 7.29 4.02
CA PHE A 78 -9.28 8.58 3.53
C PHE A 78 -10.28 9.26 2.58
N LEU A 79 -10.44 10.57 2.71
CA LEU A 79 -11.35 11.34 1.84
C LEU A 79 -10.58 12.34 0.96
N ASP A 80 -11.13 12.60 -0.22
CA ASP A 80 -10.58 13.63 -1.13
C ASP A 80 -11.51 14.87 -1.15
N SER A 81 -11.49 15.63 -2.25
CA SER A 81 -12.37 16.79 -2.40
C SER A 81 -13.82 16.36 -2.70
N LYS A 82 -13.98 15.36 -3.58
CA LYS A 82 -15.32 14.83 -3.91
C LYS A 82 -15.96 14.13 -2.70
N GLY A 83 -15.13 13.48 -1.88
CA GLY A 83 -15.64 12.79 -0.69
C GLY A 83 -15.77 11.29 -0.87
N LEU A 84 -14.88 10.71 -1.67
CA LEU A 84 -14.87 9.27 -1.92
C LEU A 84 -14.06 8.53 -0.83
N GLU A 85 -14.76 7.78 0.01
CA GLU A 85 -14.10 7.02 1.09
C GLU A 85 -13.14 5.96 0.51
N TYR A 86 -11.85 6.17 0.71
CA TYR A 86 -10.82 5.21 0.31
C TYR A 86 -10.43 4.31 1.50
N PRO A 87 -10.97 3.08 1.58
CA PRO A 87 -10.66 2.15 2.66
C PRO A 87 -9.47 1.22 2.32
N ALA A 88 -8.30 1.52 2.88
CA ALA A 88 -7.09 0.75 2.57
C ALA A 88 -6.71 -0.20 3.72
N VAL A 89 -6.64 -1.49 3.42
CA VAL A 89 -6.25 -2.51 4.42
C VAL A 89 -4.97 -3.24 3.99
N VAL A 90 -3.99 -3.32 4.90
CA VAL A 90 -2.67 -3.90 4.58
C VAL A 90 -2.50 -5.32 5.18
N GLU A 91 -2.02 -6.25 4.37
CA GLU A 91 -1.79 -7.65 4.80
C GLU A 91 -0.71 -8.34 3.95
N PHE A 92 -0.22 -9.49 4.43
CA PHE A 92 0.83 -10.24 3.73
C PHE A 92 0.28 -10.99 2.50
N ALA A 93 1.15 -11.21 1.51
CA ALA A 93 0.75 -11.85 0.24
C ALA A 93 1.43 -13.23 0.06
N PRO A 94 0.79 -14.14 -0.72
CA PRO A 94 1.34 -15.48 -1.01
C PRO A 94 2.79 -15.46 -1.52
N PHE A 95 3.53 -16.53 -1.23
CA PHE A 95 4.98 -16.57 -1.43
C PHE A 95 5.37 -17.25 -2.76
N GLN A 96 4.58 -17.01 -3.81
CA GLN A 96 4.84 -17.63 -5.12
C GLN A 96 6.12 -17.08 -5.78
N LYS A 97 6.02 -15.90 -6.39
CA LYS A 97 7.12 -15.31 -7.16
C LYS A 97 7.60 -16.25 -8.30
#